data_1A7I
# 
_entry.id   1A7I 
# 
_audit_conform.dict_name       mmcif_pdbx.dic 
_audit_conform.dict_version    5.392 
_audit_conform.dict_location   http://mmcif.pdb.org/dictionaries/ascii/mmcif_pdbx.dic 
# 
loop_
_database_2.database_id 
_database_2.database_code 
_database_2.pdbx_database_accession 
_database_2.pdbx_DOI 
PDB   1A7I         pdb_00001a7i 10.2210/pdb1a7i/pdb 
WWPDB D_1000170489 ?            ?                   
# 
loop_
_pdbx_audit_revision_history.ordinal 
_pdbx_audit_revision_history.data_content_type 
_pdbx_audit_revision_history.major_revision 
_pdbx_audit_revision_history.minor_revision 
_pdbx_audit_revision_history.revision_date 
1 'Structure model' 1 0 1998-05-27 
2 'Structure model' 1 1 2008-03-24 
3 'Structure model' 1 2 2011-07-13 
4 'Structure model' 1 3 2022-02-16 
5 'Structure model' 1 4 2024-05-22 
# 
_pdbx_audit_revision_details.ordinal             1 
_pdbx_audit_revision_details.revision_ordinal    1 
_pdbx_audit_revision_details.data_content_type   'Structure model' 
_pdbx_audit_revision_details.provider            repository 
_pdbx_audit_revision_details.type                'Initial release' 
_pdbx_audit_revision_details.description         ? 
_pdbx_audit_revision_details.details             ? 
# 
loop_
_pdbx_audit_revision_group.ordinal 
_pdbx_audit_revision_group.revision_ordinal 
_pdbx_audit_revision_group.data_content_type 
_pdbx_audit_revision_group.group 
1 2 'Structure model' 'Version format compliance' 
2 3 'Structure model' 'Version format compliance' 
3 4 'Structure model' 'Data collection'           
4 4 'Structure model' 'Database references'       
5 4 'Structure model' 'Derived calculations'      
6 4 'Structure model' Other                       
7 5 'Structure model' 'Data collection'           
# 
loop_
_pdbx_audit_revision_category.ordinal 
_pdbx_audit_revision_category.revision_ordinal 
_pdbx_audit_revision_category.data_content_type 
_pdbx_audit_revision_category.category 
1 4 'Structure model' database_2            
2 4 'Structure model' pdbx_database_status  
3 4 'Structure model' pdbx_nmr_software     
4 4 'Structure model' pdbx_struct_assembly  
5 4 'Structure model' pdbx_struct_oper_list 
6 4 'Structure model' struct_conn           
7 4 'Structure model' struct_site           
8 5 'Structure model' chem_comp_atom        
9 5 'Structure model' chem_comp_bond        
# 
loop_
_pdbx_audit_revision_item.ordinal 
_pdbx_audit_revision_item.revision_ordinal 
_pdbx_audit_revision_item.data_content_type 
_pdbx_audit_revision_item.item 
1  4 'Structure model' '_database_2.pdbx_DOI'                
2  4 'Structure model' '_database_2.pdbx_database_accession' 
3  4 'Structure model' '_pdbx_database_status.process_site'  
4  4 'Structure model' '_pdbx_nmr_software.name'             
5  4 'Structure model' '_struct_conn.ptnr1_auth_comp_id'     
6  4 'Structure model' '_struct_conn.ptnr1_auth_seq_id'      
7  4 'Structure model' '_struct_conn.ptnr1_label_asym_id'    
8  4 'Structure model' '_struct_conn.ptnr1_label_atom_id'    
9  4 'Structure model' '_struct_conn.ptnr1_label_comp_id'    
10 4 'Structure model' '_struct_conn.ptnr1_label_seq_id'     
11 4 'Structure model' '_struct_conn.ptnr2_auth_comp_id'     
12 4 'Structure model' '_struct_conn.ptnr2_auth_seq_id'      
13 4 'Structure model' '_struct_conn.ptnr2_label_asym_id'    
14 4 'Structure model' '_struct_conn.ptnr2_label_atom_id'    
15 4 'Structure model' '_struct_conn.ptnr2_label_comp_id'    
16 4 'Structure model' '_struct_conn.ptnr2_label_seq_id'     
17 4 'Structure model' '_struct_site.pdbx_auth_asym_id'      
18 4 'Structure model' '_struct_site.pdbx_auth_comp_id'      
19 4 'Structure model' '_struct_site.pdbx_auth_seq_id'       
# 
_pdbx_database_status.status_code                     REL 
_pdbx_database_status.entry_id                        1A7I 
_pdbx_database_status.recvd_initial_deposition_date   1998-03-15 
_pdbx_database_status.deposit_site                    ? 
_pdbx_database_status.process_site                    BNL 
_pdbx_database_status.status_code_sf                  ? 
_pdbx_database_status.status_code_mr                  REL 
_pdbx_database_status.SG_entry                        ? 
_pdbx_database_status.pdb_format_compatible           Y 
_pdbx_database_status.status_code_cs                  ? 
_pdbx_database_status.status_code_nmr_data            ? 
_pdbx_database_status.methods_development_category    ? 
# 
loop_
_audit_author.name 
_audit_author.pdbx_ordinal 
'Kontaxis, G.'    1 
'Konrat, R.'      2 
'Kraeutler, B.'   3 
'Weiskirchen, R.' 4 
'Bister, K.'      5 
# 
loop_
_citation.id 
_citation.title 
_citation.journal_abbrev 
_citation.journal_volume 
_citation.page_first 
_citation.page_last 
_citation.year 
_citation.journal_id_ASTM 
_citation.country 
_citation.journal_id_ISSN 
_citation.journal_id_CSD 
_citation.book_publisher 
_citation.pdbx_database_id_PubMed 
_citation.pdbx_database_id_DOI 
primary 'Structure and intramodular dynamics of the amino-terminal LIM domain from quail cysteine- and glycine-rich protein CRP2.' 
Biochemistry 37 7127 7134 1998 BICHAW US 0006-2960 0033 ? 9585524 10.1021/bi973055v 
1       'Suppression in Transformed Avian Fibroblasts of a Gene (Crp) Encoding a Cysteine-Rich Protein Containing Lim Domains'     
Gene         8  2317 ?    1993 GENED6 NE 0378-1119 0861 ? ?       ?                 
# 
loop_
_citation_author.citation_id 
_citation_author.name 
_citation_author.ordinal 
_citation_author.identifier_ORCID 
primary 'Kontaxis, G.'    1 ? 
primary 'Konrat, R.'      2 ? 
primary 'Krautler, B.'    3 ? 
primary 'Weiskirchen, R.' 4 ? 
primary 'Bister, K.'      5 ? 
1       'Weiskirchen, R.' 6 ? 
1       'Bister, K.'      7 ? 
# 
loop_
_entity.id 
_entity.type 
_entity.src_method 
_entity.pdbx_description 
_entity.formula_weight 
_entity.pdbx_number_of_molecules 
_entity.pdbx_ec 
_entity.pdbx_mutation 
_entity.pdbx_fragment 
_entity.details 
1 polymer     man 'QCRP2 (LIM1)' 8837.090 1 ? ? 'N-TERMINAL LIM DOMAIN' ? 
2 non-polymer syn 'ZINC ION'     65.409   2 ? ? ?                       ? 
# 
_entity_poly.entity_id                      1 
_entity_poly.type                           'polypeptide(L)' 
_entity_poly.nstd_linkage                   no 
_entity_poly.nstd_monomer                   no 
_entity_poly.pdbx_seq_one_letter_code       
;MPNWGGGNKCGACGRTVYHAEEVQCDGRSFHRCCFLCMVCRKNLDSTTVAIHDAEVYCKSCYGKKYGPKGYGYGQGAGTL
N
;
_entity_poly.pdbx_seq_one_letter_code_can   
;MPNWGGGNKCGACGRTVYHAEEVQCDGRSFHRCCFLCMVCRKNLDSTTVAIHDAEVYCKSCYGKKYGPKGYGYGQGAGTL
N
;
_entity_poly.pdbx_strand_id                 A 
_entity_poly.pdbx_target_identifier         ? 
# 
_pdbx_entity_nonpoly.entity_id   2 
_pdbx_entity_nonpoly.name        'ZINC ION' 
_pdbx_entity_nonpoly.comp_id     ZN 
# 
loop_
_entity_poly_seq.entity_id 
_entity_poly_seq.num 
_entity_poly_seq.mon_id 
_entity_poly_seq.hetero 
1 1  MET n 
1 2  PRO n 
1 3  ASN n 
1 4  TRP n 
1 5  GLY n 
1 6  GLY n 
1 7  GLY n 
1 8  ASN n 
1 9  LYS n 
1 10 CYS n 
1 11 GLY n 
1 12 ALA n 
1 13 CYS n 
1 14 GLY n 
1 15 ARG n 
1 16 THR n 
1 17 VAL n 
1 18 TYR n 
1 19 HIS n 
1 20 ALA n 
1 21 GLU n 
1 22 GLU n 
1 23 VAL n 
1 24 GLN n 
1 25 CYS n 
1 26 ASP n 
1 27 GLY n 
1 28 ARG n 
1 29 SER n 
1 30 PHE n 
1 31 HIS n 
1 32 ARG n 
1 33 CYS n 
1 34 CYS n 
1 35 PHE n 
1 36 LEU n 
1 37 CYS n 
1 38 MET n 
1 39 VAL n 
1 40 CYS n 
1 41 ARG n 
1 42 LYS n 
1 43 ASN n 
1 44 LEU n 
1 45 ASP n 
1 46 SER n 
1 47 THR n 
1 48 THR n 
1 49 VAL n 
1 50 ALA n 
1 51 ILE n 
1 52 HIS n 
1 53 ASP n 
1 54 ALA n 
1 55 GLU n 
1 56 VAL n 
1 57 TYR n 
1 58 CYS n 
1 59 LYS n 
1 60 SER n 
1 61 CYS n 
1 62 TYR n 
1 63 GLY n 
1 64 LYS n 
1 65 LYS n 
1 66 TYR n 
1 67 GLY n 
1 68 PRO n 
1 69 LYS n 
1 70 GLY n 
1 71 TYR n 
1 72 GLY n 
1 73 TYR n 
1 74 GLY n 
1 75 GLN n 
1 76 GLY n 
1 77 ALA n 
1 78 GLY n 
1 79 THR n 
1 80 LEU n 
1 81 ASN n 
# 
_entity_src_gen.entity_id                          1 
_entity_src_gen.pdbx_src_id                        1 
_entity_src_gen.pdbx_alt_source_flag               sample 
_entity_src_gen.pdbx_seq_type                      ? 
_entity_src_gen.pdbx_beg_seq_num                   ? 
_entity_src_gen.pdbx_end_seq_num                   ? 
_entity_src_gen.gene_src_common_name               'Japanese quail' 
_entity_src_gen.gene_src_genus                     Coturnix 
_entity_src_gen.pdbx_gene_src_gene                 CSRP2 
_entity_src_gen.gene_src_species                   ? 
_entity_src_gen.gene_src_strain                    ? 
_entity_src_gen.gene_src_tissue                    ? 
_entity_src_gen.gene_src_tissue_fraction           ? 
_entity_src_gen.gene_src_details                   ? 
_entity_src_gen.pdbx_gene_src_fragment             ? 
_entity_src_gen.pdbx_gene_src_scientific_name      'Coturnix japonica' 
_entity_src_gen.pdbx_gene_src_ncbi_taxonomy_id     93934 
_entity_src_gen.pdbx_gene_src_variant              ? 
_entity_src_gen.pdbx_gene_src_cell_line            ? 
_entity_src_gen.pdbx_gene_src_atcc                 ? 
_entity_src_gen.pdbx_gene_src_organ                ? 
_entity_src_gen.pdbx_gene_src_organelle            ? 
_entity_src_gen.pdbx_gene_src_cell                 ? 
_entity_src_gen.pdbx_gene_src_cellular_location    ? 
_entity_src_gen.host_org_common_name               ? 
_entity_src_gen.pdbx_host_org_scientific_name      'Escherichia coli' 
_entity_src_gen.pdbx_host_org_ncbi_taxonomy_id     562 
_entity_src_gen.host_org_genus                     Escherichia 
_entity_src_gen.pdbx_host_org_gene                 ? 
_entity_src_gen.pdbx_host_org_organ                ? 
_entity_src_gen.host_org_species                   ? 
_entity_src_gen.pdbx_host_org_tissue               ? 
_entity_src_gen.pdbx_host_org_tissue_fraction      ? 
_entity_src_gen.pdbx_host_org_strain               ? 
_entity_src_gen.pdbx_host_org_variant              ? 
_entity_src_gen.pdbx_host_org_cell_line            ? 
_entity_src_gen.pdbx_host_org_atcc                 ? 
_entity_src_gen.pdbx_host_org_culture_collection   ? 
_entity_src_gen.pdbx_host_org_cell                 ? 
_entity_src_gen.pdbx_host_org_organelle            ? 
_entity_src_gen.pdbx_host_org_cellular_location    ? 
_entity_src_gen.pdbx_host_org_vector_type          ? 
_entity_src_gen.pdbx_host_org_vector               ? 
_entity_src_gen.host_org_details                   ? 
_entity_src_gen.expression_system_id               ? 
_entity_src_gen.plasmid_name                       PET 
_entity_src_gen.plasmid_details                    ? 
_entity_src_gen.pdbx_description                   ? 
# 
loop_
_chem_comp.id 
_chem_comp.type 
_chem_comp.mon_nstd_flag 
_chem_comp.name 
_chem_comp.pdbx_synonyms 
_chem_comp.formula 
_chem_comp.formula_weight 
ALA 'L-peptide linking' y ALANINE         ? 'C3 H7 N O2'     89.093  
ARG 'L-peptide linking' y ARGININE        ? 'C6 H15 N4 O2 1' 175.209 
ASN 'L-peptide linking' y ASPARAGINE      ? 'C4 H8 N2 O3'    132.118 
ASP 'L-peptide linking' y 'ASPARTIC ACID' ? 'C4 H7 N O4'     133.103 
CYS 'L-peptide linking' y CYSTEINE        ? 'C3 H7 N O2 S'   121.158 
GLN 'L-peptide linking' y GLUTAMINE       ? 'C5 H10 N2 O3'   146.144 
GLU 'L-peptide linking' y 'GLUTAMIC ACID' ? 'C5 H9 N O4'     147.129 
GLY 'peptide linking'   y GLYCINE         ? 'C2 H5 N O2'     75.067  
HIS 'L-peptide linking' y HISTIDINE       ? 'C6 H10 N3 O2 1' 156.162 
ILE 'L-peptide linking' y ISOLEUCINE      ? 'C6 H13 N O2'    131.173 
LEU 'L-peptide linking' y LEUCINE         ? 'C6 H13 N O2'    131.173 
LYS 'L-peptide linking' y LYSINE          ? 'C6 H15 N2 O2 1' 147.195 
MET 'L-peptide linking' y METHIONINE      ? 'C5 H11 N O2 S'  149.211 
PHE 'L-peptide linking' y PHENYLALANINE   ? 'C9 H11 N O2'    165.189 
PRO 'L-peptide linking' y PROLINE         ? 'C5 H9 N O2'     115.130 
SER 'L-peptide linking' y SERINE          ? 'C3 H7 N O3'     105.093 
THR 'L-peptide linking' y THREONINE       ? 'C4 H9 N O3'     119.119 
TRP 'L-peptide linking' y TRYPTOPHAN      ? 'C11 H12 N2 O2'  204.225 
TYR 'L-peptide linking' y TYROSINE        ? 'C9 H11 N O3'    181.189 
VAL 'L-peptide linking' y VALINE          ? 'C5 H11 N O2'    117.146 
ZN  non-polymer         . 'ZINC ION'      ? 'Zn 2'           65.409  
# 
loop_
_pdbx_poly_seq_scheme.asym_id 
_pdbx_poly_seq_scheme.entity_id 
_pdbx_poly_seq_scheme.seq_id 
_pdbx_poly_seq_scheme.mon_id 
_pdbx_poly_seq_scheme.ndb_seq_num 
_pdbx_poly_seq_scheme.pdb_seq_num 
_pdbx_poly_seq_scheme.auth_seq_num 
_pdbx_poly_seq_scheme.pdb_mon_id 
_pdbx_poly_seq_scheme.auth_mon_id 
_pdbx_poly_seq_scheme.pdb_strand_id 
_pdbx_poly_seq_scheme.pdb_ins_code 
_pdbx_poly_seq_scheme.hetero 
A 1 1  MET 1  1  ?  ?   ?   A . n 
A 1 2  PRO 2  2  ?  ?   ?   A . n 
A 1 3  ASN 3  3  ?  ?   ?   A . n 
A 1 4  TRP 4  4  ?  ?   ?   A . n 
A 1 5  GLY 5  5  ?  ?   ?   A . n 
A 1 6  GLY 6  6  ?  ?   ?   A . n 
A 1 7  GLY 7  7  ?  ?   ?   A . n 
A 1 8  ASN 8  8  8  ASN ASN A . n 
A 1 9  LYS 9  9  9  LYS LYS A . n 
A 1 10 CYS 10 10 10 CYS CYS A . n 
A 1 11 GLY 11 11 11 GLY GLY A . n 
A 1 12 ALA 12 12 12 ALA ALA A . n 
A 1 13 CYS 13 13 13 CYS CYS A . n 
A 1 14 GLY 14 14 14 GLY GLY A . n 
A 1 15 ARG 15 15 15 ARG ARG A . n 
A 1 16 THR 16 16 16 THR THR A . n 
A 1 17 VAL 17 17 17 VAL VAL A . n 
A 1 18 TYR 18 18 18 TYR TYR A . n 
A 1 19 HIS 19 19 19 HIS HIS A . n 
A 1 20 ALA 20 20 20 ALA ALA A . n 
A 1 21 GLU 21 21 21 GLU GLU A . n 
A 1 22 GLU 22 22 22 GLU GLU A . n 
A 1 23 VAL 23 23 23 VAL VAL A . n 
A 1 24 GLN 24 24 24 GLN GLN A . n 
A 1 25 CYS 25 25 25 CYS CYS A . n 
A 1 26 ASP 26 26 26 ASP ASP A . n 
A 1 27 GLY 27 27 27 GLY GLY A . n 
A 1 28 ARG 28 28 28 ARG ARG A . n 
A 1 29 SER 29 29 29 SER SER A . n 
A 1 30 PHE 30 30 30 PHE PHE A . n 
A 1 31 HIS 31 31 31 HIS HIS A . n 
A 1 32 ARG 32 32 32 ARG ARG A . n 
A 1 33 CYS 33 33 33 CYS CYS A . n 
A 1 34 CYS 34 34 34 CYS CYS A . n 
A 1 35 PHE 35 35 35 PHE PHE A . n 
A 1 36 LEU 36 36 36 LEU LEU A . n 
A 1 37 CYS 37 37 37 CYS CYS A . n 
A 1 38 MET 38 38 38 MET MET A . n 
A 1 39 VAL 39 39 39 VAL VAL A . n 
A 1 40 CYS 40 40 40 CYS CYS A . n 
A 1 41 ARG 41 41 41 ARG ARG A . n 
A 1 42 LYS 42 42 42 LYS LYS A . n 
A 1 43 ASN 43 43 43 ASN ASN A . n 
A 1 44 LEU 44 44 44 LEU LEU A . n 
A 1 45 ASP 45 45 45 ASP ASP A . n 
A 1 46 SER 46 46 46 SER SER A . n 
A 1 47 THR 47 47 47 THR THR A . n 
A 1 48 THR 48 48 48 THR THR A . n 
A 1 49 VAL 49 49 49 VAL VAL A . n 
A 1 50 ALA 50 50 50 ALA ALA A . n 
A 1 51 ILE 51 51 51 ILE ILE A . n 
A 1 52 HIS 52 52 52 HIS HIS A . n 
A 1 53 ASP 53 53 53 ASP ASP A . n 
A 1 54 ALA 54 54 54 ALA ALA A . n 
A 1 55 GLU 55 55 55 GLU GLU A . n 
A 1 56 VAL 56 56 56 VAL VAL A . n 
A 1 57 TYR 57 57 57 TYR TYR A . n 
A 1 58 CYS 58 58 58 CYS CYS A . n 
A 1 59 LYS 59 59 59 LYS LYS A . n 
A 1 60 SER 60 60 60 SER SER A . n 
A 1 61 CYS 61 61 61 CYS CYS A . n 
A 1 62 TYR 62 62 62 TYR TYR A . n 
A 1 63 GLY 63 63 63 GLY GLY A . n 
A 1 64 LYS 64 64 64 LYS LYS A . n 
A 1 65 LYS 65 65 65 LYS LYS A . n 
A 1 66 TYR 66 66 66 TYR TYR A . n 
A 1 67 GLY 67 67 67 GLY GLY A . n 
A 1 68 PRO 68 68 ?  ?   ?   A . n 
A 1 69 LYS 69 69 ?  ?   ?   A . n 
A 1 70 GLY 70 70 ?  ?   ?   A . n 
A 1 71 TYR 71 71 ?  ?   ?   A . n 
A 1 72 GLY 72 72 ?  ?   ?   A . n 
A 1 73 TYR 73 73 ?  ?   ?   A . n 
A 1 74 GLY 74 74 ?  ?   ?   A . n 
A 1 75 GLN 75 75 ?  ?   ?   A . n 
A 1 76 GLY 76 76 ?  ?   ?   A . n 
A 1 77 ALA 77 77 ?  ?   ?   A . n 
A 1 78 GLY 78 78 ?  ?   ?   A . n 
A 1 79 THR 79 79 ?  ?   ?   A . n 
A 1 80 LEU 80 80 ?  ?   ?   A . n 
A 1 81 ASN 81 81 ?  ?   ?   A . n 
# 
loop_
_pdbx_nonpoly_scheme.asym_id 
_pdbx_nonpoly_scheme.entity_id 
_pdbx_nonpoly_scheme.mon_id 
_pdbx_nonpoly_scheme.ndb_seq_num 
_pdbx_nonpoly_scheme.pdb_seq_num 
_pdbx_nonpoly_scheme.auth_seq_num 
_pdbx_nonpoly_scheme.pdb_mon_id 
_pdbx_nonpoly_scheme.auth_mon_id 
_pdbx_nonpoly_scheme.pdb_strand_id 
_pdbx_nonpoly_scheme.pdb_ins_code 
B 2 ZN 1 82 1 ZN ZN A . 
C 2 ZN 1 83 2 ZN ZN A . 
# 
loop_
_software.name 
_software.classification 
_software.version 
_software.citation_id 
_software.pdbx_ordinal 
X-PLOR 'model building' 3.1 ? 1 
X-PLOR refinement       3.1 ? 2 
X-PLOR phasing          3.1 ? 3 
# 
_cell.entry_id           1A7I 
_cell.length_a           1.000 
_cell.length_b           1.000 
_cell.length_c           1.000 
_cell.angle_alpha        90.00 
_cell.angle_beta         90.00 
_cell.angle_gamma        90.00 
_cell.Z_PDB              1 
_cell.pdbx_unique_axis   ? 
# 
_symmetry.entry_id                         1A7I 
_symmetry.space_group_name_H-M             'P 1' 
_symmetry.pdbx_full_space_group_name_H-M   ? 
_symmetry.cell_setting                     ? 
_symmetry.Int_Tables_number                1 
# 
_exptl.entry_id          1A7I 
_exptl.method            'SOLUTION NMR' 
_exptl.crystals_number   ? 
# 
_struct.entry_id                  1A7I 
_struct.title                     
'AMINO-TERMINAL LIM DOMAIN FROM QUAIL CYSTEINE AND GLYCINE-RICH PROTEIN, NMR, MINIMIZED AVERAGE STRUCTURE' 
_struct.pdbx_model_details        ? 
_struct.pdbx_CASP_flag            ? 
_struct.pdbx_model_type_details   ? 
# 
_struct_keywords.entry_id        1A7I 
_struct_keywords.pdbx_keywords   'LIM DOMAIN CONTAINING PROTEINS' 
_struct_keywords.text            'LIM DOMAIN CONTAINING PROTEINS, METAL-BINDING PROTEIN, ZINC FINGER' 
# 
loop_
_struct_asym.id 
_struct_asym.pdbx_blank_PDB_chainid_flag 
_struct_asym.pdbx_modified 
_struct_asym.entity_id 
_struct_asym.details 
A Y N 1 ? 
B N N 2 ? 
C N N 2 ? 
# 
_struct_ref.id                         1 
_struct_ref.db_name                    UNP 
_struct_ref.db_code                    CSRP2_COTJA 
_struct_ref.entity_id                  1 
_struct_ref.pdbx_db_accession          Q05158 
_struct_ref.pdbx_align_begin           1 
_struct_ref.pdbx_seq_one_letter_code   
;PNWGGGNKCGACGRTVYHAEEVQCDGRSFHRCCFLCMVCRKNLDSTTVAIHDAEVYCKSCYGKKYGPKGYGYGQGAGTLN
MDRGERLGIKPESSPSPHRPTTNPNTSKFAQKFGGAEKCSRCGDSVYAAEKVIGAGKPWHKNCFRCAKCGKSLESTTLTE
KEGEIYCKGCYAKNFGPKGFGYGQGAGALVHAQ
;
_struct_ref.pdbx_db_isoform            ? 
# 
_struct_ref_seq.align_id                      1 
_struct_ref_seq.ref_id                        1 
_struct_ref_seq.pdbx_PDB_id_code              1A7I 
_struct_ref_seq.pdbx_strand_id                A 
_struct_ref_seq.seq_align_beg                 2 
_struct_ref_seq.pdbx_seq_align_beg_ins_code   ? 
_struct_ref_seq.seq_align_end                 81 
_struct_ref_seq.pdbx_seq_align_end_ins_code   ? 
_struct_ref_seq.pdbx_db_accession             Q05158 
_struct_ref_seq.db_align_beg                  1 
_struct_ref_seq.pdbx_db_align_beg_ins_code    ? 
_struct_ref_seq.db_align_end                  80 
_struct_ref_seq.pdbx_db_align_end_ins_code    ? 
_struct_ref_seq.pdbx_auth_seq_align_beg       2 
_struct_ref_seq.pdbx_auth_seq_align_end       81 
# 
_pdbx_struct_assembly.id                   1 
_pdbx_struct_assembly.details              author_defined_assembly 
_pdbx_struct_assembly.method_details       ? 
_pdbx_struct_assembly.oligomeric_details   monomeric 
_pdbx_struct_assembly.oligomeric_count     1 
# 
_pdbx_struct_assembly_gen.assembly_id       1 
_pdbx_struct_assembly_gen.oper_expression   1 
_pdbx_struct_assembly_gen.asym_id_list      A,B,C 
# 
_pdbx_struct_oper_list.id                   1 
_pdbx_struct_oper_list.type                 'identity operation' 
_pdbx_struct_oper_list.name                 1_555 
_pdbx_struct_oper_list.symmetry_operation   x,y,z 
_pdbx_struct_oper_list.matrix[1][1]         1.0000000000 
_pdbx_struct_oper_list.matrix[1][2]         0.0000000000 
_pdbx_struct_oper_list.matrix[1][3]         0.0000000000 
_pdbx_struct_oper_list.vector[1]            0.0000000000 
_pdbx_struct_oper_list.matrix[2][1]         0.0000000000 
_pdbx_struct_oper_list.matrix[2][2]         1.0000000000 
_pdbx_struct_oper_list.matrix[2][3]         0.0000000000 
_pdbx_struct_oper_list.vector[2]            0.0000000000 
_pdbx_struct_oper_list.matrix[3][1]         0.0000000000 
_pdbx_struct_oper_list.matrix[3][2]         0.0000000000 
_pdbx_struct_oper_list.matrix[3][3]         1.0000000000 
_pdbx_struct_oper_list.vector[3]            0.0000000000 
# 
_struct_biol.id   1 
# 
_struct_conf.conf_type_id            HELX_P 
_struct_conf.id                      HELX_P1 
_struct_conf.pdbx_PDB_helix_id       1 
_struct_conf.beg_label_comp_id       SER 
_struct_conf.beg_label_asym_id       A 
_struct_conf.beg_label_seq_id        60 
_struct_conf.pdbx_beg_PDB_ins_code   ? 
_struct_conf.end_label_comp_id       LYS 
_struct_conf.end_label_asym_id       A 
_struct_conf.end_label_seq_id        65 
_struct_conf.pdbx_end_PDB_ins_code   ? 
_struct_conf.beg_auth_comp_id        SER 
_struct_conf.beg_auth_asym_id        A 
_struct_conf.beg_auth_seq_id         60 
_struct_conf.end_auth_comp_id        LYS 
_struct_conf.end_auth_asym_id        A 
_struct_conf.end_auth_seq_id         65 
_struct_conf.pdbx_PDB_helix_class    1 
_struct_conf.details                 ? 
_struct_conf.pdbx_PDB_helix_length   6 
# 
_struct_conf_type.id          HELX_P 
_struct_conf_type.criteria    ? 
_struct_conf_type.reference   ? 
# 
loop_
_struct_conn.id 
_struct_conn.conn_type_id 
_struct_conn.pdbx_leaving_atom_flag 
_struct_conn.pdbx_PDB_id 
_struct_conn.ptnr1_label_asym_id 
_struct_conn.ptnr1_label_comp_id 
_struct_conn.ptnr1_label_seq_id 
_struct_conn.ptnr1_label_atom_id 
_struct_conn.pdbx_ptnr1_label_alt_id 
_struct_conn.pdbx_ptnr1_PDB_ins_code 
_struct_conn.pdbx_ptnr1_standard_comp_id 
_struct_conn.ptnr1_symmetry 
_struct_conn.ptnr2_label_asym_id 
_struct_conn.ptnr2_label_comp_id 
_struct_conn.ptnr2_label_seq_id 
_struct_conn.ptnr2_label_atom_id 
_struct_conn.pdbx_ptnr2_label_alt_id 
_struct_conn.pdbx_ptnr2_PDB_ins_code 
_struct_conn.ptnr1_auth_asym_id 
_struct_conn.ptnr1_auth_comp_id 
_struct_conn.ptnr1_auth_seq_id 
_struct_conn.ptnr2_auth_asym_id 
_struct_conn.ptnr2_auth_comp_id 
_struct_conn.ptnr2_auth_seq_id 
_struct_conn.ptnr2_symmetry 
_struct_conn.pdbx_ptnr3_label_atom_id 
_struct_conn.pdbx_ptnr3_label_seq_id 
_struct_conn.pdbx_ptnr3_label_comp_id 
_struct_conn.pdbx_ptnr3_label_asym_id 
_struct_conn.pdbx_ptnr3_label_alt_id 
_struct_conn.pdbx_ptnr3_PDB_ins_code 
_struct_conn.details 
_struct_conn.pdbx_dist_value 
_struct_conn.pdbx_value_order 
_struct_conn.pdbx_role 
metalc1 metalc ? ? A CYS 10 SG  ? ? ? 1_555 B ZN . ZN ? ? A CYS 10 A ZN 82 1_555 ? ? ? ? ? ? ? 2.250 ? ? 
metalc2 metalc ? ? A CYS 13 SG  ? ? ? 1_555 B ZN . ZN ? ? A CYS 13 A ZN 82 1_555 ? ? ? ? ? ? ? 2.251 ? ? 
metalc3 metalc ? ? A HIS 31 ND1 ? ? ? 1_555 B ZN . ZN ? ? A HIS 31 A ZN 82 1_555 ? ? ? ? ? ? ? 2.057 ? ? 
metalc4 metalc ? ? A CYS 34 SG  ? ? ? 1_555 B ZN . ZN ? ? A CYS 34 A ZN 82 1_555 ? ? ? ? ? ? ? 2.348 ? ? 
metalc5 metalc ? ? A CYS 37 SG  ? ? ? 1_555 C ZN . ZN ? ? A CYS 37 A ZN 83 1_555 ? ? ? ? ? ? ? 2.360 ? ? 
metalc6 metalc ? ? A CYS 40 SG  ? ? ? 1_555 C ZN . ZN ? ? A CYS 40 A ZN 83 1_555 ? ? ? ? ? ? ? 2.223 ? ? 
metalc7 metalc ? ? A CYS 58 SG  ? ? ? 1_555 C ZN . ZN ? ? A CYS 58 A ZN 83 1_555 ? ? ? ? ? ? ? 2.248 ? ? 
metalc8 metalc ? ? A CYS 61 SG  ? ? ? 1_555 C ZN . ZN ? ? A CYS 61 A ZN 83 1_555 ? ? ? ? ? ? ? 2.340 ? ? 
# 
_struct_conn_type.id          metalc 
_struct_conn_type.criteria    ? 
_struct_conn_type.reference   ? 
# 
loop_
_pdbx_struct_conn_angle.id 
_pdbx_struct_conn_angle.ptnr1_label_atom_id 
_pdbx_struct_conn_angle.ptnr1_label_alt_id 
_pdbx_struct_conn_angle.ptnr1_label_asym_id 
_pdbx_struct_conn_angle.ptnr1_label_comp_id 
_pdbx_struct_conn_angle.ptnr1_label_seq_id 
_pdbx_struct_conn_angle.ptnr1_auth_atom_id 
_pdbx_struct_conn_angle.ptnr1_auth_asym_id 
_pdbx_struct_conn_angle.ptnr1_auth_comp_id 
_pdbx_struct_conn_angle.ptnr1_auth_seq_id 
_pdbx_struct_conn_angle.ptnr1_PDB_ins_code 
_pdbx_struct_conn_angle.ptnr1_symmetry 
_pdbx_struct_conn_angle.ptnr2_label_atom_id 
_pdbx_struct_conn_angle.ptnr2_label_alt_id 
_pdbx_struct_conn_angle.ptnr2_label_asym_id 
_pdbx_struct_conn_angle.ptnr2_label_comp_id 
_pdbx_struct_conn_angle.ptnr2_label_seq_id 
_pdbx_struct_conn_angle.ptnr2_auth_atom_id 
_pdbx_struct_conn_angle.ptnr2_auth_asym_id 
_pdbx_struct_conn_angle.ptnr2_auth_comp_id 
_pdbx_struct_conn_angle.ptnr2_auth_seq_id 
_pdbx_struct_conn_angle.ptnr2_PDB_ins_code 
_pdbx_struct_conn_angle.ptnr2_symmetry 
_pdbx_struct_conn_angle.ptnr3_label_atom_id 
_pdbx_struct_conn_angle.ptnr3_label_alt_id 
_pdbx_struct_conn_angle.ptnr3_label_asym_id 
_pdbx_struct_conn_angle.ptnr3_label_comp_id 
_pdbx_struct_conn_angle.ptnr3_label_seq_id 
_pdbx_struct_conn_angle.ptnr3_auth_atom_id 
_pdbx_struct_conn_angle.ptnr3_auth_asym_id 
_pdbx_struct_conn_angle.ptnr3_auth_comp_id 
_pdbx_struct_conn_angle.ptnr3_auth_seq_id 
_pdbx_struct_conn_angle.ptnr3_PDB_ins_code 
_pdbx_struct_conn_angle.ptnr3_symmetry 
_pdbx_struct_conn_angle.value 
_pdbx_struct_conn_angle.value_esd 
1  SG  ? A CYS 10 ? A CYS 10 ? 1_555 ZN ? B ZN . ? A ZN 82 ? 1_555 SG  ? A CYS 13 ? A CYS 13 ? 1_555 137.1 ? 
2  SG  ? A CYS 10 ? A CYS 10 ? 1_555 ZN ? B ZN . ? A ZN 82 ? 1_555 ND1 ? A HIS 31 ? A HIS 31 ? 1_555 94.7  ? 
3  SG  ? A CYS 13 ? A CYS 13 ? 1_555 ZN ? B ZN . ? A ZN 82 ? 1_555 ND1 ? A HIS 31 ? A HIS 31 ? 1_555 95.6  ? 
4  SG  ? A CYS 10 ? A CYS 10 ? 1_555 ZN ? B ZN . ? A ZN 82 ? 1_555 SG  ? A CYS 34 ? A CYS 34 ? 1_555 102.5 ? 
5  SG  ? A CYS 13 ? A CYS 13 ? 1_555 ZN ? B ZN . ? A ZN 82 ? 1_555 SG  ? A CYS 34 ? A CYS 34 ? 1_555 95.7  ? 
6  ND1 ? A HIS 31 ? A HIS 31 ? 1_555 ZN ? B ZN . ? A ZN 82 ? 1_555 SG  ? A CYS 34 ? A CYS 34 ? 1_555 140.0 ? 
7  SG  ? A CYS 37 ? A CYS 37 ? 1_555 ZN ? C ZN . ? A ZN 83 ? 1_555 SG  ? A CYS 40 ? A CYS 40 ? 1_555 100.5 ? 
8  SG  ? A CYS 37 ? A CYS 37 ? 1_555 ZN ? C ZN . ? A ZN 83 ? 1_555 SG  ? A CYS 58 ? A CYS 58 ? 1_555 102.7 ? 
9  SG  ? A CYS 40 ? A CYS 40 ? 1_555 ZN ? C ZN . ? A ZN 83 ? 1_555 SG  ? A CYS 58 ? A CYS 58 ? 1_555 127.7 ? 
10 SG  ? A CYS 37 ? A CYS 37 ? 1_555 ZN ? C ZN . ? A ZN 83 ? 1_555 SG  ? A CYS 61 ? A CYS 61 ? 1_555 137.9 ? 
11 SG  ? A CYS 40 ? A CYS 40 ? 1_555 ZN ? C ZN . ? A ZN 83 ? 1_555 SG  ? A CYS 61 ? A CYS 61 ? 1_555 94.4  ? 
12 SG  ? A CYS 58 ? A CYS 58 ? 1_555 ZN ? C ZN . ? A ZN 83 ? 1_555 SG  ? A CYS 61 ? A CYS 61 ? 1_555 98.6  ? 
# 
loop_
_struct_sheet.id 
_struct_sheet.type 
_struct_sheet.number_strands 
_struct_sheet.details 
A ? 2 ? 
B ? 2 ? 
# 
loop_
_struct_sheet_order.sheet_id 
_struct_sheet_order.range_id_1 
_struct_sheet_order.range_id_2 
_struct_sheet_order.offset 
_struct_sheet_order.sense 
A 1 2 ? anti-parallel 
B 1 2 ? anti-parallel 
# 
loop_
_struct_sheet_range.sheet_id 
_struct_sheet_range.id 
_struct_sheet_range.beg_label_comp_id 
_struct_sheet_range.beg_label_asym_id 
_struct_sheet_range.beg_label_seq_id 
_struct_sheet_range.pdbx_beg_PDB_ins_code 
_struct_sheet_range.end_label_comp_id 
_struct_sheet_range.end_label_asym_id 
_struct_sheet_range.end_label_seq_id 
_struct_sheet_range.pdbx_end_PDB_ins_code 
_struct_sheet_range.beg_auth_comp_id 
_struct_sheet_range.beg_auth_asym_id 
_struct_sheet_range.beg_auth_seq_id 
_struct_sheet_range.end_auth_comp_id 
_struct_sheet_range.end_auth_asym_id 
_struct_sheet_range.end_auth_seq_id 
A 1 GLU A 22 ? CYS A 25 ? GLU A 22 CYS A 25 
A 2 ARG A 28 ? HIS A 31 ? ARG A 28 HIS A 31 
B 1 ALA A 50 ? HIS A 52 ? ALA A 50 HIS A 52 
B 2 GLU A 55 ? TYR A 57 ? GLU A 55 TYR A 57 
# 
loop_
_pdbx_struct_sheet_hbond.sheet_id 
_pdbx_struct_sheet_hbond.range_id_1 
_pdbx_struct_sheet_hbond.range_id_2 
_pdbx_struct_sheet_hbond.range_1_label_atom_id 
_pdbx_struct_sheet_hbond.range_1_label_comp_id 
_pdbx_struct_sheet_hbond.range_1_label_asym_id 
_pdbx_struct_sheet_hbond.range_1_label_seq_id 
_pdbx_struct_sheet_hbond.range_1_PDB_ins_code 
_pdbx_struct_sheet_hbond.range_1_auth_atom_id 
_pdbx_struct_sheet_hbond.range_1_auth_comp_id 
_pdbx_struct_sheet_hbond.range_1_auth_asym_id 
_pdbx_struct_sheet_hbond.range_1_auth_seq_id 
_pdbx_struct_sheet_hbond.range_2_label_atom_id 
_pdbx_struct_sheet_hbond.range_2_label_comp_id 
_pdbx_struct_sheet_hbond.range_2_label_asym_id 
_pdbx_struct_sheet_hbond.range_2_label_seq_id 
_pdbx_struct_sheet_hbond.range_2_PDB_ins_code 
_pdbx_struct_sheet_hbond.range_2_auth_atom_id 
_pdbx_struct_sheet_hbond.range_2_auth_comp_id 
_pdbx_struct_sheet_hbond.range_2_auth_asym_id 
_pdbx_struct_sheet_hbond.range_2_auth_seq_id 
A 1 2 O VAL A 23 ? O VAL A 23 N PHE A 30 ? N PHE A 30 
B 1 2 O ALA A 50 ? O ALA A 50 N TYR A 57 ? N TYR A 57 
# 
loop_
_struct_site.id 
_struct_site.pdbx_evidence_code 
_struct_site.pdbx_auth_asym_id 
_struct_site.pdbx_auth_comp_id 
_struct_site.pdbx_auth_seq_id 
_struct_site.pdbx_auth_ins_code 
_struct_site.pdbx_num_residues 
_struct_site.details 
ZF1 Unknown  ? ?  ?  ? 4 'ZN BINDING SITE.'                 
ZF2 Unknown  ? ?  ?  ? 4 'ZN BINDING SITE.'                 
AC1 Software A ZN 82 ? 4 'BINDING SITE FOR RESIDUE ZN A 82' 
AC2 Software A ZN 83 ? 4 'BINDING SITE FOR RESIDUE ZN A 83' 
# 
loop_
_struct_site_gen.id 
_struct_site_gen.site_id 
_struct_site_gen.pdbx_num_res 
_struct_site_gen.label_comp_id 
_struct_site_gen.label_asym_id 
_struct_site_gen.label_seq_id 
_struct_site_gen.pdbx_auth_ins_code 
_struct_site_gen.auth_comp_id 
_struct_site_gen.auth_asym_id 
_struct_site_gen.auth_seq_id 
_struct_site_gen.label_atom_id 
_struct_site_gen.label_alt_id 
_struct_site_gen.symmetry 
_struct_site_gen.details 
1  ZF1 4 CYS A 10 ? CYS A 10 . ? 1_555 ? 
2  ZF1 4 CYS A 13 ? CYS A 13 . ? 1_555 ? 
3  ZF1 4 HIS A 31 ? HIS A 31 . ? 1_555 ? 
4  ZF1 4 CYS A 34 ? CYS A 34 . ? 1_555 ? 
5  ZF2 4 CYS A 37 ? CYS A 37 . ? 1_555 ? 
6  ZF2 4 CYS A 40 ? CYS A 40 . ? 1_555 ? 
7  ZF2 4 CYS A 58 ? CYS A 58 . ? 1_555 ? 
8  ZF2 4 CYS A 61 ? CYS A 61 . ? 1_555 ? 
9  AC1 4 CYS A 10 ? CYS A 10 . ? 1_555 ? 
10 AC1 4 CYS A 13 ? CYS A 13 . ? 1_555 ? 
11 AC1 4 HIS A 31 ? HIS A 31 . ? 1_555 ? 
12 AC1 4 CYS A 34 ? CYS A 34 . ? 1_555 ? 
13 AC2 4 CYS A 37 ? CYS A 37 . ? 1_555 ? 
14 AC2 4 CYS A 40 ? CYS A 40 . ? 1_555 ? 
15 AC2 4 CYS A 58 ? CYS A 58 . ? 1_555 ? 
16 AC2 4 CYS A 61 ? CYS A 61 . ? 1_555 ? 
# 
loop_
_pdbx_validate_rmsd_angle.id 
_pdbx_validate_rmsd_angle.PDB_model_num 
_pdbx_validate_rmsd_angle.auth_atom_id_1 
_pdbx_validate_rmsd_angle.auth_asym_id_1 
_pdbx_validate_rmsd_angle.auth_comp_id_1 
_pdbx_validate_rmsd_angle.auth_seq_id_1 
_pdbx_validate_rmsd_angle.PDB_ins_code_1 
_pdbx_validate_rmsd_angle.label_alt_id_1 
_pdbx_validate_rmsd_angle.auth_atom_id_2 
_pdbx_validate_rmsd_angle.auth_asym_id_2 
_pdbx_validate_rmsd_angle.auth_comp_id_2 
_pdbx_validate_rmsd_angle.auth_seq_id_2 
_pdbx_validate_rmsd_angle.PDB_ins_code_2 
_pdbx_validate_rmsd_angle.label_alt_id_2 
_pdbx_validate_rmsd_angle.auth_atom_id_3 
_pdbx_validate_rmsd_angle.auth_asym_id_3 
_pdbx_validate_rmsd_angle.auth_comp_id_3 
_pdbx_validate_rmsd_angle.auth_seq_id_3 
_pdbx_validate_rmsd_angle.PDB_ins_code_3 
_pdbx_validate_rmsd_angle.label_alt_id_3 
_pdbx_validate_rmsd_angle.angle_value 
_pdbx_validate_rmsd_angle.angle_target_value 
_pdbx_validate_rmsd_angle.angle_deviation 
_pdbx_validate_rmsd_angle.angle_standard_deviation 
_pdbx_validate_rmsd_angle.linker_flag 
1 1 CA A CYS 10 ? ? CB A CYS 10 ? ? SG A CYS 10 ? ? 123.07 114.20 8.87  1.10 N 
2 1 CA A CYS 13 ? ? CB A CYS 13 ? ? SG A CYS 13 ? ? 128.24 114.20 14.04 1.10 N 
# 
loop_
_pdbx_validate_torsion.id 
_pdbx_validate_torsion.PDB_model_num 
_pdbx_validate_torsion.auth_comp_id 
_pdbx_validate_torsion.auth_asym_id 
_pdbx_validate_torsion.auth_seq_id 
_pdbx_validate_torsion.PDB_ins_code 
_pdbx_validate_torsion.label_alt_id 
_pdbx_validate_torsion.phi 
_pdbx_validate_torsion.psi 
1  1 ALA A 12 ? ? -89.68  -80.70  
2  1 CYS A 13 ? ? -64.44  -83.96  
3  1 TYR A 18 ? ? -149.71 -76.88  
4  1 HIS A 19 ? ? -138.36 -61.69  
5  1 GLU A 21 ? ? -91.01  40.46   
6  1 ASP A 26 ? ? 69.83   -112.42 
7  1 VAL A 39 ? ? -89.88  -83.68  
8  1 ARG A 41 ? ? 87.64   59.81   
9  1 ASP A 45 ? ? -167.42 -145.24 
10 1 SER A 46 ? ? -95.22  47.07   
11 1 THR A 47 ? ? -84.40  -83.57  
12 1 THR A 48 ? ? -130.35 -135.05 
13 1 VAL A 49 ? ? 162.64  160.30  
14 1 ASP A 53 ? ? 66.99   -119.76 
15 1 CYS A 58 ? ? -88.14  -148.90 
# 
_pdbx_nmr_ensemble.entry_id                             1A7I 
_pdbx_nmr_ensemble.conformers_calculated_total_number   15 
_pdbx_nmr_ensemble.conformers_submitted_total_number    1 
_pdbx_nmr_ensemble.conformer_selection_criteria         'LEAST RESTRAINT VIOLATION, MINIMUM ENERGY' 
# 
_pdbx_nmr_exptl_sample_conditions.conditions_id       1 
_pdbx_nmr_exptl_sample_conditions.temperature         299 
_pdbx_nmr_exptl_sample_conditions.pressure            ? 
_pdbx_nmr_exptl_sample_conditions.pH                  7.2 
_pdbx_nmr_exptl_sample_conditions.ionic_strength      ? 
_pdbx_nmr_exptl_sample_conditions.pressure_units      . 
_pdbx_nmr_exptl_sample_conditions.temperature_units   K 
# 
loop_
_pdbx_nmr_exptl.experiment_id 
_pdbx_nmr_exptl.conditions_id 
_pdbx_nmr_exptl.type 
_pdbx_nmr_exptl.solution_id 
1 1 '2D TOCSY'            1 
2 1 '2D NOESY'            1 
3 1 '2D X-FILTERED NOESY' 1 
4 1 '3D TOCSY-HSQC'       1 
5 1 '3D NOESY-HSQC'       1 
# 
_pdbx_nmr_refine.entry_id           1A7I 
_pdbx_nmr_refine.method             DG/SA/EM 
_pdbx_nmr_refine.details            ? 
_pdbx_nmr_refine.software_ordinal   1 
# 
loop_
_pdbx_nmr_software.classification 
_pdbx_nmr_software.name 
_pdbx_nmr_software.version 
_pdbx_nmr_software.authors 
_pdbx_nmr_software.ordinal 
refinement           X-PLOR  3.1 BRUNGER 1 
'structure solution' VNMR    ?   ?       2 
'structure solution' NMRPipe ?   ?       3 
'structure solution' ANSIG   ?   ?       4 
'structure solution' X-PLOR  ?   ?       5 
# 
loop_
_pdbx_unobs_or_zero_occ_residues.id 
_pdbx_unobs_or_zero_occ_residues.PDB_model_num 
_pdbx_unobs_or_zero_occ_residues.polymer_flag 
_pdbx_unobs_or_zero_occ_residues.occupancy_flag 
_pdbx_unobs_or_zero_occ_residues.auth_asym_id 
_pdbx_unobs_or_zero_occ_residues.auth_comp_id 
_pdbx_unobs_or_zero_occ_residues.auth_seq_id 
_pdbx_unobs_or_zero_occ_residues.PDB_ins_code 
_pdbx_unobs_or_zero_occ_residues.label_asym_id 
_pdbx_unobs_or_zero_occ_residues.label_comp_id 
_pdbx_unobs_or_zero_occ_residues.label_seq_id 
1  1 Y 1 A MET 1  ? A MET 1  
2  1 Y 1 A PRO 2  ? A PRO 2  
3  1 Y 1 A ASN 3  ? A ASN 3  
4  1 Y 1 A TRP 4  ? A TRP 4  
5  1 Y 1 A GLY 5  ? A GLY 5  
6  1 Y 1 A GLY 6  ? A GLY 6  
7  1 Y 1 A GLY 7  ? A GLY 7  
8  1 Y 1 A PRO 68 ? A PRO 68 
9  1 Y 1 A LYS 69 ? A LYS 69 
10 1 Y 1 A GLY 70 ? A GLY 70 
11 1 Y 1 A TYR 71 ? A TYR 71 
12 1 Y 1 A GLY 72 ? A GLY 72 
13 1 Y 1 A TYR 73 ? A TYR 73 
14 1 Y 1 A GLY 74 ? A GLY 74 
15 1 Y 1 A GLN 75 ? A GLN 75 
16 1 Y 1 A GLY 76 ? A GLY 76 
17 1 Y 1 A ALA 77 ? A ALA 77 
18 1 Y 1 A GLY 78 ? A GLY 78 
19 1 Y 1 A THR 79 ? A THR 79 
20 1 Y 1 A LEU 80 ? A LEU 80 
21 1 Y 1 A ASN 81 ? A ASN 81 
# 
loop_
_chem_comp_atom.comp_id 
_chem_comp_atom.atom_id 
_chem_comp_atom.type_symbol 
_chem_comp_atom.pdbx_aromatic_flag 
_chem_comp_atom.pdbx_stereo_config 
_chem_comp_atom.pdbx_ordinal 
ALA N    N  N N 1   
ALA CA   C  N S 2   
ALA C    C  N N 3   
ALA O    O  N N 4   
ALA CB   C  N N 5   
ALA OXT  O  N N 6   
ALA H    H  N N 7   
ALA H2   H  N N 8   
ALA HA   H  N N 9   
ALA HB1  H  N N 10  
ALA HB2  H  N N 11  
ALA HB3  H  N N 12  
ALA HXT  H  N N 13  
ARG N    N  N N 14  
ARG CA   C  N S 15  
ARG C    C  N N 16  
ARG O    O  N N 17  
ARG CB   C  N N 18  
ARG CG   C  N N 19  
ARG CD   C  N N 20  
ARG NE   N  N N 21  
ARG CZ   C  N N 22  
ARG NH1  N  N N 23  
ARG NH2  N  N N 24  
ARG OXT  O  N N 25  
ARG H    H  N N 26  
ARG H2   H  N N 27  
ARG HA   H  N N 28  
ARG HB2  H  N N 29  
ARG HB3  H  N N 30  
ARG HG2  H  N N 31  
ARG HG3  H  N N 32  
ARG HD2  H  N N 33  
ARG HD3  H  N N 34  
ARG HE   H  N N 35  
ARG HH11 H  N N 36  
ARG HH12 H  N N 37  
ARG HH21 H  N N 38  
ARG HH22 H  N N 39  
ARG HXT  H  N N 40  
ASN N    N  N N 41  
ASN CA   C  N S 42  
ASN C    C  N N 43  
ASN O    O  N N 44  
ASN CB   C  N N 45  
ASN CG   C  N N 46  
ASN OD1  O  N N 47  
ASN ND2  N  N N 48  
ASN OXT  O  N N 49  
ASN H    H  N N 50  
ASN H2   H  N N 51  
ASN HA   H  N N 52  
ASN HB2  H  N N 53  
ASN HB3  H  N N 54  
ASN HD21 H  N N 55  
ASN HD22 H  N N 56  
ASN HXT  H  N N 57  
ASP N    N  N N 58  
ASP CA   C  N S 59  
ASP C    C  N N 60  
ASP O    O  N N 61  
ASP CB   C  N N 62  
ASP CG   C  N N 63  
ASP OD1  O  N N 64  
ASP OD2  O  N N 65  
ASP OXT  O  N N 66  
ASP H    H  N N 67  
ASP H2   H  N N 68  
ASP HA   H  N N 69  
ASP HB2  H  N N 70  
ASP HB3  H  N N 71  
ASP HD2  H  N N 72  
ASP HXT  H  N N 73  
CYS N    N  N N 74  
CYS CA   C  N R 75  
CYS C    C  N N 76  
CYS O    O  N N 77  
CYS CB   C  N N 78  
CYS SG   S  N N 79  
CYS OXT  O  N N 80  
CYS H    H  N N 81  
CYS H2   H  N N 82  
CYS HA   H  N N 83  
CYS HB2  H  N N 84  
CYS HB3  H  N N 85  
CYS HG   H  N N 86  
CYS HXT  H  N N 87  
GLN N    N  N N 88  
GLN CA   C  N S 89  
GLN C    C  N N 90  
GLN O    O  N N 91  
GLN CB   C  N N 92  
GLN CG   C  N N 93  
GLN CD   C  N N 94  
GLN OE1  O  N N 95  
GLN NE2  N  N N 96  
GLN OXT  O  N N 97  
GLN H    H  N N 98  
GLN H2   H  N N 99  
GLN HA   H  N N 100 
GLN HB2  H  N N 101 
GLN HB3  H  N N 102 
GLN HG2  H  N N 103 
GLN HG3  H  N N 104 
GLN HE21 H  N N 105 
GLN HE22 H  N N 106 
GLN HXT  H  N N 107 
GLU N    N  N N 108 
GLU CA   C  N S 109 
GLU C    C  N N 110 
GLU O    O  N N 111 
GLU CB   C  N N 112 
GLU CG   C  N N 113 
GLU CD   C  N N 114 
GLU OE1  O  N N 115 
GLU OE2  O  N N 116 
GLU OXT  O  N N 117 
GLU H    H  N N 118 
GLU H2   H  N N 119 
GLU HA   H  N N 120 
GLU HB2  H  N N 121 
GLU HB3  H  N N 122 
GLU HG2  H  N N 123 
GLU HG3  H  N N 124 
GLU HE2  H  N N 125 
GLU HXT  H  N N 126 
GLY N    N  N N 127 
GLY CA   C  N N 128 
GLY C    C  N N 129 
GLY O    O  N N 130 
GLY OXT  O  N N 131 
GLY H    H  N N 132 
GLY H2   H  N N 133 
GLY HA2  H  N N 134 
GLY HA3  H  N N 135 
GLY HXT  H  N N 136 
HIS N    N  N N 137 
HIS CA   C  N S 138 
HIS C    C  N N 139 
HIS O    O  N N 140 
HIS CB   C  N N 141 
HIS CG   C  Y N 142 
HIS ND1  N  Y N 143 
HIS CD2  C  Y N 144 
HIS CE1  C  Y N 145 
HIS NE2  N  Y N 146 
HIS OXT  O  N N 147 
HIS H    H  N N 148 
HIS H2   H  N N 149 
HIS HA   H  N N 150 
HIS HB2  H  N N 151 
HIS HB3  H  N N 152 
HIS HD1  H  N N 153 
HIS HD2  H  N N 154 
HIS HE1  H  N N 155 
HIS HE2  H  N N 156 
HIS HXT  H  N N 157 
ILE N    N  N N 158 
ILE CA   C  N S 159 
ILE C    C  N N 160 
ILE O    O  N N 161 
ILE CB   C  N S 162 
ILE CG1  C  N N 163 
ILE CG2  C  N N 164 
ILE CD1  C  N N 165 
ILE OXT  O  N N 166 
ILE H    H  N N 167 
ILE H2   H  N N 168 
ILE HA   H  N N 169 
ILE HB   H  N N 170 
ILE HG12 H  N N 171 
ILE HG13 H  N N 172 
ILE HG21 H  N N 173 
ILE HG22 H  N N 174 
ILE HG23 H  N N 175 
ILE HD11 H  N N 176 
ILE HD12 H  N N 177 
ILE HD13 H  N N 178 
ILE HXT  H  N N 179 
LEU N    N  N N 180 
LEU CA   C  N S 181 
LEU C    C  N N 182 
LEU O    O  N N 183 
LEU CB   C  N N 184 
LEU CG   C  N N 185 
LEU CD1  C  N N 186 
LEU CD2  C  N N 187 
LEU OXT  O  N N 188 
LEU H    H  N N 189 
LEU H2   H  N N 190 
LEU HA   H  N N 191 
LEU HB2  H  N N 192 
LEU HB3  H  N N 193 
LEU HG   H  N N 194 
LEU HD11 H  N N 195 
LEU HD12 H  N N 196 
LEU HD13 H  N N 197 
LEU HD21 H  N N 198 
LEU HD22 H  N N 199 
LEU HD23 H  N N 200 
LEU HXT  H  N N 201 
LYS N    N  N N 202 
LYS CA   C  N S 203 
LYS C    C  N N 204 
LYS O    O  N N 205 
LYS CB   C  N N 206 
LYS CG   C  N N 207 
LYS CD   C  N N 208 
LYS CE   C  N N 209 
LYS NZ   N  N N 210 
LYS OXT  O  N N 211 
LYS H    H  N N 212 
LYS H2   H  N N 213 
LYS HA   H  N N 214 
LYS HB2  H  N N 215 
LYS HB3  H  N N 216 
LYS HG2  H  N N 217 
LYS HG3  H  N N 218 
LYS HD2  H  N N 219 
LYS HD3  H  N N 220 
LYS HE2  H  N N 221 
LYS HE3  H  N N 222 
LYS HZ1  H  N N 223 
LYS HZ2  H  N N 224 
LYS HZ3  H  N N 225 
LYS HXT  H  N N 226 
MET N    N  N N 227 
MET CA   C  N S 228 
MET C    C  N N 229 
MET O    O  N N 230 
MET CB   C  N N 231 
MET CG   C  N N 232 
MET SD   S  N N 233 
MET CE   C  N N 234 
MET OXT  O  N N 235 
MET H    H  N N 236 
MET H2   H  N N 237 
MET HA   H  N N 238 
MET HB2  H  N N 239 
MET HB3  H  N N 240 
MET HG2  H  N N 241 
MET HG3  H  N N 242 
MET HE1  H  N N 243 
MET HE2  H  N N 244 
MET HE3  H  N N 245 
MET HXT  H  N N 246 
PHE N    N  N N 247 
PHE CA   C  N S 248 
PHE C    C  N N 249 
PHE O    O  N N 250 
PHE CB   C  N N 251 
PHE CG   C  Y N 252 
PHE CD1  C  Y N 253 
PHE CD2  C  Y N 254 
PHE CE1  C  Y N 255 
PHE CE2  C  Y N 256 
PHE CZ   C  Y N 257 
PHE OXT  O  N N 258 
PHE H    H  N N 259 
PHE H2   H  N N 260 
PHE HA   H  N N 261 
PHE HB2  H  N N 262 
PHE HB3  H  N N 263 
PHE HD1  H  N N 264 
PHE HD2  H  N N 265 
PHE HE1  H  N N 266 
PHE HE2  H  N N 267 
PHE HZ   H  N N 268 
PHE HXT  H  N N 269 
PRO N    N  N N 270 
PRO CA   C  N S 271 
PRO C    C  N N 272 
PRO O    O  N N 273 
PRO CB   C  N N 274 
PRO CG   C  N N 275 
PRO CD   C  N N 276 
PRO OXT  O  N N 277 
PRO H    H  N N 278 
PRO HA   H  N N 279 
PRO HB2  H  N N 280 
PRO HB3  H  N N 281 
PRO HG2  H  N N 282 
PRO HG3  H  N N 283 
PRO HD2  H  N N 284 
PRO HD3  H  N N 285 
PRO HXT  H  N N 286 
SER N    N  N N 287 
SER CA   C  N S 288 
SER C    C  N N 289 
SER O    O  N N 290 
SER CB   C  N N 291 
SER OG   O  N N 292 
SER OXT  O  N N 293 
SER H    H  N N 294 
SER H2   H  N N 295 
SER HA   H  N N 296 
SER HB2  H  N N 297 
SER HB3  H  N N 298 
SER HG   H  N N 299 
SER HXT  H  N N 300 
THR N    N  N N 301 
THR CA   C  N S 302 
THR C    C  N N 303 
THR O    O  N N 304 
THR CB   C  N R 305 
THR OG1  O  N N 306 
THR CG2  C  N N 307 
THR OXT  O  N N 308 
THR H    H  N N 309 
THR H2   H  N N 310 
THR HA   H  N N 311 
THR HB   H  N N 312 
THR HG1  H  N N 313 
THR HG21 H  N N 314 
THR HG22 H  N N 315 
THR HG23 H  N N 316 
THR HXT  H  N N 317 
TRP N    N  N N 318 
TRP CA   C  N S 319 
TRP C    C  N N 320 
TRP O    O  N N 321 
TRP CB   C  N N 322 
TRP CG   C  Y N 323 
TRP CD1  C  Y N 324 
TRP CD2  C  Y N 325 
TRP NE1  N  Y N 326 
TRP CE2  C  Y N 327 
TRP CE3  C  Y N 328 
TRP CZ2  C  Y N 329 
TRP CZ3  C  Y N 330 
TRP CH2  C  Y N 331 
TRP OXT  O  N N 332 
TRP H    H  N N 333 
TRP H2   H  N N 334 
TRP HA   H  N N 335 
TRP HB2  H  N N 336 
TRP HB3  H  N N 337 
TRP HD1  H  N N 338 
TRP HE1  H  N N 339 
TRP HE3  H  N N 340 
TRP HZ2  H  N N 341 
TRP HZ3  H  N N 342 
TRP HH2  H  N N 343 
TRP HXT  H  N N 344 
TYR N    N  N N 345 
TYR CA   C  N S 346 
TYR C    C  N N 347 
TYR O    O  N N 348 
TYR CB   C  N N 349 
TYR CG   C  Y N 350 
TYR CD1  C  Y N 351 
TYR CD2  C  Y N 352 
TYR CE1  C  Y N 353 
TYR CE2  C  Y N 354 
TYR CZ   C  Y N 355 
TYR OH   O  N N 356 
TYR OXT  O  N N 357 
TYR H    H  N N 358 
TYR H2   H  N N 359 
TYR HA   H  N N 360 
TYR HB2  H  N N 361 
TYR HB3  H  N N 362 
TYR HD1  H  N N 363 
TYR HD2  H  N N 364 
TYR HE1  H  N N 365 
TYR HE2  H  N N 366 
TYR HH   H  N N 367 
TYR HXT  H  N N 368 
VAL N    N  N N 369 
VAL CA   C  N S 370 
VAL C    C  N N 371 
VAL O    O  N N 372 
VAL CB   C  N N 373 
VAL CG1  C  N N 374 
VAL CG2  C  N N 375 
VAL OXT  O  N N 376 
VAL H    H  N N 377 
VAL H2   H  N N 378 
VAL HA   H  N N 379 
VAL HB   H  N N 380 
VAL HG11 H  N N 381 
VAL HG12 H  N N 382 
VAL HG13 H  N N 383 
VAL HG21 H  N N 384 
VAL HG22 H  N N 385 
VAL HG23 H  N N 386 
VAL HXT  H  N N 387 
ZN  ZN   ZN N N 388 
# 
loop_
_chem_comp_bond.comp_id 
_chem_comp_bond.atom_id_1 
_chem_comp_bond.atom_id_2 
_chem_comp_bond.value_order 
_chem_comp_bond.pdbx_aromatic_flag 
_chem_comp_bond.pdbx_stereo_config 
_chem_comp_bond.pdbx_ordinal 
ALA N   CA   sing N N 1   
ALA N   H    sing N N 2   
ALA N   H2   sing N N 3   
ALA CA  C    sing N N 4   
ALA CA  CB   sing N N 5   
ALA CA  HA   sing N N 6   
ALA C   O    doub N N 7   
ALA C   OXT  sing N N 8   
ALA CB  HB1  sing N N 9   
ALA CB  HB2  sing N N 10  
ALA CB  HB3  sing N N 11  
ALA OXT HXT  sing N N 12  
ARG N   CA   sing N N 13  
ARG N   H    sing N N 14  
ARG N   H2   sing N N 15  
ARG CA  C    sing N N 16  
ARG CA  CB   sing N N 17  
ARG CA  HA   sing N N 18  
ARG C   O    doub N N 19  
ARG C   OXT  sing N N 20  
ARG CB  CG   sing N N 21  
ARG CB  HB2  sing N N 22  
ARG CB  HB3  sing N N 23  
ARG CG  CD   sing N N 24  
ARG CG  HG2  sing N N 25  
ARG CG  HG3  sing N N 26  
ARG CD  NE   sing N N 27  
ARG CD  HD2  sing N N 28  
ARG CD  HD3  sing N N 29  
ARG NE  CZ   sing N N 30  
ARG NE  HE   sing N N 31  
ARG CZ  NH1  sing N N 32  
ARG CZ  NH2  doub N N 33  
ARG NH1 HH11 sing N N 34  
ARG NH1 HH12 sing N N 35  
ARG NH2 HH21 sing N N 36  
ARG NH2 HH22 sing N N 37  
ARG OXT HXT  sing N N 38  
ASN N   CA   sing N N 39  
ASN N   H    sing N N 40  
ASN N   H2   sing N N 41  
ASN CA  C    sing N N 42  
ASN CA  CB   sing N N 43  
ASN CA  HA   sing N N 44  
ASN C   O    doub N N 45  
ASN C   OXT  sing N N 46  
ASN CB  CG   sing N N 47  
ASN CB  HB2  sing N N 48  
ASN CB  HB3  sing N N 49  
ASN CG  OD1  doub N N 50  
ASN CG  ND2  sing N N 51  
ASN ND2 HD21 sing N N 52  
ASN ND2 HD22 sing N N 53  
ASN OXT HXT  sing N N 54  
ASP N   CA   sing N N 55  
ASP N   H    sing N N 56  
ASP N   H2   sing N N 57  
ASP CA  C    sing N N 58  
ASP CA  CB   sing N N 59  
ASP CA  HA   sing N N 60  
ASP C   O    doub N N 61  
ASP C   OXT  sing N N 62  
ASP CB  CG   sing N N 63  
ASP CB  HB2  sing N N 64  
ASP CB  HB3  sing N N 65  
ASP CG  OD1  doub N N 66  
ASP CG  OD2  sing N N 67  
ASP OD2 HD2  sing N N 68  
ASP OXT HXT  sing N N 69  
CYS N   CA   sing N N 70  
CYS N   H    sing N N 71  
CYS N   H2   sing N N 72  
CYS CA  C    sing N N 73  
CYS CA  CB   sing N N 74  
CYS CA  HA   sing N N 75  
CYS C   O    doub N N 76  
CYS C   OXT  sing N N 77  
CYS CB  SG   sing N N 78  
CYS CB  HB2  sing N N 79  
CYS CB  HB3  sing N N 80  
CYS SG  HG   sing N N 81  
CYS OXT HXT  sing N N 82  
GLN N   CA   sing N N 83  
GLN N   H    sing N N 84  
GLN N   H2   sing N N 85  
GLN CA  C    sing N N 86  
GLN CA  CB   sing N N 87  
GLN CA  HA   sing N N 88  
GLN C   O    doub N N 89  
GLN C   OXT  sing N N 90  
GLN CB  CG   sing N N 91  
GLN CB  HB2  sing N N 92  
GLN CB  HB3  sing N N 93  
GLN CG  CD   sing N N 94  
GLN CG  HG2  sing N N 95  
GLN CG  HG3  sing N N 96  
GLN CD  OE1  doub N N 97  
GLN CD  NE2  sing N N 98  
GLN NE2 HE21 sing N N 99  
GLN NE2 HE22 sing N N 100 
GLN OXT HXT  sing N N 101 
GLU N   CA   sing N N 102 
GLU N   H    sing N N 103 
GLU N   H2   sing N N 104 
GLU CA  C    sing N N 105 
GLU CA  CB   sing N N 106 
GLU CA  HA   sing N N 107 
GLU C   O    doub N N 108 
GLU C   OXT  sing N N 109 
GLU CB  CG   sing N N 110 
GLU CB  HB2  sing N N 111 
GLU CB  HB3  sing N N 112 
GLU CG  CD   sing N N 113 
GLU CG  HG2  sing N N 114 
GLU CG  HG3  sing N N 115 
GLU CD  OE1  doub N N 116 
GLU CD  OE2  sing N N 117 
GLU OE2 HE2  sing N N 118 
GLU OXT HXT  sing N N 119 
GLY N   CA   sing N N 120 
GLY N   H    sing N N 121 
GLY N   H2   sing N N 122 
GLY CA  C    sing N N 123 
GLY CA  HA2  sing N N 124 
GLY CA  HA3  sing N N 125 
GLY C   O    doub N N 126 
GLY C   OXT  sing N N 127 
GLY OXT HXT  sing N N 128 
HIS N   CA   sing N N 129 
HIS N   H    sing N N 130 
HIS N   H2   sing N N 131 
HIS CA  C    sing N N 132 
HIS CA  CB   sing N N 133 
HIS CA  HA   sing N N 134 
HIS C   O    doub N N 135 
HIS C   OXT  sing N N 136 
HIS CB  CG   sing N N 137 
HIS CB  HB2  sing N N 138 
HIS CB  HB3  sing N N 139 
HIS CG  ND1  sing Y N 140 
HIS CG  CD2  doub Y N 141 
HIS ND1 CE1  doub Y N 142 
HIS ND1 HD1  sing N N 143 
HIS CD2 NE2  sing Y N 144 
HIS CD2 HD2  sing N N 145 
HIS CE1 NE2  sing Y N 146 
HIS CE1 HE1  sing N N 147 
HIS NE2 HE2  sing N N 148 
HIS OXT HXT  sing N N 149 
ILE N   CA   sing N N 150 
ILE N   H    sing N N 151 
ILE N   H2   sing N N 152 
ILE CA  C    sing N N 153 
ILE CA  CB   sing N N 154 
ILE CA  HA   sing N N 155 
ILE C   O    doub N N 156 
ILE C   OXT  sing N N 157 
ILE CB  CG1  sing N N 158 
ILE CB  CG2  sing N N 159 
ILE CB  HB   sing N N 160 
ILE CG1 CD1  sing N N 161 
ILE CG1 HG12 sing N N 162 
ILE CG1 HG13 sing N N 163 
ILE CG2 HG21 sing N N 164 
ILE CG2 HG22 sing N N 165 
ILE CG2 HG23 sing N N 166 
ILE CD1 HD11 sing N N 167 
ILE CD1 HD12 sing N N 168 
ILE CD1 HD13 sing N N 169 
ILE OXT HXT  sing N N 170 
LEU N   CA   sing N N 171 
LEU N   H    sing N N 172 
LEU N   H2   sing N N 173 
LEU CA  C    sing N N 174 
LEU CA  CB   sing N N 175 
LEU CA  HA   sing N N 176 
LEU C   O    doub N N 177 
LEU C   OXT  sing N N 178 
LEU CB  CG   sing N N 179 
LEU CB  HB2  sing N N 180 
LEU CB  HB3  sing N N 181 
LEU CG  CD1  sing N N 182 
LEU CG  CD2  sing N N 183 
LEU CG  HG   sing N N 184 
LEU CD1 HD11 sing N N 185 
LEU CD1 HD12 sing N N 186 
LEU CD1 HD13 sing N N 187 
LEU CD2 HD21 sing N N 188 
LEU CD2 HD22 sing N N 189 
LEU CD2 HD23 sing N N 190 
LEU OXT HXT  sing N N 191 
LYS N   CA   sing N N 192 
LYS N   H    sing N N 193 
LYS N   H2   sing N N 194 
LYS CA  C    sing N N 195 
LYS CA  CB   sing N N 196 
LYS CA  HA   sing N N 197 
LYS C   O    doub N N 198 
LYS C   OXT  sing N N 199 
LYS CB  CG   sing N N 200 
LYS CB  HB2  sing N N 201 
LYS CB  HB3  sing N N 202 
LYS CG  CD   sing N N 203 
LYS CG  HG2  sing N N 204 
LYS CG  HG3  sing N N 205 
LYS CD  CE   sing N N 206 
LYS CD  HD2  sing N N 207 
LYS CD  HD3  sing N N 208 
LYS CE  NZ   sing N N 209 
LYS CE  HE2  sing N N 210 
LYS CE  HE3  sing N N 211 
LYS NZ  HZ1  sing N N 212 
LYS NZ  HZ2  sing N N 213 
LYS NZ  HZ3  sing N N 214 
LYS OXT HXT  sing N N 215 
MET N   CA   sing N N 216 
MET N   H    sing N N 217 
MET N   H2   sing N N 218 
MET CA  C    sing N N 219 
MET CA  CB   sing N N 220 
MET CA  HA   sing N N 221 
MET C   O    doub N N 222 
MET C   OXT  sing N N 223 
MET CB  CG   sing N N 224 
MET CB  HB2  sing N N 225 
MET CB  HB3  sing N N 226 
MET CG  SD   sing N N 227 
MET CG  HG2  sing N N 228 
MET CG  HG3  sing N N 229 
MET SD  CE   sing N N 230 
MET CE  HE1  sing N N 231 
MET CE  HE2  sing N N 232 
MET CE  HE3  sing N N 233 
MET OXT HXT  sing N N 234 
PHE N   CA   sing N N 235 
PHE N   H    sing N N 236 
PHE N   H2   sing N N 237 
PHE CA  C    sing N N 238 
PHE CA  CB   sing N N 239 
PHE CA  HA   sing N N 240 
PHE C   O    doub N N 241 
PHE C   OXT  sing N N 242 
PHE CB  CG   sing N N 243 
PHE CB  HB2  sing N N 244 
PHE CB  HB3  sing N N 245 
PHE CG  CD1  doub Y N 246 
PHE CG  CD2  sing Y N 247 
PHE CD1 CE1  sing Y N 248 
PHE CD1 HD1  sing N N 249 
PHE CD2 CE2  doub Y N 250 
PHE CD2 HD2  sing N N 251 
PHE CE1 CZ   doub Y N 252 
PHE CE1 HE1  sing N N 253 
PHE CE2 CZ   sing Y N 254 
PHE CE2 HE2  sing N N 255 
PHE CZ  HZ   sing N N 256 
PHE OXT HXT  sing N N 257 
PRO N   CA   sing N N 258 
PRO N   CD   sing N N 259 
PRO N   H    sing N N 260 
PRO CA  C    sing N N 261 
PRO CA  CB   sing N N 262 
PRO CA  HA   sing N N 263 
PRO C   O    doub N N 264 
PRO C   OXT  sing N N 265 
PRO CB  CG   sing N N 266 
PRO CB  HB2  sing N N 267 
PRO CB  HB3  sing N N 268 
PRO CG  CD   sing N N 269 
PRO CG  HG2  sing N N 270 
PRO CG  HG3  sing N N 271 
PRO CD  HD2  sing N N 272 
PRO CD  HD3  sing N N 273 
PRO OXT HXT  sing N N 274 
SER N   CA   sing N N 275 
SER N   H    sing N N 276 
SER N   H2   sing N N 277 
SER CA  C    sing N N 278 
SER CA  CB   sing N N 279 
SER CA  HA   sing N N 280 
SER C   O    doub N N 281 
SER C   OXT  sing N N 282 
SER CB  OG   sing N N 283 
SER CB  HB2  sing N N 284 
SER CB  HB3  sing N N 285 
SER OG  HG   sing N N 286 
SER OXT HXT  sing N N 287 
THR N   CA   sing N N 288 
THR N   H    sing N N 289 
THR N   H2   sing N N 290 
THR CA  C    sing N N 291 
THR CA  CB   sing N N 292 
THR CA  HA   sing N N 293 
THR C   O    doub N N 294 
THR C   OXT  sing N N 295 
THR CB  OG1  sing N N 296 
THR CB  CG2  sing N N 297 
THR CB  HB   sing N N 298 
THR OG1 HG1  sing N N 299 
THR CG2 HG21 sing N N 300 
THR CG2 HG22 sing N N 301 
THR CG2 HG23 sing N N 302 
THR OXT HXT  sing N N 303 
TRP N   CA   sing N N 304 
TRP N   H    sing N N 305 
TRP N   H2   sing N N 306 
TRP CA  C    sing N N 307 
TRP CA  CB   sing N N 308 
TRP CA  HA   sing N N 309 
TRP C   O    doub N N 310 
TRP C   OXT  sing N N 311 
TRP CB  CG   sing N N 312 
TRP CB  HB2  sing N N 313 
TRP CB  HB3  sing N N 314 
TRP CG  CD1  doub Y N 315 
TRP CG  CD2  sing Y N 316 
TRP CD1 NE1  sing Y N 317 
TRP CD1 HD1  sing N N 318 
TRP CD2 CE2  doub Y N 319 
TRP CD2 CE3  sing Y N 320 
TRP NE1 CE2  sing Y N 321 
TRP NE1 HE1  sing N N 322 
TRP CE2 CZ2  sing Y N 323 
TRP CE3 CZ3  doub Y N 324 
TRP CE3 HE3  sing N N 325 
TRP CZ2 CH2  doub Y N 326 
TRP CZ2 HZ2  sing N N 327 
TRP CZ3 CH2  sing Y N 328 
TRP CZ3 HZ3  sing N N 329 
TRP CH2 HH2  sing N N 330 
TRP OXT HXT  sing N N 331 
TYR N   CA   sing N N 332 
TYR N   H    sing N N 333 
TYR N   H2   sing N N 334 
TYR CA  C    sing N N 335 
TYR CA  CB   sing N N 336 
TYR CA  HA   sing N N 337 
TYR C   O    doub N N 338 
TYR C   OXT  sing N N 339 
TYR CB  CG   sing N N 340 
TYR CB  HB2  sing N N 341 
TYR CB  HB3  sing N N 342 
TYR CG  CD1  doub Y N 343 
TYR CG  CD2  sing Y N 344 
TYR CD1 CE1  sing Y N 345 
TYR CD1 HD1  sing N N 346 
TYR CD2 CE2  doub Y N 347 
TYR CD2 HD2  sing N N 348 
TYR CE1 CZ   doub Y N 349 
TYR CE1 HE1  sing N N 350 
TYR CE2 CZ   sing Y N 351 
TYR CE2 HE2  sing N N 352 
TYR CZ  OH   sing N N 353 
TYR OH  HH   sing N N 354 
TYR OXT HXT  sing N N 355 
VAL N   CA   sing N N 356 
VAL N   H    sing N N 357 
VAL N   H2   sing N N 358 
VAL CA  C    sing N N 359 
VAL CA  CB   sing N N 360 
VAL CA  HA   sing N N 361 
VAL C   O    doub N N 362 
VAL C   OXT  sing N N 363 
VAL CB  CG1  sing N N 364 
VAL CB  CG2  sing N N 365 
VAL CB  HB   sing N N 366 
VAL CG1 HG11 sing N N 367 
VAL CG1 HG12 sing N N 368 
VAL CG1 HG13 sing N N 369 
VAL CG2 HG21 sing N N 370 
VAL CG2 HG22 sing N N 371 
VAL CG2 HG23 sing N N 372 
VAL OXT HXT  sing N N 373 
# 
_pdbx_nmr_spectrometer.spectrometer_id   1 
_pdbx_nmr_spectrometer.model             UNITYPLUS 
_pdbx_nmr_spectrometer.manufacturer      Varian 
_pdbx_nmr_spectrometer.field_strength    500 
# 
_atom_sites.entry_id                    1A7I 
_atom_sites.fract_transf_matrix[1][1]   1.000000 
_atom_sites.fract_transf_matrix[1][2]   0.000000 
_atom_sites.fract_transf_matrix[1][3]   0.000000 
_atom_sites.fract_transf_matrix[2][1]   0.000000 
_atom_sites.fract_transf_matrix[2][2]   1.000000 
_atom_sites.fract_transf_matrix[2][3]   0.000000 
_atom_sites.fract_transf_matrix[3][1]   0.000000 
_atom_sites.fract_transf_matrix[3][2]   0.000000 
_atom_sites.fract_transf_matrix[3][3]   1.000000 
_atom_sites.fract_transf_vector[1]      0.00000 
_atom_sites.fract_transf_vector[2]      0.00000 
_atom_sites.fract_transf_vector[3]      0.00000 
# 
loop_
_atom_type.symbol 
C  
H  
N  
O  
S  
ZN 
# 
loop_
_atom_site.group_PDB 
_atom_site.id 
_atom_site.type_symbol 
_atom_site.label_atom_id 
_atom_site.label_alt_id 
_atom_site.label_comp_id 
_atom_site.label_asym_id 
_atom_site.label_entity_id 
_atom_site.label_seq_id 
_atom_site.pdbx_PDB_ins_code 
_atom_site.Cartn_x 
_atom_site.Cartn_y 
_atom_site.Cartn_z 
_atom_site.occupancy 
_atom_site.B_iso_or_equiv 
_atom_site.pdbx_formal_charge 
_atom_site.auth_seq_id 
_atom_site.auth_comp_id 
_atom_site.auth_asym_id 
_atom_site.auth_atom_id 
_atom_site.pdbx_PDB_model_num 
ATOM   1   N  N    . ASN A 1 8  ? 4.167   12.824  -0.542  1.00 0.00 ? 8  ASN A N    1 
ATOM   2   C  CA   . ASN A 1 8  ? 3.465   13.858  -1.242  1.00 0.00 ? 8  ASN A CA   1 
ATOM   3   C  C    . ASN A 1 8  ? 2.044   13.397  -1.347  1.00 0.00 ? 8  ASN A C    1 
ATOM   4   O  O    . ASN A 1 8  ? 1.201   13.782  -0.532  1.00 0.00 ? 8  ASN A O    1 
ATOM   5   C  CB   . ASN A 1 8  ? 4.043   14.165  -2.652  1.00 0.00 ? 8  ASN A CB   1 
ATOM   6   C  CG   . ASN A 1 8  ? 5.461   14.729  -2.521  1.00 0.00 ? 8  ASN A CG   1 
ATOM   7   O  OD1  . ASN A 1 8  ? 6.426   14.069  -2.902  1.00 0.00 ? 8  ASN A OD1  1 
ATOM   8   N  ND2  . ASN A 1 8  ? 5.598   15.969  -1.975  1.00 0.00 ? 8  ASN A ND2  1 
ATOM   9   H  H    . ASN A 1 8  ? 3.700   12.410  0.236   1.00 0.00 ? 8  ASN A H    1 
ATOM   10  H  HA   . ASN A 1 8  ? 3.487   14.739  -0.617  1.00 0.00 ? 8  ASN A HA   1 
ATOM   11  H  HB2  . ASN A 1 8  ? 4.096   13.243  -3.271  1.00 0.00 ? 8  ASN A HB2  1 
ATOM   12  H  HB3  . ASN A 1 8  ? 3.406   14.908  -3.181  1.00 0.00 ? 8  ASN A HB3  1 
ATOM   13  H  HD21 . ASN A 1 8  ? 4.790   16.475  -1.677  1.00 0.00 ? 8  ASN A HD21 1 
ATOM   14  H  HD22 . ASN A 1 8  ? 6.508   16.373  -1.874  1.00 0.00 ? 8  ASN A HD22 1 
ATOM   15  N  N    . LYS A 1 9  ? 1.755   12.512  -2.333  1.00 0.00 ? 9  LYS A N    1 
ATOM   16  C  CA   . LYS A 1 9  ? 0.409   12.121  -2.652  1.00 0.00 ? 9  LYS A CA   1 
ATOM   17  C  C    . LYS A 1 9  ? 0.338   10.627  -2.728  1.00 0.00 ? 9  LYS A C    1 
ATOM   18  O  O    . LYS A 1 9  ? 1.234   9.945   -3.222  1.00 0.00 ? 9  LYS A O    1 
ATOM   19  C  CB   . LYS A 1 9  ? -0.092  12.689  -4.000  1.00 0.00 ? 9  LYS A CB   1 
ATOM   20  C  CG   . LYS A 1 9  ? -0.202  14.219  -4.003  1.00 0.00 ? 9  LYS A CG   1 
ATOM   21  C  CD   . LYS A 1 9  ? -0.860  14.800  -5.260  1.00 0.00 ? 9  LYS A CD   1 
ATOM   22  C  CE   . LYS A 1 9  ? -0.037  14.606  -6.543  1.00 0.00 ? 9  LYS A CE   1 
ATOM   23  N  NZ   . LYS A 1 9  ? -0.710  15.237  -7.702  1.00 0.00 ? 9  LYS A NZ   1 
ATOM   24  H  H    . LYS A 1 9  ? 2.463   12.157  -2.938  1.00 0.00 ? 9  LYS A H    1 
ATOM   25  H  HA   . LYS A 1 9  ? -0.264  12.445  -1.873  1.00 0.00 ? 9  LYS A HA   1 
ATOM   26  H  HB2  . LYS A 1 9  ? 0.591   12.368  -4.817  1.00 0.00 ? 9  LYS A HB2  1 
ATOM   27  H  HB3  . LYS A 1 9  ? -1.106  12.289  -4.220  1.00 0.00 ? 9  LYS A HB3  1 
ATOM   28  H  HG2  . LYS A 1 9  ? -0.819  14.516  -3.127  1.00 0.00 ? 9  LYS A HG2  1 
ATOM   29  H  HG3  . LYS A 1 9  ? 0.807   14.669  -3.880  1.00 0.00 ? 9  LYS A HG3  1 
ATOM   30  H  HD2  . LYS A 1 9  ? -1.863  14.336  -5.382  1.00 0.00 ? 9  LYS A HD2  1 
ATOM   31  H  HD3  . LYS A 1 9  ? -1.003  15.889  -5.090  1.00 0.00 ? 9  LYS A HD3  1 
ATOM   32  H  HE2  . LYS A 1 9  ? 0.964   15.077  -6.437  1.00 0.00 ? 9  LYS A HE2  1 
ATOM   33  H  HE3  . LYS A 1 9  ? 0.090   13.527  -6.780  1.00 0.00 ? 9  LYS A HE3  1 
ATOM   34  H  HZ1  . LYS A 1 9  ? -0.824  16.255  -7.524  1.00 0.00 ? 9  LYS A HZ1  1 
ATOM   35  H  HZ2  . LYS A 1 9  ? -0.134  15.097  -8.557  1.00 0.00 ? 9  LYS A HZ2  1 
ATOM   36  H  HZ3  . LYS A 1 9  ? -1.644  14.803  -7.839  1.00 0.00 ? 9  LYS A HZ3  1 
ATOM   37  N  N    . CYS A 1 10 ? -0.788  10.121  -2.183  1.00 0.00 ? 10 CYS A N    1 
ATOM   38  C  CA   . CYS A 1 10 ? -1.211  8.762   -2.052  1.00 0.00 ? 10 CYS A CA   1 
ATOM   39  C  C    . CYS A 1 10 ? -1.729  8.261   -3.370  1.00 0.00 ? 10 CYS A C    1 
ATOM   40  O  O    . CYS A 1 10 ? -2.085  9.038   -4.255  1.00 0.00 ? 10 CYS A O    1 
ATOM   41  C  CB   . CYS A 1 10 ? -2.299  8.768   -0.954  1.00 0.00 ? 10 CYS A CB   1 
ATOM   42  S  SG   . CYS A 1 10 ? -3.308  7.306   -0.546  1.00 0.00 ? 10 CYS A SG   1 
ATOM   43  H  H    . CYS A 1 10 ? -1.443  10.735  -1.765  1.00 0.00 ? 10 CYS A H    1 
ATOM   44  H  HA   . CYS A 1 10 ? -0.361  8.188   -1.737  1.00 0.00 ? 10 CYS A HA   1 
ATOM   45  H  HB2  . CYS A 1 10 ? -1.758  9.081   -0.036  1.00 0.00 ? 10 CYS A HB2  1 
ATOM   46  H  HB3  . CYS A 1 10 ? -2.997  9.598   -1.197  1.00 0.00 ? 10 CYS A HB3  1 
ATOM   47  N  N    . GLY A 1 11 ? -1.763  6.917   -3.518  1.00 0.00 ? 11 GLY A N    1 
ATOM   48  C  CA   . GLY A 1 11 ? -2.199  6.246   -4.719  1.00 0.00 ? 11 GLY A CA   1 
ATOM   49  C  C    . GLY A 1 11 ? -3.698  6.145   -4.777  1.00 0.00 ? 11 GLY A C    1 
ATOM   50  O  O    . GLY A 1 11 ? -4.270  6.029   -5.860  1.00 0.00 ? 11 GLY A O    1 
ATOM   51  H  H    . GLY A 1 11 ? -1.456  6.327   -2.775  1.00 0.00 ? 11 GLY A H    1 
ATOM   52  H  HA2  . GLY A 1 11 ? -1.851  6.803   -5.577  1.00 0.00 ? 11 GLY A HA2  1 
ATOM   53  H  HA3  . GLY A 1 11 ? -1.800  5.244   -4.673  1.00 0.00 ? 11 GLY A HA3  1 
ATOM   54  N  N    . ALA A 1 12 ? -4.364  6.191   -3.600  1.00 0.00 ? 12 ALA A N    1 
ATOM   55  C  CA   . ALA A 1 12 ? -5.795  6.076   -3.465  1.00 0.00 ? 12 ALA A CA   1 
ATOM   56  C  C    . ALA A 1 12 ? -6.404  7.425   -3.552  1.00 0.00 ? 12 ALA A C    1 
ATOM   57  O  O    . ALA A 1 12 ? -6.891  7.811   -4.614  1.00 0.00 ? 12 ALA A O    1 
ATOM   58  C  CB   . ALA A 1 12 ? -6.208  5.351   -2.183  1.00 0.00 ? 12 ALA A CB   1 
ATOM   59  H  H    . ALA A 1 12 ? -3.871  6.301   -2.739  1.00 0.00 ? 12 ALA A H    1 
ATOM   60  H  HA   . ALA A 1 12 ? -6.204  5.530   -4.272  1.00 0.00 ? 12 ALA A HA   1 
ATOM   61  H  HB1  . ALA A 1 12 ? -5.604  5.733   -1.338  1.00 0.00 ? 12 ALA A HB1  1 
ATOM   62  H  HB2  . ALA A 1 12 ? -7.292  5.457   -1.958  1.00 0.00 ? 12 ALA A HB2  1 
ATOM   63  H  HB3  . ALA A 1 12 ? -5.984  4.270   -2.289  1.00 0.00 ? 12 ALA A HB3  1 
ATOM   64  N  N    . CYS A 1 13 ? -6.377  8.179   -2.434  1.00 0.00 ? 13 CYS A N    1 
ATOM   65  C  CA   . CYS A 1 13 ? -6.852  9.540   -2.395  1.00 0.00 ? 13 CYS A CA   1 
ATOM   66  C  C    . CYS A 1 13 ? -6.011  10.414  -3.275  1.00 0.00 ? 13 CYS A C    1 
ATOM   67  O  O    . CYS A 1 13 ? -6.343  10.704  -4.423  1.00 0.00 ? 13 CYS A O    1 
ATOM   68  C  CB   . CYS A 1 13 ? -6.936  10.301  -1.017  1.00 0.00 ? 13 CYS A CB   1 
ATOM   69  S  SG   . CYS A 1 13 ? -6.558  9.662   0.654   1.00 0.00 ? 13 CYS A SG   1 
ATOM   70  H  H    . CYS A 1 13 ? -6.053  7.756   -1.604  1.00 0.00 ? 13 CYS A H    1 
ATOM   71  H  HA   . CYS A 1 13 ? -7.846  9.527   -2.821  1.00 0.00 ? 13 CYS A HA   1 
ATOM   72  H  HB2  . CYS A 1 13 ? -6.612  11.361  -1.057  1.00 0.00 ? 13 CYS A HB2  1 
ATOM   73  H  HB3  . CYS A 1 13 ? -8.007  10.444  -0.985  1.00 0.00 ? 13 CYS A HB3  1 
ATOM   74  N  N    . GLY A 1 14 ? -4.900  10.855  -2.682  1.00 0.00 ? 14 GLY A N    1 
ATOM   75  C  CA   . GLY A 1 14 ? -4.019  11.835  -3.232  1.00 0.00 ? 14 GLY A CA   1 
ATOM   76  C  C    . GLY A 1 14 ? -3.995  12.975  -2.263  1.00 0.00 ? 14 GLY A C    1 
ATOM   77  O  O    . GLY A 1 14 ? -3.529  14.058  -2.613  1.00 0.00 ? 14 GLY A O    1 
ATOM   78  H  H    . GLY A 1 14 ? -4.725  10.558  -1.746  1.00 0.00 ? 14 GLY A H    1 
ATOM   79  H  HA2  . GLY A 1 14 ? -3.038  11.390  -3.272  1.00 0.00 ? 14 GLY A HA2  1 
ATOM   80  H  HA3  . GLY A 1 14 ? -4.385  12.192  -4.185  1.00 0.00 ? 14 GLY A HA3  1 
ATOM   81  N  N    . ARG A 1 15 ? -4.462  12.760  -0.994  1.00 0.00 ? 15 ARG A N    1 
ATOM   82  C  CA   . ARG A 1 15 ? -4.270  13.685  0.088   1.00 0.00 ? 15 ARG A CA   1 
ATOM   83  C  C    . ARG A 1 15 ? -2.810  13.688  0.505   1.00 0.00 ? 15 ARG A C    1 
ATOM   84  O  O    . ARG A 1 15 ? -1.959  13.101  -0.162  1.00 0.00 ? 15 ARG A O    1 
ATOM   85  C  CB   . ARG A 1 15 ? -5.200  13.284  1.255   1.00 0.00 ? 15 ARG A CB   1 
ATOM   86  C  CG   . ARG A 1 15 ? -6.675  13.658  1.053   1.00 0.00 ? 15 ARG A CG   1 
ATOM   87  C  CD   . ARG A 1 15 ? -6.943  15.170  1.081   1.00 0.00 ? 15 ARG A CD   1 
ATOM   88  N  NE   . ARG A 1 15 ? -8.418  15.395  0.924   1.00 0.00 ? 15 ARG A NE   1 
ATOM   89  C  CZ   . ARG A 1 15 ? -8.968  16.649  0.897   1.00 0.00 ? 15 ARG A CZ   1 
ATOM   90  N  NH1  . ARG A 1 15 ? -8.201  17.774  1.012   1.00 0.00 ? 15 ARG A NH1  1 
ATOM   91  N  NH2  . ARG A 1 15 ? -10.318 16.778  0.751   1.00 0.00 ? 15 ARG A NH2  1 
ATOM   92  H  H    . ARG A 1 15 ? -4.998  11.957  -0.692  1.00 0.00 ? 15 ARG A H    1 
ATOM   93  H  HA   . ARG A 1 15 ? -4.515  14.678  -0.258  1.00 0.00 ? 15 ARG A HA   1 
ATOM   94  H  HB2  . ARG A 1 15 ? -5.157  12.183  1.380   1.00 0.00 ? 15 ARG A HB2  1 
ATOM   95  H  HB3  . ARG A 1 15 ? -4.860  13.719  2.200   1.00 0.00 ? 15 ARG A HB3  1 
ATOM   96  H  HG2  . ARG A 1 15 ? -7.029  13.233  0.089   1.00 0.00 ? 15 ARG A HG2  1 
ATOM   97  H  HG3  . ARG A 1 15 ? -7.253  13.179  1.873   1.00 0.00 ? 15 ARG A HG3  1 
ATOM   98  H  HD2  . ARG A 1 15 ? -6.622  15.605  2.052   1.00 0.00 ? 15 ARG A HD2  1 
ATOM   99  H  HD3  . ARG A 1 15 ? -6.422  15.687  0.246   1.00 0.00 ? 15 ARG A HD3  1 
ATOM   100 H  HE   . ARG A 1 15 ? -9.019  14.600  0.836   1.00 0.00 ? 15 ARG A HE   1 
ATOM   101 H  HH11 . ARG A 1 15 ? -7.210  17.693  1.120   1.00 0.00 ? 15 ARG A HH11 1 
ATOM   102 H  HH12 . ARG A 1 15 ? -8.630  18.676  0.988   1.00 0.00 ? 15 ARG A HH12 1 
ATOM   103 H  HH21 . ARG A 1 15 ? -10.892 15.963  0.665   1.00 0.00 ? 15 ARG A HH21 1 
ATOM   104 H  HH22 . ARG A 1 15 ? -10.735 17.687  0.728   1.00 0.00 ? 15 ARG A HH22 1 
ATOM   105 N  N    . THR A 1 16 ? -2.469  14.371  1.623   1.00 0.00 ? 16 THR A N    1 
ATOM   106 C  CA   . THR A 1 16 ? -1.089  14.587  1.995   1.00 0.00 ? 16 THR A CA   1 
ATOM   107 C  C    . THR A 1 16 ? -0.526  13.538  2.928   1.00 0.00 ? 16 THR A C    1 
ATOM   108 O  O    . THR A 1 16 ? -0.799  13.550  4.124   1.00 0.00 ? 16 THR A O    1 
ATOM   109 C  CB   . THR A 1 16 ? -0.872  15.963  2.616   1.00 0.00 ? 16 THR A CB   1 
ATOM   110 O  OG1  . THR A 1 16 ? -1.431  16.967  1.775   1.00 0.00 ? 16 THR A OG1  1 
ATOM   111 C  CG2  . THR A 1 16 ? 0.642   16.251  2.788   1.00 0.00 ? 16 THR A CG2  1 
ATOM   112 H  H    . THR A 1 16 ? -3.150  14.819  2.196   1.00 0.00 ? 16 THR A H    1 
ATOM   113 H  HA   . THR A 1 16 ? -0.495  14.575  1.092   1.00 0.00 ? 16 THR A HA   1 
ATOM   114 H  HB   . THR A 1 16 ? -1.385  16.032  3.600   1.00 0.00 ? 16 THR A HB   1 
ATOM   115 H  HG1  . THR A 1 16 ? -1.439  17.773  2.296   1.00 0.00 ? 16 THR A HG1  1 
ATOM   116 H  HG21 . THR A 1 16 ? 1.174   16.150  1.817   1.00 0.00 ? 16 THR A HG21 1 
ATOM   117 H  HG22 . THR A 1 16 ? 0.800   17.282  3.167   1.00 0.00 ? 16 THR A HG22 1 
ATOM   118 H  HG23 . THR A 1 16 ? 1.108   15.552  3.514   1.00 0.00 ? 16 THR A HG23 1 
ATOM   119 N  N    . VAL A 1 17 ? 0.340   12.647  2.372   1.00 0.00 ? 17 VAL A N    1 
ATOM   120 C  CA   . VAL A 1 17 ? 1.222   11.722  3.030   1.00 0.00 ? 17 VAL A CA   1 
ATOM   121 C  C    . VAL A 1 17 ? 2.453   12.580  3.223   1.00 0.00 ? 17 VAL A C    1 
ATOM   122 O  O    . VAL A 1 17 ? 2.784   13.383  2.349   1.00 0.00 ? 17 VAL A O    1 
ATOM   123 C  CB   . VAL A 1 17 ? 1.671   10.517  2.208   1.00 0.00 ? 17 VAL A CB   1 
ATOM   124 C  CG1  . VAL A 1 17 ? 0.943   9.238   2.547   1.00 0.00 ? 17 VAL A CG1  1 
ATOM   125 C  CG2  . VAL A 1 17 ? 1.341   10.746  0.781   1.00 0.00 ? 17 VAL A CG2  1 
ATOM   126 H  H    . VAL A 1 17 ? 0.241   12.373  1.429   1.00 0.00 ? 17 VAL A H    1 
ATOM   127 H  HA   . VAL A 1 17 ? 0.765   11.365  3.909   1.00 0.00 ? 17 VAL A HA   1 
ATOM   128 H  HB   . VAL A 1 17 ? 2.757   10.329  2.296   1.00 0.00 ? 17 VAL A HB   1 
ATOM   129 H  HG11 . VAL A 1 17 ? 0.996   8.987   3.614   1.00 0.00 ? 17 VAL A HG11 1 
ATOM   130 H  HG12 . VAL A 1 17 ? -0.118  9.282   2.231   1.00 0.00 ? 17 VAL A HG12 1 
ATOM   131 H  HG13 . VAL A 1 17 ? 1.431   8.409   1.990   1.00 0.00 ? 17 VAL A HG13 1 
ATOM   132 H  HG21 . VAL A 1 17 ? 1.850   11.674  0.503   1.00 0.00 ? 17 VAL A HG21 1 
ATOM   133 H  HG22 . VAL A 1 17 ? 1.677   9.878   0.175   1.00 0.00 ? 17 VAL A HG22 1 
ATOM   134 H  HG23 . VAL A 1 17 ? 0.237   10.839  0.774   1.00 0.00 ? 17 VAL A HG23 1 
ATOM   135 N  N    . TYR A 1 18 ? 3.144   12.464  4.378   1.00 0.00 ? 18 TYR A N    1 
ATOM   136 C  CA   . TYR A 1 18 ? 4.248   13.353  4.661   1.00 0.00 ? 18 TYR A CA   1 
ATOM   137 C  C    . TYR A 1 18 ? 5.240   12.616  5.516   1.00 0.00 ? 18 TYR A C    1 
ATOM   138 O  O    . TYR A 1 18 ? 6.284   12.195  5.021   1.00 0.00 ? 18 TYR A O    1 
ATOM   139 C  CB   . TYR A 1 18 ? 3.789   14.680  5.341   1.00 0.00 ? 18 TYR A CB   1 
ATOM   140 C  CG   . TYR A 1 18 ? 4.902   15.695  5.400   1.00 0.00 ? 18 TYR A CG   1 
ATOM   141 C  CD1  . TYR A 1 18 ? 5.390   16.291  4.222   1.00 0.00 ? 18 TYR A CD1  1 
ATOM   142 C  CD2  . TYR A 1 18 ? 5.478   16.060  6.633   1.00 0.00 ? 18 TYR A CD2  1 
ATOM   143 C  CE1  . TYR A 1 18 ? 6.435   17.224  4.270   1.00 0.00 ? 18 TYR A CE1  1 
ATOM   144 C  CE2  . TYR A 1 18 ? 6.525   16.992  6.687   1.00 0.00 ? 18 TYR A CE2  1 
ATOM   145 C  CZ   . TYR A 1 18 ? 7.005   17.576  5.504   1.00 0.00 ? 18 TYR A CZ   1 
ATOM   146 O  OH   . TYR A 1 18 ? 8.059   18.515  5.556   1.00 0.00 ? 18 TYR A OH   1 
ATOM   147 H  H    . TYR A 1 18 ? 2.900   11.798  5.077   1.00 0.00 ? 18 TYR A H    1 
ATOM   148 H  HA   . TYR A 1 18 ? 4.752   13.578  3.730   1.00 0.00 ? 18 TYR A HA   1 
ATOM   149 H  HB2  . TYR A 1 18 ? 2.975   15.134  4.735   1.00 0.00 ? 18 TYR A HB2  1 
ATOM   150 H  HB3  . TYR A 1 18 ? 3.391   14.515  6.365   1.00 0.00 ? 18 TYR A HB3  1 
ATOM   151 H  HD1  . TYR A 1 18 ? 4.959   16.025  3.267   1.00 0.00 ? 18 TYR A HD1  1 
ATOM   152 H  HD2  . TYR A 1 18 ? 5.116   15.614  7.547   1.00 0.00 ? 18 TYR A HD2  1 
ATOM   153 H  HE1  . TYR A 1 18 ? 6.796   17.668  3.353   1.00 0.00 ? 18 TYR A HE1  1 
ATOM   154 H  HE2  . TYR A 1 18 ? 6.955   17.256  7.643   1.00 0.00 ? 18 TYR A HE2  1 
ATOM   155 H  HH   . TYR A 1 18 ? 8.313   18.625  6.475   1.00 0.00 ? 18 TYR A HH   1 
ATOM   156 N  N    . HIS A 1 19 ? 4.942   12.467  6.828   1.00 0.00 ? 19 HIS A N    1 
ATOM   157 C  CA   . HIS A 1 19 ? 5.855   11.883  7.775   1.00 0.00 ? 19 HIS A CA   1 
ATOM   158 C  C    . HIS A 1 19 ? 5.034   10.990  8.653   1.00 0.00 ? 19 HIS A C    1 
ATOM   159 O  O    . HIS A 1 19 ? 5.253   9.780   8.697   1.00 0.00 ? 19 HIS A O    1 
ATOM   160 C  CB   . HIS A 1 19 ? 6.580   12.960  8.627   1.00 0.00 ? 19 HIS A CB   1 
ATOM   161 C  CG   . HIS A 1 19 ? 7.620   12.416  9.573   1.00 0.00 ? 19 HIS A CG   1 
ATOM   162 N  ND1  . HIS A 1 19 ? 7.316   11.884  10.799  1.00 0.00 ? 19 HIS A ND1  1 
ATOM   163 C  CD2  . HIS A 1 19 ? 8.962   12.321  9.422   1.00 0.00 ? 19 HIS A CD2  1 
ATOM   164 C  CE1  . HIS A 1 19 ? 8.442   11.482  11.370  1.00 0.00 ? 19 HIS A CE1  1 
ATOM   165 N  NE2  . HIS A 1 19 ? 9.455   11.736  10.555  1.00 0.00 ? 19 HIS A NE2  1 
ATOM   166 H  H    . HIS A 1 19 ? 4.082   12.799  7.208   1.00 0.00 ? 19 HIS A H    1 
ATOM   167 H  HA   . HIS A 1 19 ? 6.583   11.271  7.261   1.00 0.00 ? 19 HIS A HA   1 
ATOM   168 H  HB2  . HIS A 1 19 ? 7.110   13.635  7.920   1.00 0.00 ? 19 HIS A HB2  1 
ATOM   169 H  HB3  . HIS A 1 19 ? 5.853   13.585  9.188   1.00 0.00 ? 19 HIS A HB3  1 
ATOM   170 H  HD1  . HIS A 1 19 ? 6.399   11.805  11.190  1.00 0.00 ? 19 HIS A HD1  1 
ATOM   171 H  HD2  . HIS A 1 19 ? 9.597   12.622  8.599   1.00 0.00 ? 19 HIS A HD2  1 
ATOM   172 H  HE1  . HIS A 1 19 ? 8.520   11.025  12.335  1.00 0.00 ? 19 HIS A HE1  1 
ATOM   173 N  N    . ALA A 1 20 ? 4.059   11.587  9.379   1.00 0.00 ? 20 ALA A N    1 
ATOM   174 C  CA   . ALA A 1 20 ? 3.220   10.918  10.333  1.00 0.00 ? 20 ALA A CA   1 
ATOM   175 C  C    . ALA A 1 20 ? 2.246   10.014  9.636   1.00 0.00 ? 20 ALA A C    1 
ATOM   176 O  O    . ALA A 1 20 ? 2.166   8.825   9.937   1.00 0.00 ? 20 ALA A O    1 
ATOM   177 C  CB   . ALA A 1 20 ? 2.421   11.919  11.197  1.00 0.00 ? 20 ALA A CB   1 
ATOM   178 H  H    . ALA A 1 20 ? 3.910   12.566  9.341   1.00 0.00 ? 20 ALA A H    1 
ATOM   179 H  HA   . ALA A 1 20 ? 3.869   10.341  10.967  1.00 0.00 ? 20 ALA A HA   1 
ATOM   180 H  HB1  . ALA A 1 20 ? 1.768   12.565  10.572  1.00 0.00 ? 20 ALA A HB1  1 
ATOM   181 H  HB2  . ALA A 1 20 ? 1.788   11.389  11.942  1.00 0.00 ? 20 ALA A HB2  1 
ATOM   182 H  HB3  . ALA A 1 20 ? 3.124   12.578  11.750  1.00 0.00 ? 20 ALA A HB3  1 
ATOM   183 N  N    . GLU A 1 21 ? 1.489   10.585  8.670   1.00 0.00 ? 21 GLU A N    1 
ATOM   184 C  CA   . GLU A 1 21 ? 0.419   9.923   7.971   1.00 0.00 ? 21 GLU A CA   1 
ATOM   185 C  C    . GLU A 1 21 ? 0.912   9.249   6.720   1.00 0.00 ? 21 GLU A C    1 
ATOM   186 O  O    . GLU A 1 21 ? 0.201   9.252   5.721   1.00 0.00 ? 21 GLU A O    1 
ATOM   187 C  CB   . GLU A 1 21 ? -0.755  10.878  7.583   1.00 0.00 ? 21 GLU A CB   1 
ATOM   188 C  CG   . GLU A 1 21 ? -0.369  12.171  6.837   1.00 0.00 ? 21 GLU A CG   1 
ATOM   189 C  CD   . GLU A 1 21 ? 0.227   13.223  7.780   1.00 0.00 ? 21 GLU A CD   1 
ATOM   190 O  OE1  . GLU A 1 21 ? -0.492  13.656  8.720   1.00 0.00 ? 21 GLU A OE1  1 
ATOM   191 O  OE2  . GLU A 1 21 ? 1.409   13.604  7.573   1.00 0.00 ? 21 GLU A OE2  1 
ATOM   192 H  H    . GLU A 1 21 ? 1.613   11.543  8.428   1.00 0.00 ? 21 GLU A H    1 
ATOM   193 H  HA   . GLU A 1 21 ? 0.012   9.160   8.618   1.00 0.00 ? 21 GLU A HA   1 
ATOM   194 H  HB2  . GLU A 1 21 ? -1.480  10.355  6.911   1.00 0.00 ? 21 GLU A HB2  1 
ATOM   195 H  HB3  . GLU A 1 21 ? -1.313  11.146  8.506   1.00 0.00 ? 21 GLU A HB3  1 
ATOM   196 H  HG2  . GLU A 1 21 ? 0.325   11.939  5.996   1.00 0.00 ? 21 GLU A HG2  1 
ATOM   197 H  HG3  . GLU A 1 21 ? -1.297  12.595  6.400   1.00 0.00 ? 21 GLU A HG3  1 
ATOM   198 N  N    . GLU A 1 22 ? 2.099   8.597   6.745   1.00 0.00 ? 22 GLU A N    1 
ATOM   199 C  CA   . GLU A 1 22 ? 2.567   7.824   5.628   1.00 0.00 ? 22 GLU A CA   1 
ATOM   200 C  C    . GLU A 1 22 ? 3.311   6.648   6.153   1.00 0.00 ? 22 GLU A C    1 
ATOM   201 O  O    . GLU A 1 22 ? 3.829   6.650   7.269   1.00 0.00 ? 22 GLU A O    1 
ATOM   202 C  CB   . GLU A 1 22 ? 3.471   8.629   4.652   1.00 0.00 ? 22 GLU A CB   1 
ATOM   203 C  CG   . GLU A 1 22 ? 4.827   9.162   5.144   1.00 0.00 ? 22 GLU A CG   1 
ATOM   204 C  CD   . GLU A 1 22 ? 5.913   8.091   5.229   1.00 0.00 ? 22 GLU A CD   1 
ATOM   205 O  OE1  . GLU A 1 22 ? 6.143   7.406   4.201   1.00 0.00 ? 22 GLU A OE1  1 
ATOM   206 O  OE2  . GLU A 1 22 ? 6.530   7.944   6.319   1.00 0.00 ? 22 GLU A OE2  1 
ATOM   207 H  H    . GLU A 1 22 ? 2.735   8.663   7.504   1.00 0.00 ? 22 GLU A H    1 
ATOM   208 H  HA   . GLU A 1 22 ? 1.710   7.449   5.090   1.00 0.00 ? 22 GLU A HA   1 
ATOM   209 H  HB2  . GLU A 1 22 ? 3.556   8.162   3.633   1.00 0.00 ? 22 GLU A HB2  1 
ATOM   210 H  HB3  . GLU A 1 22 ? 2.898   9.566   4.539   1.00 0.00 ? 22 GLU A HB3  1 
ATOM   211 H  HG2  . GLU A 1 22 ? 5.156   9.919   4.401   1.00 0.00 ? 22 GLU A HG2  1 
ATOM   212 H  HG3  . GLU A 1 22 ? 4.693   9.666   6.123   1.00 0.00 ? 22 GLU A HG3  1 
ATOM   213 N  N    . VAL A 1 23 ? 3.347   5.596   5.311   1.00 0.00 ? 23 VAL A N    1 
ATOM   214 C  CA   . VAL A 1 23 ? 4.142   4.419   5.502   1.00 0.00 ? 23 VAL A CA   1 
ATOM   215 C  C    . VAL A 1 23 ? 4.766   4.278   4.151   1.00 0.00 ? 23 VAL A C    1 
ATOM   216 O  O    . VAL A 1 23 ? 4.089   4.462   3.139   1.00 0.00 ? 23 VAL A O    1 
ATOM   217 C  CB   . VAL A 1 23 ? 3.338   3.166   5.803   1.00 0.00 ? 23 VAL A CB   1 
ATOM   218 C  CG1  . VAL A 1 23 ? 4.262   1.952   6.034   1.00 0.00 ? 23 VAL A CG1  1 
ATOM   219 C  CG2  . VAL A 1 23 ? 2.400   3.421   6.987   1.00 0.00 ? 23 VAL A CG2  1 
ATOM   220 H  H    . VAL A 1 23 ? 2.861   5.629   4.442   1.00 0.00 ? 23 VAL A H    1 
ATOM   221 H  HA   . VAL A 1 23 ? 4.908   4.596   6.246   1.00 0.00 ? 23 VAL A HA   1 
ATOM   222 H  HB   . VAL A 1 23 ? 2.675   2.944   4.951   1.00 0.00 ? 23 VAL A HB   1 
ATOM   223 H  HG11 . VAL A 1 23 ? 4.982   2.159   6.854   1.00 0.00 ? 23 VAL A HG11 1 
ATOM   224 H  HG12 . VAL A 1 23 ? 3.656   1.063   6.309   1.00 0.00 ? 23 VAL A HG12 1 
ATOM   225 H  HG13 . VAL A 1 23 ? 4.829   1.704   5.112   1.00 0.00 ? 23 VAL A HG13 1 
ATOM   226 H  HG21 . VAL A 1 23 ? 2.982   3.746   7.875   1.00 0.00 ? 23 VAL A HG21 1 
ATOM   227 H  HG22 . VAL A 1 23 ? 1.654   4.199   6.720   1.00 0.00 ? 23 VAL A HG22 1 
ATOM   228 H  HG23 . VAL A 1 23 ? 1.848   2.487   7.223   1.00 0.00 ? 23 VAL A HG23 1 
ATOM   229 N  N    . GLN A 1 24 ? 6.072   3.934   4.103   1.00 0.00 ? 24 GLN A N    1 
ATOM   230 C  CA   . GLN A 1 24 ? 6.800   3.881   2.859   1.00 0.00 ? 24 GLN A CA   1 
ATOM   231 C  C    . GLN A 1 24 ? 6.629   2.500   2.321   1.00 0.00 ? 24 GLN A C    1 
ATOM   232 O  O    . GLN A 1 24 ? 6.721   1.511   3.048   1.00 0.00 ? 24 GLN A O    1 
ATOM   233 C  CB   . GLN A 1 24 ? 8.320   4.132   2.994   1.00 0.00 ? 24 GLN A CB   1 
ATOM   234 C  CG   . GLN A 1 24 ? 8.660   5.543   3.499   1.00 0.00 ? 24 GLN A CG   1 
ATOM   235 C  CD   . GLN A 1 24 ? 10.178  5.721   3.581   1.00 0.00 ? 24 GLN A CD   1 
ATOM   236 O  OE1  . GLN A 1 24 ? 10.734  5.784   4.676   1.00 0.00 ? 24 GLN A OE1  1 
ATOM   237 N  NE2  . GLN A 1 24 ? 10.865  5.808   2.409   1.00 0.00 ? 24 GLN A NE2  1 
ATOM   238 H  H    . GLN A 1 24 ? 6.584   3.746   4.936   1.00 0.00 ? 24 GLN A H    1 
ATOM   239 H  HA   . GLN A 1 24 ? 6.386   4.596   2.159   1.00 0.00 ? 24 GLN A HA   1 
ATOM   240 H  HB2  . GLN A 1 24 ? 8.762   3.388   3.693   1.00 0.00 ? 24 GLN A HB2  1 
ATOM   241 H  HB3  . GLN A 1 24 ? 8.786   3.994   1.993   1.00 0.00 ? 24 GLN A HB3  1 
ATOM   242 H  HG2  . GLN A 1 24 ? 8.227   6.303   2.812   1.00 0.00 ? 24 GLN A HG2  1 
ATOM   243 H  HG3  . GLN A 1 24 ? 8.228   5.694   4.511   1.00 0.00 ? 24 GLN A HG3  1 
ATOM   244 H  HE21 . GLN A 1 24 ? 10.377  5.752   1.537   1.00 0.00 ? 24 GLN A HE21 1 
ATOM   245 H  HE22 . GLN A 1 24 ? 11.857  5.926   2.419   1.00 0.00 ? 24 GLN A HE22 1 
ATOM   246 N  N    . CYS A 1 25 ? 6.330   2.435   1.009   1.00 0.00 ? 25 CYS A N    1 
ATOM   247 C  CA   . CYS A 1 25 ? 6.034   1.209   0.338   1.00 0.00 ? 25 CYS A CA   1 
ATOM   248 C  C    . CYS A 1 25 ? 6.665   1.359   -1.013  1.00 0.00 ? 25 CYS A C    1 
ATOM   249 O  O    . CYS A 1 25 ? 6.017   1.810   -1.953  1.00 0.00 ? 25 CYS A O    1 
ATOM   250 C  CB   . CYS A 1 25 ? 4.504   0.968   0.202   1.00 0.00 ? 25 CYS A CB   1 
ATOM   251 S  SG   . CYS A 1 25 ? 4.138   -0.705  -0.418  1.00 0.00 ? 25 CYS A SG   1 
ATOM   252 H  H    . CYS A 1 25 ? 6.288   3.258   0.450   1.00 0.00 ? 25 CYS A H    1 
ATOM   253 H  HA   . CYS A 1 25 ? 6.507   0.384   0.855   1.00 0.00 ? 25 CYS A HA   1 
ATOM   254 H  HB2  . CYS A 1 25 ? 4.019   1.100   1.195   1.00 0.00 ? 25 CYS A HB2  1 
ATOM   255 H  HB3  . CYS A 1 25 ? 4.039   1.746   -0.446  1.00 0.00 ? 25 CYS A HB3  1 
ATOM   256 H  HG   . CYS A 1 25 ? 2.822   -0.543  -0.420  1.00 0.00 ? 25 CYS A HG   1 
ATOM   257 N  N    . ASP A 1 26 ? 7.964   0.987   -1.118  1.00 0.00 ? 26 ASP A N    1 
ATOM   258 C  CA   . ASP A 1 26 ? 8.753   1.031   -2.328  1.00 0.00 ? 26 ASP A CA   1 
ATOM   259 C  C    . ASP A 1 26 ? 9.033   2.469   -2.717  1.00 0.00 ? 26 ASP A C    1 
ATOM   260 O  O    . ASP A 1 26 ? 9.769   3.165   -2.019  1.00 0.00 ? 26 ASP A O    1 
ATOM   261 C  CB   . ASP A 1 26 ? 8.174   0.155   -3.489  1.00 0.00 ? 26 ASP A CB   1 
ATOM   262 C  CG   . ASP A 1 26 ? 9.173   -0.122  -4.630  1.00 0.00 ? 26 ASP A CG   1 
ATOM   263 O  OD1  . ASP A 1 26 ? 10.376  0.239   -4.515  1.00 0.00 ? 26 ASP A OD1  1 
ATOM   264 O  OD2  . ASP A 1 26 ? 8.724   -0.715  -5.647  1.00 0.00 ? 26 ASP A OD2  1 
ATOM   265 H  H    . ASP A 1 26 ? 8.451   0.639   -0.321  1.00 0.00 ? 26 ASP A H    1 
ATOM   266 H  HA   . ASP A 1 26 ? 9.699   0.598   -2.036  1.00 0.00 ? 26 ASP A HA   1 
ATOM   267 H  HB2  . ASP A 1 26 ? 7.898   -0.829  -3.057  1.00 0.00 ? 26 ASP A HB2  1 
ATOM   268 H  HB3  . ASP A 1 26 ? 7.248   0.606   -3.906  1.00 0.00 ? 26 ASP A HB3  1 
ATOM   269 N  N    . GLY A 1 27 ? 8.453   2.935   -3.849  1.00 0.00 ? 27 GLY A N    1 
ATOM   270 C  CA   . GLY A 1 27 ? 8.751   4.221   -4.433  1.00 0.00 ? 27 GLY A CA   1 
ATOM   271 C  C    . GLY A 1 27 ? 7.826   5.271   -3.904  1.00 0.00 ? 27 GLY A C    1 
ATOM   272 O  O    . GLY A 1 27 ? 8.235   6.410   -3.687  1.00 0.00 ? 27 GLY A O    1 
ATOM   273 H  H    . GLY A 1 27 ? 7.827   2.367   -4.378  1.00 0.00 ? 27 GLY A H    1 
ATOM   274 H  HA2  . GLY A 1 27 ? 9.769   4.496   -4.194  1.00 0.00 ? 27 GLY A HA2  1 
ATOM   275 H  HA3  . GLY A 1 27 ? 8.576   4.123   -5.494  1.00 0.00 ? 27 GLY A HA3  1 
ATOM   276 N  N    . ARG A 1 28 ? 6.539   4.905   -3.695  1.00 0.00 ? 28 ARG A N    1 
ATOM   277 C  CA   . ARG A 1 28 ? 5.508   5.791   -3.231  1.00 0.00 ? 28 ARG A CA   1 
ATOM   278 C  C    . ARG A 1 28 ? 5.364   5.529   -1.762  1.00 0.00 ? 28 ARG A C    1 
ATOM   279 O  O    . ARG A 1 28 ? 6.069   4.703   -1.185  1.00 0.00 ? 28 ARG A O    1 
ATOM   280 C  CB   . ARG A 1 28 ? 4.134   5.540   -3.939  1.00 0.00 ? 28 ARG A CB   1 
ATOM   281 C  CG   . ARG A 1 28 ? 3.450   4.190   -3.673  1.00 0.00 ? 28 ARG A CG   1 
ATOM   282 C  CD   . ARG A 1 28 ? 4.063   2.921   -4.300  1.00 0.00 ? 28 ARG A CD   1 
ATOM   283 N  NE   . ARG A 1 28 ? 4.025   3.018   -5.793  1.00 0.00 ? 28 ARG A NE   1 
ATOM   284 C  CZ   . ARG A 1 28 ? 4.463   1.996   -6.595  1.00 0.00 ? 28 ARG A CZ   1 
ATOM   285 N  NH1  . ARG A 1 28 ? 4.920   0.817   -6.077  1.00 0.00 ? 28 ARG A NH1  1 
ATOM   286 N  NH2  . ARG A 1 28 ? 4.439   2.162   -7.950  1.00 0.00 ? 28 ARG A NH2  1 
ATOM   287 H  H    . ARG A 1 28 ? 6.224   3.964   -3.814  1.00 0.00 ? 28 ARG A H    1 
ATOM   288 H  HA   . ARG A 1 28 ? 5.804   6.820   -3.379  1.00 0.00 ? 28 ARG A HA   1 
ATOM   289 H  HB2  . ARG A 1 28 ? 3.374   6.277   -3.594  1.00 0.00 ? 28 ARG A HB2  1 
ATOM   290 H  HB3  . ARG A 1 28 ? 4.239   5.672   -5.036  1.00 0.00 ? 28 ARG A HB3  1 
ATOM   291 H  HG2  . ARG A 1 28 ? 3.403   4.086   -2.569  1.00 0.00 ? 28 ARG A HG2  1 
ATOM   292 H  HG3  . ARG A 1 28 ? 2.407   4.285   -4.041  1.00 0.00 ? 28 ARG A HG3  1 
ATOM   293 H  HD2  . ARG A 1 28 ? 5.117   2.777   -3.995  1.00 0.00 ? 28 ARG A HD2  1 
ATOM   294 H  HD3  . ARG A 1 28 ? 3.474   2.029   -3.995  1.00 0.00 ? 28 ARG A HD3  1 
ATOM   295 H  HE   . ARG A 1 28 ? 3.698   3.863   -6.216  1.00 0.00 ? 28 ARG A HE   1 
ATOM   296 H  HH11 . ARG A 1 28 ? 4.942   0.681   -5.086  1.00 0.00 ? 28 ARG A HH11 1 
ATOM   297 H  HH12 . ARG A 1 28 ? 5.230   0.089   -6.689  1.00 0.00 ? 28 ARG A HH12 1 
ATOM   298 H  HH21 . ARG A 1 28 ? 4.105   3.018   -8.342  1.00 0.00 ? 28 ARG A HH21 1 
ATOM   299 H  HH22 . ARG A 1 28 ? 4.752   1.425   -8.548  1.00 0.00 ? 28 ARG A HH22 1 
ATOM   300 N  N    . SER A 1 29 ? 4.422   6.246   -1.123  1.00 0.00 ? 29 SER A N    1 
ATOM   301 C  CA   . SER A 1 29 ? 3.939   5.999   0.166   1.00 0.00 ? 29 SER A CA   1 
ATOM   302 C  C    . SER A 1 29 ? 2.467   6.019   -0.072  1.00 0.00 ? 29 SER A C    1 
ATOM   303 O  O    . SER A 1 29 ? 1.992   6.478   -1.111  1.00 0.00 ? 29 SER A O    1 
ATOM   304 C  CB   . SER A 1 29 ? 4.245   7.116   1.164   1.00 0.00 ? 29 SER A CB   1 
ATOM   305 O  OG   . SER A 1 29 ? 5.644   7.324   1.296   1.00 0.00 ? 29 SER A OG   1 
ATOM   306 H  H    . SER A 1 29 ? 3.867   6.966   -1.492  1.00 0.00 ? 29 SER A H    1 
ATOM   307 H  HA   . SER A 1 29 ? 4.250   5.024   0.517   1.00 0.00 ? 29 SER A HA   1 
ATOM   308 H  HB2  . SER A 1 29 ? 3.706   8.092   1.093   1.00 0.00 ? 29 SER A HB2  1 
ATOM   309 H  HB3  . SER A 1 29 ? 3.852   6.646   2.049   1.00 0.00 ? 29 SER A HB3  1 
ATOM   310 H  HG   . SER A 1 29 ? 5.750   7.961   2.007   1.00 0.00 ? 29 SER A HG   1 
ATOM   311 N  N    . PHE A 1 30 ? 1.704   5.533   0.915   1.00 0.00 ? 30 PHE A N    1 
ATOM   312 C  CA   . PHE A 1 30 ? 0.279   5.717   0.903   1.00 0.00 ? 30 PHE A CA   1 
ATOM   313 C  C    . PHE A 1 30 ? -0.002  6.252   2.227   1.00 0.00 ? 30 PHE A C    1 
ATOM   314 O  O    . PHE A 1 30 ? 0.849   6.202   3.116   1.00 0.00 ? 30 PHE A O    1 
ATOM   315 C  CB   . PHE A 1 30 ? -0.561  4.438   0.878   1.00 0.00 ? 30 PHE A CB   1 
ATOM   316 C  CG   . PHE A 1 30 ? -0.078  3.629   -0.286  1.00 0.00 ? 30 PHE A CG   1 
ATOM   317 C  CD1  . PHE A 1 30 ? -0.476  4.038   -1.575  1.00 0.00 ? 30 PHE A CD1  1 
ATOM   318 C  CD2  . PHE A 1 30 ? 0.884   2.604   -0.159  1.00 0.00 ? 30 PHE A CD2  1 
ATOM   319 C  CE1  . PHE A 1 30 ? 0.048   3.419   -2.716  1.00 0.00 ? 30 PHE A CE1  1 
ATOM   320 C  CE2  . PHE A 1 30 ? 1.323   1.925   -1.301  1.00 0.00 ? 30 PHE A CE2  1 
ATOM   321 C  CZ   . PHE A 1 30 ? 0.899   2.320   -2.575  1.00 0.00 ? 30 PHE A CZ   1 
ATOM   322 H  H    . PHE A 1 30 ? 2.099   5.118   1.736   1.00 0.00 ? 30 PHE A H    1 
ATOM   323 H  HA   . PHE A 1 30 ? -0.037  6.429   0.150   1.00 0.00 ? 30 PHE A HA   1 
ATOM   324 H  HB2  . PHE A 1 30 ? -0.473  3.925   1.868   1.00 0.00 ? 30 PHE A HB2  1 
ATOM   325 H  HB3  . PHE A 1 30 ? -1.636  4.670   0.709   1.00 0.00 ? 30 PHE A HB3  1 
ATOM   326 H  HD1  . PHE A 1 30 ? -1.159  4.869   -1.680  1.00 0.00 ? 30 PHE A HD1  1 
ATOM   327 H  HD2  . PHE A 1 30 ? 1.348   2.368   0.794   1.00 0.00 ? 30 PHE A HD2  1 
ATOM   328 H  HE1  . PHE A 1 30 ? -0.161  3.812   -3.701  1.00 0.00 ? 30 PHE A HE1  1 
ATOM   329 H  HE2  . PHE A 1 30 ? 2.029   1.121   -1.203  1.00 0.00 ? 30 PHE A HE2  1 
ATOM   330 H  HZ   . PHE A 1 30 ? 1.273   1.819   -3.454  1.00 0.00 ? 30 PHE A HZ   1 
ATOM   331 N  N    . HIS A 1 31 ? -1.247  6.730   2.412   1.00 0.00 ? 31 HIS A N    1 
ATOM   332 C  CA   . HIS A 1 31 ? -1.630  7.161   3.711   1.00 0.00 ? 31 HIS A CA   1 
ATOM   333 C  C    . HIS A 1 31 ? -1.718  6.023   4.650   1.00 0.00 ? 31 HIS A C    1 
ATOM   334 O  O    . HIS A 1 31 ? -2.047  4.890   4.324   1.00 0.00 ? 31 HIS A O    1 
ATOM   335 C  CB   . HIS A 1 31 ? -2.905  7.983   3.839   1.00 0.00 ? 31 HIS A CB   1 
ATOM   336 C  CG   . HIS A 1 31 ? -2.863  9.145   2.961   1.00 0.00 ? 31 HIS A CG   1 
ATOM   337 N  ND1  . HIS A 1 31 ? -3.609  9.367   1.843   1.00 0.00 ? 31 HIS A ND1  1 
ATOM   338 C  CD2  . HIS A 1 31 ? -2.080  10.210  3.161   1.00 0.00 ? 31 HIS A CD2  1 
ATOM   339 C  CE1  . HIS A 1 31 ? -3.316  10.577  1.404   1.00 0.00 ? 31 HIS A CE1  1 
ATOM   340 N  NE2  . HIS A 1 31 ? -2.382  11.100  2.180   1.00 0.00 ? 31 HIS A NE2  1 
ATOM   341 H  H    . HIS A 1 31 ? -1.912  6.826   1.675   1.00 0.00 ? 31 HIS A H    1 
ATOM   342 H  HA   . HIS A 1 31 ? -0.844  7.816   4.052   1.00 0.00 ? 31 HIS A HA   1 
ATOM   343 H  HB2  . HIS A 1 31 ? -3.835  7.396   3.711   1.00 0.00 ? 31 HIS A HB2  1 
ATOM   344 H  HB3  . HIS A 1 31 ? -2.865  8.487   4.830   1.00 0.00 ? 31 HIS A HB3  1 
ATOM   345 H  HD2  . HIS A 1 31 ? -1.276  10.257  3.894   1.00 0.00 ? 31 HIS A HD2  1 
ATOM   346 H  HE1  . HIS A 1 31 ? -3.741  11.059  0.553   1.00 0.00 ? 31 HIS A HE1  1 
ATOM   347 H  HE2  . HIS A 1 31 ? -1.928  11.978  2.032   1.00 0.00 ? 31 HIS A HE2  1 
ATOM   348 N  N    . ARG A 1 32 ? -1.335  6.394   5.858   1.00 0.00 ? 32 ARG A N    1 
ATOM   349 C  CA   . ARG A 1 32 ? -1.289  5.597   7.069   1.00 0.00 ? 32 ARG A CA   1 
ATOM   350 C  C    . ARG A 1 32 ? -2.515  4.724   7.261   1.00 0.00 ? 32 ARG A C    1 
ATOM   351 O  O    . ARG A 1 32 ? -2.389  3.514   7.448   1.00 0.00 ? 32 ARG A O    1 
ATOM   352 C  CB   . ARG A 1 32 ? -1.083  6.490   8.311   1.00 0.00 ? 32 ARG A CB   1 
ATOM   353 C  CG   . ARG A 1 32 ? -1.065  5.770   9.671   1.00 0.00 ? 32 ARG A CG   1 
ATOM   354 C  CD   . ARG A 1 32 ? -0.548  6.645   10.824  1.00 0.00 ? 32 ARG A CD   1 
ATOM   355 N  NE   . ARG A 1 32 ? -1.350  7.914   10.875  1.00 0.00 ? 32 ARG A NE   1 
ATOM   356 C  CZ   . ARG A 1 32 ? -0.973  8.992   11.632  1.00 0.00 ? 32 ARG A CZ   1 
ATOM   357 N  NH1  . ARG A 1 32 ? 0.106   8.944   12.468  1.00 0.00 ? 32 ARG A NH1  1 
ATOM   358 N  NH2  . ARG A 1 32 ? -1.696  10.146  11.545  1.00 0.00 ? 32 ARG A NH2  1 
ATOM   359 H  H    . ARG A 1 32 ? -0.972  7.327   5.789   1.00 0.00 ? 32 ARG A H    1 
ATOM   360 H  HA   . ARG A 1 32 ? -0.435  4.942   6.974   1.00 0.00 ? 32 ARG A HA   1 
ATOM   361 H  HB2  . ARG A 1 32 ? -0.097  6.984   8.191   1.00 0.00 ? 32 ARG A HB2  1 
ATOM   362 H  HB3  . ARG A 1 32 ? -1.863  7.282   8.324   1.00 0.00 ? 32 ARG A HB3  1 
ATOM   363 H  HG2  . ARG A 1 32 ? -2.089  5.413   9.913   1.00 0.00 ? 32 ARG A HG2  1 
ATOM   364 H  HG3  . ARG A 1 32 ? -0.399  4.883   9.596   1.00 0.00 ? 32 ARG A HG3  1 
ATOM   365 H  HD2  . ARG A 1 32 ? -0.649  6.122   11.799  1.00 0.00 ? 32 ARG A HD2  1 
ATOM   366 H  HD3  . ARG A 1 32 ? 0.518   6.905   10.646  1.00 0.00 ? 32 ARG A HD3  1 
ATOM   367 H  HE   . ARG A 1 32 ? -2.149  7.998   10.280  1.00 0.00 ? 32 ARG A HE   1 
ATOM   368 H  HH11 . ARG A 1 32 ? 0.645   8.106   12.540  1.00 0.00 ? 32 ARG A HH11 1 
ATOM   369 H  HH12 . ARG A 1 32 ? 0.357   9.749   13.006  1.00 0.00 ? 32 ARG A HH12 1 
ATOM   370 H  HH21 . ARG A 1 32 ? -2.486  10.196  10.934  1.00 0.00 ? 32 ARG A HH21 1 
ATOM   371 H  HH22 . ARG A 1 32 ? -1.432  10.942  12.089  1.00 0.00 ? 32 ARG A HH22 1 
ATOM   372 N  N    . CYS A 1 33 ? -3.730  5.321   7.186   1.00 0.00 ? 33 CYS A N    1 
ATOM   373 C  CA   . CYS A 1 33 ? -4.980  4.605   7.316   1.00 0.00 ? 33 CYS A CA   1 
ATOM   374 C  C    . CYS A 1 33 ? -5.430  4.097   5.979   1.00 0.00 ? 33 CYS A C    1 
ATOM   375 O  O    . CYS A 1 33 ? -5.841  2.944   5.855   1.00 0.00 ? 33 CYS A O    1 
ATOM   376 C  CB   . CYS A 1 33 ? -6.135  5.497   7.798   1.00 0.00 ? 33 CYS A CB   1 
ATOM   377 S  SG   . CYS A 1 33 ? -5.832  6.186   9.456   1.00 0.00 ? 33 CYS A SG   1 
ATOM   378 H  H    . CYS A 1 33 ? -3.814  6.302   7.025   1.00 0.00 ? 33 CYS A H    1 
ATOM   379 H  HA   . CYS A 1 33 ? -4.852  3.770   7.992   1.00 0.00 ? 33 CYS A HA   1 
ATOM   380 H  HB2  . CYS A 1 33 ? -6.281  6.317   7.061   1.00 0.00 ? 33 CYS A HB2  1 
ATOM   381 H  HB3  . CYS A 1 33 ? -7.059  4.877   7.793   1.00 0.00 ? 33 CYS A HB3  1 
ATOM   382 H  HG   . CYS A 1 33 ? -6.979  6.848   9.517   1.00 0.00 ? 33 CYS A HG   1 
ATOM   383 N  N    . CYS A 1 34 ? -5.365  4.984   4.952   1.00 0.00 ? 34 CYS A N    1 
ATOM   384 C  CA   . CYS A 1 34 ? -5.825  4.750   3.605   1.00 0.00 ? 34 CYS A CA   1 
ATOM   385 C  C    . CYS A 1 34 ? -4.622  4.164   2.924   1.00 0.00 ? 34 CYS A C    1 
ATOM   386 O  O    . CYS A 1 34 ? -3.887  4.816   2.184   1.00 0.00 ? 34 CYS A O    1 
ATOM   387 C  CB   . CYS A 1 34 ? -6.365  6.075   2.971   1.00 0.00 ? 34 CYS A CB   1 
ATOM   388 S  SG   . CYS A 1 34 ? -6.300  6.297   1.154   1.00 0.00 ? 34 CYS A SG   1 
ATOM   389 H  H    . CYS A 1 34 ? -5.002  5.900   5.107   1.00 0.00 ? 34 CYS A H    1 
ATOM   390 H  HA   . CYS A 1 34 ? -6.614  4.010   3.610   1.00 0.00 ? 34 CYS A HA   1 
ATOM   391 H  HB2  . CYS A 1 34 ? -7.412  6.201   3.322   1.00 0.00 ? 34 CYS A HB2  1 
ATOM   392 H  HB3  . CYS A 1 34 ? -5.798  6.911   3.428   1.00 0.00 ? 34 CYS A HB3  1 
ATOM   393 N  N    . PHE A 1 35 ? -4.406  2.869   3.228   1.00 0.00 ? 35 PHE A N    1 
ATOM   394 C  CA   . PHE A 1 35 ? -3.238  2.130   2.845   1.00 0.00 ? 35 PHE A CA   1 
ATOM   395 C  C    . PHE A 1 35 ? -3.827  0.981   2.082   1.00 0.00 ? 35 PHE A C    1 
ATOM   396 O  O    . PHE A 1 35 ? -4.774  0.360   2.551   1.00 0.00 ? 35 PHE A O    1 
ATOM   397 C  CB   . PHE A 1 35 ? -2.497  1.650   4.122   1.00 0.00 ? 35 PHE A CB   1 
ATOM   398 C  CG   . PHE A 1 35 ? -1.105  1.197   3.825   1.00 0.00 ? 35 PHE A CG   1 
ATOM   399 C  CD1  . PHE A 1 35 ? -0.066  2.123   3.650   1.00 0.00 ? 35 PHE A CD1  1 
ATOM   400 C  CD2  . PHE A 1 35 ? -0.816  -0.166  3.727   1.00 0.00 ? 35 PHE A CD2  1 
ATOM   401 C  CE1  . PHE A 1 35 ? 1.223   1.701   3.310   1.00 0.00 ? 35 PHE A CE1  1 
ATOM   402 C  CE2  . PHE A 1 35 ? 0.480   -0.604  3.449   1.00 0.00 ? 35 PHE A CE2  1 
ATOM   403 C  CZ   . PHE A 1 35 ? 1.505   0.326   3.231   1.00 0.00 ? 35 PHE A CZ   1 
ATOM   404 H  H    . PHE A 1 35 ? -5.000  2.421   3.906   1.00 0.00 ? 35 PHE A H    1 
ATOM   405 H  HA   . PHE A 1 35 ? -2.605  2.725   2.201   1.00 0.00 ? 35 PHE A HA   1 
ATOM   406 H  HB2  . PHE A 1 35 ? -2.416  2.492   4.840   1.00 0.00 ? 35 PHE A HB2  1 
ATOM   407 H  HB3  . PHE A 1 35 ? -3.048  0.838   4.636   1.00 0.00 ? 35 PHE A HB3  1 
ATOM   408 H  HD1  . PHE A 1 35 ? -0.260  3.177   3.760   1.00 0.00 ? 35 PHE A HD1  1 
ATOM   409 H  HD2  . PHE A 1 35 ? -1.607  -0.878  3.875   1.00 0.00 ? 35 PHE A HD2  1 
ATOM   410 H  HE1  . PHE A 1 35 ? 1.969   2.459   3.101   1.00 0.00 ? 35 PHE A HE1  1 
ATOM   411 H  HE2  . PHE A 1 35 ? 0.669   -1.662  3.396   1.00 0.00 ? 35 PHE A HE2  1 
ATOM   412 H  HZ   . PHE A 1 35 ? 2.500   -0.033  3.010   1.00 0.00 ? 35 PHE A HZ   1 
ATOM   413 N  N    . LEU A 1 36 ? -3.337  0.719   0.846   1.00 0.00 ? 36 LEU A N    1 
ATOM   414 C  CA   . LEU A 1 36 ? -3.970  -0.228  -0.010  1.00 0.00 ? 36 LEU A CA   1 
ATOM   415 C  C    . LEU A 1 36 ? -3.033  -1.044  -0.855  1.00 0.00 ? 36 LEU A C    1 
ATOM   416 O  O    . LEU A 1 36 ? -1.840  -0.770  -0.984  1.00 0.00 ? 36 LEU A O    1 
ATOM   417 C  CB   . LEU A 1 36 ? -4.834  0.620   -0.983  1.00 0.00 ? 36 LEU A CB   1 
ATOM   418 C  CG   . LEU A 1 36 ? -4.168  1.884   -1.645  1.00 0.00 ? 36 LEU A CG   1 
ATOM   419 C  CD1  . LEU A 1 36 ? -3.903  3.142   -0.779  1.00 0.00 ? 36 LEU A CD1  1 
ATOM   420 C  CD2  . LEU A 1 36 ? -3.025  1.643   -2.650  1.00 0.00 ? 36 LEU A CD2  1 
ATOM   421 H  H    . LEU A 1 36 ? -2.807  1.380   0.314   1.00 0.00 ? 36 LEU A H    1 
ATOM   422 H  HA   . LEU A 1 36 ? -4.594  -0.913  0.548   1.00 0.00 ? 36 LEU A HA   1 
ATOM   423 H  HB2  . LEU A 1 36 ? -5.270  -0.020  -1.781  1.00 0.00 ? 36 LEU A HB2  1 
ATOM   424 H  HB3  . LEU A 1 36 ? -5.694  1.000   -0.391  1.00 0.00 ? 36 LEU A HB3  1 
ATOM   425 H  HG   . LEU A 1 36 ? -4.995  2.235   -2.250  1.00 0.00 ? 36 LEU A HG   1 
ATOM   426 H  HD11 . LEU A 1 36 ? -4.773  3.357   -0.122  1.00 0.00 ? 36 LEU A HD11 1 
ATOM   427 H  HD12 . LEU A 1 36 ? -2.998  3.020   -0.150  1.00 0.00 ? 36 LEU A HD12 1 
ATOM   428 H  HD13 . LEU A 1 36 ? -3.730  4.023   -1.433  1.00 0.00 ? 36 LEU A HD13 1 
ATOM   429 H  HD21 . LEU A 1 36 ? -3.284  0.826   -3.355  1.00 0.00 ? 36 LEU A HD21 1 
ATOM   430 H  HD22 . LEU A 1 36 ? -2.841  2.565   -3.244  1.00 0.00 ? 36 LEU A HD22 1 
ATOM   431 H  HD23 . LEU A 1 36 ? -2.082  1.387   -2.127  1.00 0.00 ? 36 LEU A HD23 1 
ATOM   432 N  N    . CYS A 1 37 ? -3.633  -2.100  -1.458  1.00 0.00 ? 37 CYS A N    1 
ATOM   433 C  CA   . CYS A 1 37 ? -3.137  -2.920  -2.536  1.00 0.00 ? 37 CYS A CA   1 
ATOM   434 C  C    . CYS A 1 37 ? -3.256  -2.065  -3.755  1.00 0.00 ? 37 CYS A C    1 
ATOM   435 O  O    . CYS A 1 37 ? -4.294  -1.456  -3.988  1.00 0.00 ? 37 CYS A O    1 
ATOM   436 C  CB   . CYS A 1 37 ? -4.113  -4.096  -2.708  1.00 0.00 ? 37 CYS A CB   1 
ATOM   437 S  SG   . CYS A 1 37 ? -3.670  -5.484  -3.761  1.00 0.00 ? 37 CYS A SG   1 
ATOM   438 H  H    . CYS A 1 37 ? -4.496  -2.449  -1.091  1.00 0.00 ? 37 CYS A H    1 
ATOM   439 H  HA   . CYS A 1 37 ? -2.116  -3.239  -2.409  1.00 0.00 ? 37 CYS A HA   1 
ATOM   440 H  HB2  . CYS A 1 37 ? -4.226  -4.524  -1.711  1.00 0.00 ? 37 CYS A HB2  1 
ATOM   441 H  HB3  . CYS A 1 37 ? -5.108  -3.734  -2.954  1.00 0.00 ? 37 CYS A HB3  1 
ATOM   442 N  N    . MET A 1 38 ? -2.192  -1.993  -4.574  1.00 0.00 ? 38 MET A N    1 
ATOM   443 C  CA   . MET A 1 38 ? -2.215  -1.237  -5.801  1.00 0.00 ? 38 MET A CA   1 
ATOM   444 C  C    . MET A 1 38 ? -2.889  -2.071  -6.865  1.00 0.00 ? 38 MET A C    1 
ATOM   445 O  O    . MET A 1 38 ? -3.258  -1.556  -7.920  1.00 0.00 ? 38 MET A O    1 
ATOM   446 C  CB   . MET A 1 38 ? -0.783  -0.848  -6.227  1.00 0.00 ? 38 MET A CB   1 
ATOM   447 C  CG   . MET A 1 38 ? -0.659  0.190   -7.348  1.00 0.00 ? 38 MET A CG   1 
ATOM   448 S  SD   . MET A 1 38 ? 1.056   0.745   -7.604  1.00 0.00 ? 38 MET A SD   1 
ATOM   449 C  CE   . MET A 1 38 ? 0.668   1.936   -8.918  1.00 0.00 ? 38 MET A CE   1 
ATOM   450 H  H    . MET A 1 38 ? -1.344  -2.481  -4.380  1.00 0.00 ? 38 MET A H    1 
ATOM   451 H  HA   . MET A 1 38 ? -2.785  -0.332  -5.646  1.00 0.00 ? 38 MET A HA   1 
ATOM   452 H  HB2  . MET A 1 38 ? -0.299  -0.392  -5.337  1.00 0.00 ? 38 MET A HB2  1 
ATOM   453 H  HB3  . MET A 1 38 ? -0.211  -1.761  -6.492  1.00 0.00 ? 38 MET A HB3  1 
ATOM   454 H  HG2  . MET A 1 38 ? -1.060  -0.243  -8.289  1.00 0.00 ? 38 MET A HG2  1 
ATOM   455 H  HG3  . MET A 1 38 ? -1.296  1.059   -7.077  1.00 0.00 ? 38 MET A HG3  1 
ATOM   456 H  HE1  . MET A 1 38 ? -0.036  2.714   -8.554  1.00 0.00 ? 38 MET A HE1  1 
ATOM   457 H  HE2  . MET A 1 38 ? 1.589   2.445   -9.274  1.00 0.00 ? 38 MET A HE2  1 
ATOM   458 H  HE3  . MET A 1 38 ? 0.199   1.428   -9.789  1.00 0.00 ? 38 MET A HE3  1 
ATOM   459 N  N    . VAL A 1 39 ? -3.103  -3.386  -6.583  1.00 0.00 ? 39 VAL A N    1 
ATOM   460 C  CA   . VAL A 1 39 ? -3.727  -4.288  -7.533  1.00 0.00 ? 39 VAL A CA   1 
ATOM   461 C  C    . VAL A 1 39 ? -5.208  -4.265  -7.318  1.00 0.00 ? 39 VAL A C    1 
ATOM   462 O  O    . VAL A 1 39 ? -5.938  -3.551  -8.005  1.00 0.00 ? 39 VAL A O    1 
ATOM   463 C  CB   . VAL A 1 39 ? -3.279  -5.755  -7.504  1.00 0.00 ? 39 VAL A CB   1 
ATOM   464 C  CG1  . VAL A 1 39 ? -3.505  -6.351  -8.896  1.00 0.00 ? 39 VAL A CG1  1 
ATOM   465 C  CG2  . VAL A 1 39 ? -1.875  -5.849  -6.955  1.00 0.00 ? 39 VAL A CG2  1 
ATOM   466 H  H    . VAL A 1 39 ? -2.848  -3.756  -5.683  1.00 0.00 ? 39 VAL A H    1 
ATOM   467 H  HA   . VAL A 1 39 ? -3.520  -3.913  -8.526  1.00 0.00 ? 39 VAL A HA   1 
ATOM   468 H  HB   . VAL A 1 39 ? -3.819  -6.430  -6.809  1.00 0.00 ? 39 VAL A HB   1 
ATOM   469 H  HG11 . VAL A 1 39 ? -2.948  -5.781  -9.668  1.00 0.00 ? 39 VAL A HG11 1 
ATOM   470 H  HG12 . VAL A 1 39 ? -3.184  -7.414  -8.913  1.00 0.00 ? 39 VAL A HG12 1 
ATOM   471 H  HG13 . VAL A 1 39 ? -4.594  -6.303  -9.113  1.00 0.00 ? 39 VAL A HG13 1 
ATOM   472 H  HG21 . VAL A 1 39 ? -1.171  -5.138  -7.435  1.00 0.00 ? 39 VAL A HG21 1 
ATOM   473 H  HG22 . VAL A 1 39 ? -2.022  -5.615  -5.880  1.00 0.00 ? 39 VAL A HG22 1 
ATOM   474 H  HG23 . VAL A 1 39 ? -1.496  -6.886  -7.039  1.00 0.00 ? 39 VAL A HG23 1 
ATOM   475 N  N    . CYS A 1 40 ? -5.670  -5.074  -6.340  1.00 0.00 ? 40 CYS A N    1 
ATOM   476 C  CA   . CYS A 1 40 ? -7.059  -5.332  -6.104  1.00 0.00 ? 40 CYS A CA   1 
ATOM   477 C  C    . CYS A 1 40 ? -7.742  -4.198  -5.404  1.00 0.00 ? 40 CYS A C    1 
ATOM   478 O  O    . CYS A 1 40 ? -8.855  -3.815  -5.761  1.00 0.00 ? 40 CYS A O    1 
ATOM   479 C  CB   . CYS A 1 40 ? -7.151  -6.659  -5.331  1.00 0.00 ? 40 CYS A CB   1 
ATOM   480 S  SG   . CYS A 1 40 ? -6.984  -6.658  -3.525  1.00 0.00 ? 40 CYS A SG   1 
ATOM   481 H  H    . CYS A 1 40 ? -5.042  -5.650  -5.788  1.00 0.00 ? 40 CYS A H    1 
ATOM   482 H  HA   . CYS A 1 40 ? -7.528  -5.473  -7.070  1.00 0.00 ? 40 CYS A HA   1 
ATOM   483 H  HB2  . CYS A 1 40 ? -8.068  -7.177  -5.642  1.00 0.00 ? 40 CYS A HB2  1 
ATOM   484 H  HB3  . CYS A 1 40 ? -6.292  -7.232  -5.714  1.00 0.00 ? 40 CYS A HB3  1 
ATOM   485 N  N    . ARG A 1 41 ? -7.023  -3.680  -4.389  1.00 0.00 ? 41 ARG A N    1 
ATOM   486 C  CA   . ARG A 1 41 ? -7.374  -2.588  -3.495  1.00 0.00 ? 41 ARG A CA   1 
ATOM   487 C  C    . ARG A 1 41 ? -8.146  -3.119  -2.316  1.00 0.00 ? 41 ARG A C    1 
ATOM   488 O  O    . ARG A 1 41 ? -9.285  -2.703  -2.112  1.00 0.00 ? 41 ARG A O    1 
ATOM   489 C  CB   . ARG A 1 41 ? -8.131  -1.378  -4.136  1.00 0.00 ? 41 ARG A CB   1 
ATOM   490 C  CG   . ARG A 1 41 ? -7.394  -0.705  -5.307  1.00 0.00 ? 41 ARG A CG   1 
ATOM   491 C  CD   . ARG A 1 41 ? -6.584  0.534   -4.899  1.00 0.00 ? 41 ARG A CD   1 
ATOM   492 N  NE   . ARG A 1 41 ? -5.645  0.874   -6.019  1.00 0.00 ? 41 ARG A NE   1 
ATOM   493 C  CZ   . ARG A 1 41 ? -4.907  2.025   -6.035  1.00 0.00 ? 41 ARG A CZ   1 
ATOM   494 N  NH1  . ARG A 1 41 ? -5.050  2.975   -5.065  1.00 0.00 ? 41 ARG A NH1  1 
ATOM   495 N  NH2  . ARG A 1 41 ? -4.011  2.232   -7.043  1.00 0.00 ? 41 ARG A NH2  1 
ATOM   496 H  H    . ARG A 1 41 ? -6.167  -4.182  -4.195  1.00 0.00 ? 41 ARG A H    1 
ATOM   497 H  HA   . ARG A 1 41 ? -6.448  -2.199  -3.108  1.00 0.00 ? 41 ARG A HA   1 
ATOM   498 H  HB2  . ARG A 1 41 ? -9.115  -1.724  -4.520  1.00 0.00 ? 41 ARG A HB2  1 
ATOM   499 H  HB3  . ARG A 1 41 ? -8.336  -0.596  -3.371  1.00 0.00 ? 41 ARG A HB3  1 
ATOM   500 H  HG2  . ARG A 1 41 ? -6.742  -1.459  -5.800  1.00 0.00 ? 41 ARG A HG2  1 
ATOM   501 H  HG3  . ARG A 1 41 ? -8.146  -0.373  -6.054  1.00 0.00 ? 41 ARG A HG3  1 
ATOM   502 H  HD2  . ARG A 1 41 ? -7.263  1.396   -4.712  1.00 0.00 ? 41 ARG A HD2  1 
ATOM   503 H  HD3  . ARG A 1 41 ? -5.978  0.340   -3.990  1.00 0.00 ? 41 ARG A HD3  1 
ATOM   504 H  HE   . ARG A 1 41 ? -5.511  0.205   -6.752  1.00 0.00 ? 41 ARG A HE   1 
ATOM   505 H  HH11 . ARG A 1 41 ? -5.702  2.835   -4.321  1.00 0.00 ? 41 ARG A HH11 1 
ATOM   506 H  HH12 . ARG A 1 41 ? -4.500  3.811   -5.098  1.00 0.00 ? 41 ARG A HH12 1 
ATOM   507 H  HH21 . ARG A 1 41 ? -3.896  1.544   -7.758  1.00 0.00 ? 41 ARG A HH21 1 
ATOM   508 H  HH22 . ARG A 1 41 ? -3.467  3.070   -7.062  1.00 0.00 ? 41 ARG A HH22 1 
ATOM   509 N  N    . LYS A 1 42 ? -7.571  -4.054  -1.487  1.00 0.00 ? 42 LYS A N    1 
ATOM   510 C  CA   . LYS A 1 42 ? -8.225  -4.458  -0.264  1.00 0.00 ? 42 LYS A CA   1 
ATOM   511 C  C    . LYS A 1 42 ? -7.837  -3.440  0.782   1.00 0.00 ? 42 LYS A C    1 
ATOM   512 O  O    . LYS A 1 42 ? -6.895  -2.674  0.574   1.00 0.00 ? 42 LYS A O    1 
ATOM   513 C  CB   . LYS A 1 42 ? -7.969  -5.963  0.037   1.00 0.00 ? 42 LYS A CB   1 
ATOM   514 C  CG   . LYS A 1 42 ? -7.623  -6.437  1.450   1.00 0.00 ? 42 LYS A CG   1 
ATOM   515 C  CD   . LYS A 1 42 ? -6.182  -6.108  1.823   1.00 0.00 ? 42 LYS A CD   1 
ATOM   516 C  CE   . LYS A 1 42 ? -5.602  -7.030  2.901   1.00 0.00 ? 42 LYS A CE   1 
ATOM   517 N  NZ   . LYS A 1 42 ? -6.313  -6.869  4.189   1.00 0.00 ? 42 LYS A NZ   1 
ATOM   518 H  H    . LYS A 1 42 ? -6.627  -4.426  -1.531  1.00 0.00 ? 42 LYS A H    1 
ATOM   519 H  HA   . LYS A 1 42 ? -9.295  -4.370  -0.390  1.00 0.00 ? 42 LYS A HA   1 
ATOM   520 H  HB2  . LYS A 1 42 ? -8.876  -6.518  -0.288  1.00 0.00 ? 42 LYS A HB2  1 
ATOM   521 H  HB3  . LYS A 1 42 ? -7.139  -6.310  -0.615  1.00 0.00 ? 42 LYS A HB3  1 
ATOM   522 H  HG2  . LYS A 1 42 ? -8.344  -6.069  2.210   1.00 0.00 ? 42 LYS A HG2  1 
ATOM   523 H  HG3  . LYS A 1 42 ? -7.699  -7.546  1.423   1.00 0.00 ? 42 LYS A HG3  1 
ATOM   524 H  HD2  . LYS A 1 42 ? -5.611  -6.215  0.879   1.00 0.00 ? 42 LYS A HD2  1 
ATOM   525 H  HD3  . LYS A 1 42 ? -6.090  -5.045  2.123   1.00 0.00 ? 42 LYS A HD3  1 
ATOM   526 H  HE2  . LYS A 1 42 ? -5.689  -8.094  2.593   1.00 0.00 ? 42 LYS A HE2  1 
ATOM   527 H  HE3  . LYS A 1 42 ? -4.535  -6.793  3.079   1.00 0.00 ? 42 LYS A HE3  1 
ATOM   528 H  HZ1  . LYS A 1 42 ? -6.230  -5.882  4.508   1.00 0.00 ? 42 LYS A HZ1  1 
ATOM   529 H  HZ2  . LYS A 1 42 ? -7.316  -7.108  4.062   1.00 0.00 ? 42 LYS A HZ2  1 
ATOM   530 H  HZ3  . LYS A 1 42 ? -5.891  -7.501  4.899   1.00 0.00 ? 42 LYS A HZ3  1 
ATOM   531 N  N    . ASN A 1 43 ? -8.567  -3.393  1.926   1.00 0.00 ? 43 ASN A N    1 
ATOM   532 C  CA   . ASN A 1 43 ? -8.299  -2.474  3.010   1.00 0.00 ? 43 ASN A CA   1 
ATOM   533 C  C    . ASN A 1 43 ? -7.099  -2.965  3.776   1.00 0.00 ? 43 ASN A C    1 
ATOM   534 O  O    . ASN A 1 43 ? -7.200  -3.826  4.650   1.00 0.00 ? 43 ASN A O    1 
ATOM   535 C  CB   . ASN A 1 43 ? -9.487  -2.324  3.994   1.00 0.00 ? 43 ASN A CB   1 
ATOM   536 C  CG   . ASN A 1 43 ? -10.684 -1.722  3.246   1.00 0.00 ? 43 ASN A CG   1 
ATOM   537 O  OD1  . ASN A 1 43 ? -10.619 -0.576  2.804   1.00 0.00 ? 43 ASN A OD1  1 
ATOM   538 N  ND2  . ASN A 1 43 ? -11.794 -2.496  3.095   1.00 0.00 ? 43 ASN A ND2  1 
ATOM   539 H  H    . ASN A 1 43 ? -9.334  -4.013  2.074   1.00 0.00 ? 43 ASN A H    1 
ATOM   540 H  HA   . ASN A 1 43 ? -8.064  -1.506  2.586   1.00 0.00 ? 43 ASN A HA   1 
ATOM   541 H  HB2  . ASN A 1 43 ? -9.759  -3.310  4.435   1.00 0.00 ? 43 ASN A HB2  1 
ATOM   542 H  HB3  . ASN A 1 43 ? -9.218  -1.632  4.822   1.00 0.00 ? 43 ASN A HB3  1 
ATOM   543 H  HD21 . ASN A 1 43 ? -11.810 -3.425  3.467   1.00 0.00 ? 43 ASN A HD21 1 
ATOM   544 H  HD22 . ASN A 1 43 ? -12.592 -2.137  2.611   1.00 0.00 ? 43 ASN A HD22 1 
ATOM   545 N  N    . LEU A 1 44 ? -5.919  -2.414  3.414   1.00 0.00 ? 44 LEU A N    1 
ATOM   546 C  CA   . LEU A 1 44 ? -4.624  -2.794  3.909   1.00 0.00 ? 44 LEU A CA   1 
ATOM   547 C  C    . LEU A 1 44 ? -4.281  -1.763  4.956   1.00 0.00 ? 44 LEU A C    1 
ATOM   548 O  O    . LEU A 1 44 ? -4.956  -0.735  5.066   1.00 0.00 ? 44 LEU A O    1 
ATOM   549 C  CB   . LEU A 1 44 ? -3.605  -2.811  2.733   1.00 0.00 ? 44 LEU A CB   1 
ATOM   550 C  CG   . LEU A 1 44 ? -2.244  -3.510  2.934   1.00 0.00 ? 44 LEU A CG   1 
ATOM   551 C  CD1  . LEU A 1 44 ? -2.365  -4.995  3.306   1.00 0.00 ? 44 LEU A CD1  1 
ATOM   552 C  CD2  . LEU A 1 44 ? -1.391  -3.323  1.665   1.00 0.00 ? 44 LEU A CD2  1 
ATOM   553 H  H    . LEU A 1 44 ? -5.895  -1.703  2.714   1.00 0.00 ? 44 LEU A H    1 
ATOM   554 H  HA   . LEU A 1 44 ? -4.692  -3.770  4.368   1.00 0.00 ? 44 LEU A HA   1 
ATOM   555 H  HB2  . LEU A 1 44 ? -4.098  -3.314  1.869   1.00 0.00 ? 44 LEU A HB2  1 
ATOM   556 H  HB3  . LEU A 1 44 ? -3.405  -1.770  2.409   1.00 0.00 ? 44 LEU A HB3  1 
ATOM   557 H  HG   . LEU A 1 44 ? -1.704  -3.021  3.771   1.00 0.00 ? 44 LEU A HG   1 
ATOM   558 H  HD11 . LEU A 1 44 ? -2.901  -5.535  2.498   1.00 0.00 ? 44 LEU A HD11 1 
ATOM   559 H  HD12 . LEU A 1 44 ? -1.358  -5.448  3.422   1.00 0.00 ? 44 LEU A HD12 1 
ATOM   560 H  HD13 . LEU A 1 44 ? -2.921  -5.131  4.258   1.00 0.00 ? 44 LEU A HD13 1 
ATOM   561 H  HD21 . LEU A 1 44 ? -1.938  -3.689  0.768   1.00 0.00 ? 44 LEU A HD21 1 
ATOM   562 H  HD22 . LEU A 1 44 ? -1.154  -2.250  1.507   1.00 0.00 ? 44 LEU A HD22 1 
ATOM   563 H  HD23 . LEU A 1 44 ? -0.440  -3.890  1.749   1.00 0.00 ? 44 LEU A HD23 1 
ATOM   564 N  N    . ASP A 1 45 ? -3.243  -2.026  5.781   1.00 0.00 ? 45 ASP A N    1 
ATOM   565 C  CA   . ASP A 1 45 ? -2.961  -1.177  6.912   1.00 0.00 ? 45 ASP A CA   1 
ATOM   566 C  C    . ASP A 1 45 ? -1.597  -1.574  7.396   1.00 0.00 ? 45 ASP A C    1 
ATOM   567 O  O    . ASP A 1 45 ? -0.731  -1.929  6.596   1.00 0.00 ? 45 ASP A O    1 
ATOM   568 C  CB   . ASP A 1 45 ? -4.045  -1.205  8.050   1.00 0.00 ? 45 ASP A CB   1 
ATOM   569 C  CG   . ASP A 1 45 ? -4.355  -2.613  8.604   1.00 0.00 ? 45 ASP A CG   1 
ATOM   570 O  OD1  . ASP A 1 45 ? -4.860  -3.479  7.839   1.00 0.00 ? 45 ASP A OD1  1 
ATOM   571 O  OD2  . ASP A 1 45 ? -4.099  -2.825  9.820   1.00 0.00 ? 45 ASP A OD2  1 
ATOM   572 H  H    . ASP A 1 45 ? -2.620  -2.796  5.642   1.00 0.00 ? 45 ASP A H    1 
ATOM   573 H  HA   . ASP A 1 45 ? -2.879  -0.162  6.551   1.00 0.00 ? 45 ASP A HA   1 
ATOM   574 H  HB2  . ASP A 1 45 ? -3.753  -0.526  8.881   1.00 0.00 ? 45 ASP A HB2  1 
ATOM   575 H  HB3  . ASP A 1 45 ? -4.996  -0.802  7.642   1.00 0.00 ? 45 ASP A HB3  1 
ATOM   576 N  N    . SER A 1 46 ? -1.380  -1.519  8.731   1.00 0.00 ? 46 SER A N    1 
ATOM   577 C  CA   . SER A 1 46 ? -0.156  -1.913  9.380   1.00 0.00 ? 46 SER A CA   1 
ATOM   578 C  C    . SER A 1 46 ? -0.304  -3.339  9.846   1.00 0.00 ? 46 SER A C    1 
ATOM   579 O  O    . SER A 1 46 ? 0.055   -3.680  10.972  1.00 0.00 ? 46 SER A O    1 
ATOM   580 C  CB   . SER A 1 46 ? 0.176   -1.011  10.596  1.00 0.00 ? 46 SER A CB   1 
ATOM   581 O  OG   . SER A 1 46 ? 0.335   0.339   10.180  1.00 0.00 ? 46 SER A OG   1 
ATOM   582 H  H    . SER A 1 46 ? -2.100  -1.213  9.350   1.00 0.00 ? 46 SER A H    1 
ATOM   583 H  HA   . SER A 1 46 ? 0.659   -1.866  8.670   1.00 0.00 ? 46 SER A HA   1 
ATOM   584 H  HB2  . SER A 1 46 ? -0.638  -1.049  11.352  1.00 0.00 ? 46 SER A HB2  1 
ATOM   585 H  HB3  . SER A 1 46 ? 1.127   -1.333  11.073  1.00 0.00 ? 46 SER A HB3  1 
ATOM   586 H  HG   . SER A 1 46 ? -0.550  0.669   10.011  1.00 0.00 ? 46 SER A HG   1 
ATOM   587 N  N    . THR A 1 47 ? -0.811  -4.220  8.945   1.00 0.00 ? 47 THR A N    1 
ATOM   588 C  CA   . THR A 1 47 ? -0.800  -5.655  9.099   1.00 0.00 ? 47 THR A CA   1 
ATOM   589 C  C    . THR A 1 47 ? 0.560   -6.059  8.597   1.00 0.00 ? 47 THR A C    1 
ATOM   590 O  O    . THR A 1 47 ? 1.492   -6.189  9.389   1.00 0.00 ? 47 THR A O    1 
ATOM   591 C  CB   . THR A 1 47 ? -1.928  -6.376  8.365   1.00 0.00 ? 47 THR A CB   1 
ATOM   592 O  OG1  . THR A 1 47 ? -2.243  -5.774  7.110   1.00 0.00 ? 47 THR A OG1  1 
ATOM   593 C  CG2  . THR A 1 47 ? -3.177  -6.346  9.269   1.00 0.00 ? 47 THR A CG2  1 
ATOM   594 H  H    . THR A 1 47 ? -1.140  -3.902  8.059   1.00 0.00 ? 47 THR A H    1 
ATOM   595 H  HA   . THR A 1 47 ? -0.851  -5.902  10.150  1.00 0.00 ? 47 THR A HA   1 
ATOM   596 H  HB   . THR A 1 47 ? -1.664  -7.443  8.196   1.00 0.00 ? 47 THR A HB   1 
ATOM   597 H  HG1  . THR A 1 47 ? -2.818  -6.395  6.657   1.00 0.00 ? 47 THR A HG1  1 
ATOM   598 H  HG21 . THR A 1 47 ? -3.483  -5.302  9.489   1.00 0.00 ? 47 THR A HG21 1 
ATOM   599 H  HG22 . THR A 1 47 ? -4.027  -6.867  8.778   1.00 0.00 ? 47 THR A HG22 1 
ATOM   600 H  HG23 . THR A 1 47 ? -2.967  -6.857  10.232  1.00 0.00 ? 47 THR A HG23 1 
ATOM   601 N  N    . THR A 1 48 ? 0.716   -6.220  7.262   1.00 0.00 ? 48 THR A N    1 
ATOM   602 C  CA   . THR A 1 48 ? 1.975   -6.345  6.620   1.00 0.00 ? 48 THR A CA   1 
ATOM   603 C  C    . THR A 1 48 ? 1.798   -5.321  5.524   1.00 0.00 ? 48 THR A C    1 
ATOM   604 O  O    . THR A 1 48 ? 1.318   -4.216  5.770   1.00 0.00 ? 48 THR A O    1 
ATOM   605 C  CB   . THR A 1 48 ? 2.275   -7.767  6.126   1.00 0.00 ? 48 THR A CB   1 
ATOM   606 O  OG1  . THR A 1 48 ? 1.176   -8.344  5.423   1.00 0.00 ? 48 THR A OG1  1 
ATOM   607 C  CG2  . THR A 1 48 ? 2.602   -8.649  7.352   1.00 0.00 ? 48 THR A CG2  1 
ATOM   608 H  H    . THR A 1 48 ? -0.007  -6.170  6.579   1.00 0.00 ? 48 THR A H    1 
ATOM   609 H  HA   . THR A 1 48 ? 2.769   -5.999  7.267   1.00 0.00 ? 48 THR A HA   1 
ATOM   610 H  HB   . THR A 1 48 ? 3.171   -7.779  5.469   1.00 0.00 ? 48 THR A HB   1 
ATOM   611 H  HG1  . THR A 1 48 ? 1.516   -9.139  5.007   1.00 0.00 ? 48 THR A HG1  1 
ATOM   612 H  HG21 . THR A 1 48 ? 3.454   -8.217  7.920   1.00 0.00 ? 48 THR A HG21 1 
ATOM   613 H  HG22 . THR A 1 48 ? 1.729   -8.730  8.035   1.00 0.00 ? 48 THR A HG22 1 
ATOM   614 H  HG23 . THR A 1 48 ? 2.885   -9.673  7.027   1.00 0.00 ? 48 THR A HG23 1 
ATOM   615 N  N    . VAL A 1 49 ? 2.203   -5.730  4.312   1.00 0.00 ? 49 VAL A N    1 
ATOM   616 C  CA   . VAL A 1 49 ? 2.335   -5.089  3.037   1.00 0.00 ? 49 VAL A CA   1 
ATOM   617 C  C    . VAL A 1 49 ? 3.242   -6.010  2.255   1.00 0.00 ? 49 VAL A C    1 
ATOM   618 O  O    . VAL A 1 49 ? 3.954   -6.825  2.841   1.00 0.00 ? 49 VAL A O    1 
ATOM   619 C  CB   . VAL A 1 49 ? 2.745   -3.661  3.064   1.00 0.00 ? 49 VAL A CB   1 
ATOM   620 C  CG1  . VAL A 1 49 ? 4.164   -3.626  3.548   1.00 0.00 ? 49 VAL A CG1  1 
ATOM   621 C  CG2  . VAL A 1 49 ? 2.523   -2.942  1.715   1.00 0.00 ? 49 VAL A CG2  1 
ATOM   622 H  H    . VAL A 1 49 ? 2.495   -6.655  4.290   1.00 0.00 ? 49 VAL A H    1 
ATOM   623 H  HA   . VAL A 1 49 ? 1.401   -5.063  2.588   1.00 0.00 ? 49 VAL A HA   1 
ATOM   624 H  HB   . VAL A 1 49 ? 2.074   -3.239  3.828   1.00 0.00 ? 49 VAL A HB   1 
ATOM   625 H  HG11 . VAL A 1 49 ? 4.193   -4.331  4.397   1.00 0.00 ? 49 VAL A HG11 1 
ATOM   626 H  HG12 . VAL A 1 49 ? 4.779   -4.020  2.722   1.00 0.00 ? 49 VAL A HG12 1 
ATOM   627 H  HG13 . VAL A 1 49 ? 4.470   -2.604  3.839   1.00 0.00 ? 49 VAL A HG13 1 
ATOM   628 H  HG21 . VAL A 1 49 ? 1.482   -3.072  1.355   1.00 0.00 ? 49 VAL A HG21 1 
ATOM   629 H  HG22 . VAL A 1 49 ? 2.714   -1.858  1.836   1.00 0.00 ? 49 VAL A HG22 1 
ATOM   630 H  HG23 . VAL A 1 49 ? 3.216   -3.319  0.934   1.00 0.00 ? 49 VAL A HG23 1 
ATOM   631 N  N    . ALA A 1 50 ? 3.238   -5.908  0.910   1.00 0.00 ? 50 ALA A N    1 
ATOM   632 C  CA   . ALA A 1 50 ? 4.187   -6.616  0.096   1.00 0.00 ? 50 ALA A CA   1 
ATOM   633 C  C    . ALA A 1 50 ? 4.414   -5.792  -1.129  1.00 0.00 ? 50 ALA A C    1 
ATOM   634 O  O    . ALA A 1 50 ? 3.642   -4.891  -1.446  1.00 0.00 ? 50 ALA A O    1 
ATOM   635 C  CB   . ALA A 1 50 ? 3.690   -8.003  -0.346  1.00 0.00 ? 50 ALA A CB   1 
ATOM   636 H  H    . ALA A 1 50 ? 2.632   -5.281  0.427   1.00 0.00 ? 50 ALA A H    1 
ATOM   637 H  HA   . ALA A 1 50 ? 5.127   -6.701  0.626   1.00 0.00 ? 50 ALA A HA   1 
ATOM   638 H  HB1  . ALA A 1 50 ? 2.746   -7.926  -0.928  1.00 0.00 ? 50 ALA A HB1  1 
ATOM   639 H  HB2  . ALA A 1 50 ? 4.451   -8.525  -0.966  1.00 0.00 ? 50 ALA A HB2  1 
ATOM   640 H  HB3  . ALA A 1 50 ? 3.490   -8.632  0.548   1.00 0.00 ? 50 ALA A HB3  1 
ATOM   641 N  N    . ILE A 1 51 ? 5.511   -6.098  -1.853  1.00 0.00 ? 51 ILE A N    1 
ATOM   642 C  CA   . ILE A 1 51 ? 5.816   -5.529  -3.126  1.00 0.00 ? 51 ILE A CA   1 
ATOM   643 C  C    . ILE A 1 51 ? 6.043   -6.711  -4.022  1.00 0.00 ? 51 ILE A C    1 
ATOM   644 O  O    . ILE A 1 51 ? 6.556   -7.743  -3.587  1.00 0.00 ? 51 ILE A O    1 
ATOM   645 C  CB   . ILE A 1 51 ? 7.029   -4.600  -3.061  1.00 0.00 ? 51 ILE A CB   1 
ATOM   646 C  CG1  . ILE A 1 51 ? 7.138   -3.676  -4.288  1.00 0.00 ? 51 ILE A CG1  1 
ATOM   647 C  CG2  . ILE A 1 51 ? 8.344   -5.361  -2.760  1.00 0.00 ? 51 ILE A CG2  1 
ATOM   648 C  CD1  . ILE A 1 51 ? 5.991   -2.674  -4.333  1.00 0.00 ? 51 ILE A CD1  1 
ATOM   649 H  H    . ILE A 1 51 ? 6.177   -6.764  -1.551  1.00 0.00 ? 51 ILE A H    1 
ATOM   650 H  HA   . ILE A 1 51 ? 4.944   -5.007  -3.489  1.00 0.00 ? 51 ILE A HA   1 
ATOM   651 H  HB   . ILE A 1 51 ? 6.861   -3.928  -2.193  1.00 0.00 ? 51 ILE A HB   1 
ATOM   652 H  HG12 . ILE A 1 51 ? 8.089   -3.106  -4.218  1.00 0.00 ? 51 ILE A HG12 1 
ATOM   653 H  HG13 . ILE A 1 51 ? 7.164   -4.270  -5.227  1.00 0.00 ? 51 ILE A HG13 1 
ATOM   654 H  HG21 . ILE A 1 51 ? 8.242   -5.993  -1.852  1.00 0.00 ? 51 ILE A HG21 1 
ATOM   655 H  HG22 . ILE A 1 51 ? 8.641   -6.006  -3.614  1.00 0.00 ? 51 ILE A HG22 1 
ATOM   656 H  HG23 . ILE A 1 51 ? 9.165   -4.633  -2.582  1.00 0.00 ? 51 ILE A HG23 1 
ATOM   657 H  HD11 . ILE A 1 51 ? 5.963   -2.103  -3.381  1.00 0.00 ? 51 ILE A HD11 1 
ATOM   658 H  HD12 . ILE A 1 51 ? 6.102   -1.973  -5.185  1.00 0.00 ? 51 ILE A HD12 1 
ATOM   659 H  HD13 . ILE A 1 51 ? 5.027   -3.211  -4.427  1.00 0.00 ? 51 ILE A HD13 1 
ATOM   660 N  N    . HIS A 1 52 ? 5.641   -6.595  -5.305  1.00 0.00 ? 52 HIS A N    1 
ATOM   661 C  CA   . HIS A 1 52 ? 6.000   -7.574  -6.290  1.00 0.00 ? 52 HIS A CA   1 
ATOM   662 C  C    . HIS A 1 52 ? 6.063   -6.804  -7.568  1.00 0.00 ? 52 HIS A C    1 
ATOM   663 O  O    . HIS A 1 52 ? 5.048   -6.296  -8.044  1.00 0.00 ? 52 HIS A O    1 
ATOM   664 C  CB   . HIS A 1 52 ? 5.006   -8.754  -6.416  1.00 0.00 ? 52 HIS A CB   1 
ATOM   665 C  CG   . HIS A 1 52 ? 5.532   -9.906  -7.230  1.00 0.00 ? 52 HIS A CG   1 
ATOM   666 N  ND1  . HIS A 1 52 ? 5.627   -9.882  -8.595  1.00 0.00 ? 52 HIS A ND1  1 
ATOM   667 C  CD2  . HIS A 1 52 ? 6.016   -11.102 -6.820  1.00 0.00 ? 52 HIS A CD2  1 
ATOM   668 C  CE1  . HIS A 1 52 ? 6.150   -11.031 -8.998  1.00 0.00 ? 52 HIS A CE1  1 
ATOM   669 N  NE2  . HIS A 1 52 ? 6.395   -11.790 -7.939  1.00 0.00 ? 52 HIS A NE2  1 
ATOM   670 H  H    . HIS A 1 52 ? 5.161   -5.788  -5.645  1.00 0.00 ? 52 HIS A H    1 
ATOM   671 H  HA   . HIS A 1 52 ? 6.989   -7.952  -6.065  1.00 0.00 ? 52 HIS A HA   1 
ATOM   672 H  HB2  . HIS A 1 52 ? 4.811   -9.143  -5.395  1.00 0.00 ? 52 HIS A HB2  1 
ATOM   673 H  HB3  . HIS A 1 52 ? 4.034   -8.419  -6.832  1.00 0.00 ? 52 HIS A HB3  1 
ATOM   674 H  HD1  . HIS A 1 52 ? 5.358   -9.123  -9.187  1.00 0.00 ? 52 HIS A HD1  1 
ATOM   675 H  HD2  . HIS A 1 52 ? 6.114   -11.513 -5.822  1.00 0.00 ? 52 HIS A HD2  1 
ATOM   676 H  HE1  . HIS A 1 52 ? 6.343   -11.304 -10.014 1.00 0.00 ? 52 HIS A HE1  1 
ATOM   677 N  N    . ASP A 1 53 ? 7.289   -6.698  -8.130  1.00 0.00 ? 53 ASP A N    1 
ATOM   678 C  CA   . ASP A 1 53 ? 7.590   -6.027  -9.370  1.00 0.00 ? 53 ASP A CA   1 
ATOM   679 C  C    . ASP A 1 53 ? 7.365   -4.535  -9.223  1.00 0.00 ? 53 ASP A C    1 
ATOM   680 O  O    . ASP A 1 53 ? 8.010   -3.889  -8.399  1.00 0.00 ? 53 ASP A O    1 
ATOM   681 C  CB   . ASP A 1 53 ? 6.886   -6.676  -10.608 1.00 0.00 ? 53 ASP A CB   1 
ATOM   682 C  CG   . ASP A 1 53 ? 7.512   -6.287  -11.963 1.00 0.00 ? 53 ASP A CG   1 
ATOM   683 O  OD1  . ASP A 1 53 ? 8.547   -5.565  -11.994 1.00 0.00 ? 53 ASP A OD1  1 
ATOM   684 O  OD2  . ASP A 1 53 ? 6.945   -6.728  -12.998 1.00 0.00 ? 53 ASP A OD2  1 
ATOM   685 H  H    . ASP A 1 53 ? 8.080   -7.117  -7.689  1.00 0.00 ? 53 ASP A H    1 
ATOM   686 H  HA   . ASP A 1 53 ? 8.654   -6.171  -9.489  1.00 0.00 ? 53 ASP A HA   1 
ATOM   687 H  HB2  . ASP A 1 53 ? 6.984   -7.779  -10.516 1.00 0.00 ? 53 ASP A HB2  1 
ATOM   688 H  HB3  . ASP A 1 53 ? 5.798   -6.442  -10.616 1.00 0.00 ? 53 ASP A HB3  1 
ATOM   689 N  N    . ALA A 1 54 ? 6.447   -3.965  -10.036 1.00 0.00 ? 54 ALA A N    1 
ATOM   690 C  CA   . ALA A 1 54 ? 6.230   -2.544  -10.145 1.00 0.00 ? 54 ALA A CA   1 
ATOM   691 C  C    . ALA A 1 54 ? 5.115   -2.068  -9.258  1.00 0.00 ? 54 ALA A C    1 
ATOM   692 O  O    . ALA A 1 54 ? 4.964   -0.861  -9.078  1.00 0.00 ? 54 ALA A O    1 
ATOM   693 C  CB   . ALA A 1 54 ? 5.851   -2.162  -11.593 1.00 0.00 ? 54 ALA A CB   1 
ATOM   694 H  H    . ALA A 1 54 ? 5.908   -4.520  -10.665 1.00 0.00 ? 54 ALA A H    1 
ATOM   695 H  HA   . ALA A 1 54 ? 7.138   -2.024  -9.873  1.00 0.00 ? 54 ALA A HA   1 
ATOM   696 H  HB1  . ALA A 1 54 ? 6.657   -2.481  -12.287 1.00 0.00 ? 54 ALA A HB1  1 
ATOM   697 H  HB2  . ALA A 1 54 ? 4.910   -2.665  -11.906 1.00 0.00 ? 54 ALA A HB2  1 
ATOM   698 H  HB3  . ALA A 1 54 ? 5.721   -1.063  -11.702 1.00 0.00 ? 54 ALA A HB3  1 
ATOM   699 N  N    . GLU A 1 55 ? 4.304   -2.992  -8.688  1.00 0.00 ? 55 GLU A N    1 
ATOM   700 C  CA   . GLU A 1 55 ? 3.107   -2.621  -7.970  1.00 0.00 ? 55 GLU A CA   1 
ATOM   701 C  C    . GLU A 1 55 ? 3.073   -3.305  -6.640  1.00 0.00 ? 55 GLU A C    1 
ATOM   702 O  O    . GLU A 1 55 ? 3.807   -4.256  -6.384  1.00 0.00 ? 55 GLU A O    1 
ATOM   703 C  CB   . GLU A 1 55 ? 1.794   -2.947  -8.741  1.00 0.00 ? 55 GLU A CB   1 
ATOM   704 C  CG   . GLU A 1 55 ? 1.559   -4.412  -9.166  1.00 0.00 ? 55 GLU A CG   1 
ATOM   705 C  CD   . GLU A 1 55 ? 2.415   -4.800  -10.379 1.00 0.00 ? 55 GLU A CD   1 
ATOM   706 O  OE1  . GLU A 1 55 ? 2.305   -4.113  -11.430 1.00 0.00 ? 55 GLU A OE1  1 
ATOM   707 O  OE2  . GLU A 1 55 ? 3.185   -5.793  -10.276 1.00 0.00 ? 55 GLU A OE2  1 
ATOM   708 H  H    . GLU A 1 55 ? 4.462   -3.972  -8.794  1.00 0.00 ? 55 GLU A H    1 
ATOM   709 H  HA   . GLU A 1 55 ? 3.115   -1.558  -7.770  1.00 0.00 ? 55 GLU A HA   1 
ATOM   710 H  HB2  . GLU A 1 55 ? 0.929   -2.676  -8.100  1.00 0.00 ? 55 GLU A HB2  1 
ATOM   711 H  HB3  . GLU A 1 55 ? 1.742   -2.295  -9.639  1.00 0.00 ? 55 GLU A HB3  1 
ATOM   712 H  HG2  . GLU A 1 55 ? 1.750   -5.091  -8.308  1.00 0.00 ? 55 GLU A HG2  1 
ATOM   713 H  HG3  . GLU A 1 55 ? 0.493   -4.523  -9.459  1.00 0.00 ? 55 GLU A HG3  1 
ATOM   714 N  N    . VAL A 1 56 ? 2.190   -2.786  -5.755  1.00 0.00 ? 56 VAL A N    1 
ATOM   715 C  CA   . VAL A 1 56 ? 2.004   -3.228  -4.398  1.00 0.00 ? 56 VAL A CA   1 
ATOM   716 C  C    . VAL A 1 56 ? 0.967   -4.293  -4.451  1.00 0.00 ? 56 VAL A C    1 
ATOM   717 O  O    . VAL A 1 56 ? -0.083  -4.119  -5.062  1.00 0.00 ? 56 VAL A O    1 
ATOM   718 C  CB   . VAL A 1 56 ? 1.503   -2.117  -3.484  1.00 0.00 ? 56 VAL A CB   1 
ATOM   719 C  CG1  . VAL A 1 56 ? 1.175   -2.602  -2.040  1.00 0.00 ? 56 VAL A CG1  1 
ATOM   720 C  CG2  . VAL A 1 56 ? 2.566   -1.005  -3.526  1.00 0.00 ? 56 VAL A CG2  1 
ATOM   721 H  H    . VAL A 1 56 ? 1.609   -2.019  -6.018  1.00 0.00 ? 56 VAL A H    1 
ATOM   722 H  HA   . VAL A 1 56 ? 2.930   -3.639  -4.017  1.00 0.00 ? 56 VAL A HA   1 
ATOM   723 H  HB   . VAL A 1 56 ? 0.565   -1.690  -3.893  1.00 0.00 ? 56 VAL A HB   1 
ATOM   724 H  HG11 . VAL A 1 56 ? 2.064   -3.050  -1.555  1.00 0.00 ? 56 VAL A HG11 1 
ATOM   725 H  HG12 . VAL A 1 56 ? 0.849   -1.744  -1.415  1.00 0.00 ? 56 VAL A HG12 1 
ATOM   726 H  HG13 . VAL A 1 56 ? 0.350   -3.354  -2.007  1.00 0.00 ? 56 VAL A HG13 1 
ATOM   727 H  HG21 . VAL A 1 56 ? 3.556   -1.404  -3.224  1.00 0.00 ? 56 VAL A HG21 1 
ATOM   728 H  HG22 . VAL A 1 56 ? 2.657   -0.556  -4.537  1.00 0.00 ? 56 VAL A HG22 1 
ATOM   729 H  HG23 . VAL A 1 56 ? 2.287   -0.198  -2.824  1.00 0.00 ? 56 VAL A HG23 1 
ATOM   730 N  N    . TYR A 1 57 ? 1.260   -5.425  -3.787  1.00 0.00 ? 57 TYR A N    1 
ATOM   731 C  CA   . TYR A 1 57 ? 0.289   -6.445  -3.522  1.00 0.00 ? 57 TYR A CA   1 
ATOM   732 C  C    . TYR A 1 57 ? 0.061   -6.316  -2.057  1.00 0.00 ? 57 TYR A C    1 
ATOM   733 O  O    . TYR A 1 57 ? 0.945   -5.918  -1.301  1.00 0.00 ? 57 TYR A O    1 
ATOM   734 C  CB   . TYR A 1 57 ? 0.782   -7.888  -3.817  1.00 0.00 ? 57 TYR A CB   1 
ATOM   735 C  CG   . TYR A 1 57 ? 0.714   -8.200  -5.290  1.00 0.00 ? 57 TYR A CG   1 
ATOM   736 C  CD1  . TYR A 1 57 ? 1.527   -7.535  -6.230  1.00 0.00 ? 57 TYR A CD1  1 
ATOM   737 C  CD2  . TYR A 1 57 ? -0.170  -9.192  -5.759  1.00 0.00 ? 57 TYR A CD2  1 
ATOM   738 C  CE1  . TYR A 1 57 ? 1.442   -7.834  -7.596  1.00 0.00 ? 57 TYR A CE1  1 
ATOM   739 C  CE2  . TYR A 1 57 ? -0.256  -9.503  -7.122  1.00 0.00 ? 57 TYR A CE2  1 
ATOM   740 C  CZ   . TYR A 1 57 ? 0.546   -8.816  -8.045  1.00 0.00 ? 57 TYR A CZ   1 
ATOM   741 O  OH   . TYR A 1 57 ? 0.454   -9.108  -9.424  1.00 0.00 ? 57 TYR A OH   1 
ATOM   742 H  H    . TYR A 1 57 ? 2.145   -5.553  -3.345  1.00 0.00 ? 57 TYR A H    1 
ATOM   743 H  HA   . TYR A 1 57 ? -0.650  -6.237  -4.015  1.00 0.00 ? 57 TYR A HA   1 
ATOM   744 H  HB2  . TYR A 1 57 ? 1.833   -8.024  -3.479  1.00 0.00 ? 57 TYR A HB2  1 
ATOM   745 H  HB3  . TYR A 1 57 ? 0.144   -8.630  -3.289  1.00 0.00 ? 57 TYR A HB3  1 
ATOM   746 H  HD1  . TYR A 1 57 ? 2.235   -6.785  -5.908  1.00 0.00 ? 57 TYR A HD1  1 
ATOM   747 H  HD2  . TYR A 1 57 ? -0.796  -9.721  -5.059  1.00 0.00 ? 57 TYR A HD2  1 
ATOM   748 H  HE1  . TYR A 1 57 ? 2.072   -7.303  -8.295  1.00 0.00 ? 57 TYR A HE1  1 
ATOM   749 H  HE2  . TYR A 1 57 ? -0.947  -10.265 -7.454  1.00 0.00 ? 57 TYR A HE2  1 
ATOM   750 H  HH   . TYR A 1 57 ? 1.075   -8.543  -9.889  1.00 0.00 ? 57 TYR A HH   1 
ATOM   751 N  N    . CYS A 1 58 ? -1.159  -6.667  -1.616  1.00 0.00 ? 58 CYS A N    1 
ATOM   752 C  CA   . CYS A 1 58 ? -1.602  -6.462  -0.267  1.00 0.00 ? 58 CYS A CA   1 
ATOM   753 C  C    . CYS A 1 58 ? -1.206  -7.659  0.540   1.00 0.00 ? 58 CYS A C    1 
ATOM   754 O  O    . CYS A 1 58 ? -0.184  -8.295  0.295   1.00 0.00 ? 58 CYS A O    1 
ATOM   755 C  CB   . CYS A 1 58 ? -3.154  -6.324  -0.380  1.00 0.00 ? 58 CYS A CB   1 
ATOM   756 S  SG   . CYS A 1 58 ? -4.060  -7.776  -1.014  1.00 0.00 ? 58 CYS A SG   1 
ATOM   757 H  H    . CYS A 1 58 ? -1.953  -6.737  -2.235  1.00 0.00 ? 58 CYS A H    1 
ATOM   758 H  HA   . CYS A 1 58 ? -1.149  -5.572  0.136   1.00 0.00 ? 58 CYS A HA   1 
ATOM   759 H  HB2  . CYS A 1 58 ? -3.809  -5.541  0.104   1.00 0.00 ? 58 CYS A HB2  1 
ATOM   760 H  HB3  . CYS A 1 58 ? -3.000  -5.720  -1.244  1.00 0.00 ? 58 CYS A HB3  1 
ATOM   761 N  N    . LYS A 1 59 ? -2.020  -7.965  1.550   1.00 0.00 ? 59 LYS A N    1 
ATOM   762 C  CA   . LYS A 1 59 ? -1.813  -9.104  2.415   1.00 0.00 ? 59 LYS A CA   1 
ATOM   763 C  C    . LYS A 1 59 ? -2.336  -10.343 1.731   1.00 0.00 ? 59 LYS A C    1 
ATOM   764 O  O    . LYS A 1 59 ? -1.638  -11.351 1.621   1.00 0.00 ? 59 LYS A O    1 
ATOM   765 C  CB   . LYS A 1 59 ? -2.517  -8.929  3.776   1.00 0.00 ? 59 LYS A CB   1 
ATOM   766 C  CG   . LYS A 1 59 ? -2.141  -9.976  4.828   1.00 0.00 ? 59 LYS A CG   1 
ATOM   767 C  CD   . LYS A 1 59 ? -2.752  -9.669  6.197   1.00 0.00 ? 59 LYS A CD   1 
ATOM   768 C  CE   . LYS A 1 59 ? -2.265  -10.615 7.302   1.00 0.00 ? 59 LYS A CE   1 
ATOM   769 N  NZ   . LYS A 1 59 ? -2.856  -10.245 8.610   1.00 0.00 ? 59 LYS A NZ   1 
ATOM   770 H  H    . LYS A 1 59 ? -2.800  -7.358  1.686   1.00 0.00 ? 59 LYS A H    1 
ATOM   771 H  HA   . LYS A 1 59 ? -0.751  -9.218  2.590   1.00 0.00 ? 59 LYS A HA   1 
ATOM   772 H  HB2  . LYS A 1 59 ? -2.221  -7.939  4.179   1.00 0.00 ? 59 LYS A HB2  1 
ATOM   773 H  HB3  . LYS A 1 59 ? -3.620  -8.925  3.643   1.00 0.00 ? 59 LYS A HB3  1 
ATOM   774 H  HG2  . LYS A 1 59 ? -2.471  -10.986 4.499   1.00 0.00 ? 59 LYS A HG2  1 
ATOM   775 H  HG3  . LYS A 1 59 ? -1.035  -9.988  4.929   1.00 0.00 ? 59 LYS A HG3  1 
ATOM   776 H  HD2  . LYS A 1 59 ? -2.474  -8.628  6.464   1.00 0.00 ? 59 LYS A HD2  1 
ATOM   777 H  HD3  . LYS A 1 59 ? -3.859  -9.722  6.114   1.00 0.00 ? 59 LYS A HD3  1 
ATOM   778 H  HE2  . LYS A 1 59 ? -2.559  -11.663 7.080   1.00 0.00 ? 59 LYS A HE2  1 
ATOM   779 H  HE3  . LYS A 1 59 ? -1.160  -10.556 7.404   1.00 0.00 ? 59 LYS A HE3  1 
ATOM   780 H  HZ1  . LYS A 1 59 ? -2.582  -9.271  8.851   1.00 0.00 ? 59 LYS A HZ1  1 
ATOM   781 H  HZ2  . LYS A 1 59 ? -3.892  -10.309 8.552   1.00 0.00 ? 59 LYS A HZ2  1 
ATOM   782 H  HZ3  . LYS A 1 59 ? -2.508  -10.894 9.344   1.00 0.00 ? 59 LYS A HZ3  1 
ATOM   783 N  N    . SER A 1 60 ? -3.597  -10.259 1.245   1.00 0.00 ? 60 SER A N    1 
ATOM   784 C  CA   . SER A 1 60 ? -4.358  -11.348 0.686   1.00 0.00 ? 60 SER A CA   1 
ATOM   785 C  C    . SER A 1 60 ? -3.774  -11.830 -0.623  1.00 0.00 ? 60 SER A C    1 
ATOM   786 O  O    . SER A 1 60 ? -3.376  -12.987 -0.721  1.00 0.00 ? 60 SER A O    1 
ATOM   787 C  CB   . SER A 1 60 ? -5.846  -10.942 0.487   1.00 0.00 ? 60 SER A CB   1 
ATOM   788 O  OG   . SER A 1 60 ? -6.667  -12.056 0.153   1.00 0.00 ? 60 SER A OG   1 
ATOM   789 H  H    . SER A 1 60 ? -4.102  -9.402  1.311   1.00 0.00 ? 60 SER A H    1 
ATOM   790 H  HA   . SER A 1 60 ? -4.311  -12.161 1.399   1.00 0.00 ? 60 SER A HA   1 
ATOM   791 H  HB2  . SER A 1 60 ? -6.228  -10.516 1.439   1.00 0.00 ? 60 SER A HB2  1 
ATOM   792 H  HB3  . SER A 1 60 ? -5.951  -10.164 -0.301  1.00 0.00 ? 60 SER A HB3  1 
ATOM   793 H  HG   . SER A 1 60 ? -7.558  -11.710 0.064   1.00 0.00 ? 60 SER A HG   1 
ATOM   794 N  N    . CYS A 1 61 ? -3.707  -10.955 -1.660  1.00 0.00 ? 61 CYS A N    1 
ATOM   795 C  CA   . CYS A 1 61 ? -3.335  -11.339 -2.999  1.00 0.00 ? 61 CYS A CA   1 
ATOM   796 C  C    . CYS A 1 61 ? -1.878  -11.664 -3.143  1.00 0.00 ? 61 CYS A C    1 
ATOM   797 O  O    . CYS A 1 61 ? -1.495  -12.293 -4.124  1.00 0.00 ? 61 CYS A O    1 
ATOM   798 C  CB   . CYS A 1 61 ? -3.651  -10.219 -4.006  1.00 0.00 ? 61 CYS A CB   1 
ATOM   799 S  SG   . CYS A 1 61 ? -5.311  -9.551  -3.733  1.00 0.00 ? 61 CYS A SG   1 
ATOM   800 H  H    . CYS A 1 61 ? -4.008  -9.996  -1.617  1.00 0.00 ? 61 CYS A H    1 
ATOM   801 H  HA   . CYS A 1 61 ? -3.912  -12.217 -3.258  1.00 0.00 ? 61 CYS A HA   1 
ATOM   802 H  HB2  . CYS A 1 61 ? -2.923  -9.389  -3.869  1.00 0.00 ? 61 CYS A HB2  1 
ATOM   803 H  HB3  . CYS A 1 61 ? -3.539  -10.583 -5.047  1.00 0.00 ? 61 CYS A HB3  1 
ATOM   804 N  N    . TYR A 1 62 ? -1.021  -11.262 -2.172  1.00 0.00 ? 62 TYR A N    1 
ATOM   805 C  CA   . TYR A 1 62 ? 0.382   -11.594 -2.209  1.00 0.00 ? 62 TYR A CA   1 
ATOM   806 C  C    . TYR A 1 62 ? 0.544   -13.042 -1.825  1.00 0.00 ? 62 TYR A C    1 
ATOM   807 O  O    . TYR A 1 62 ? 1.230   -13.798 -2.511  1.00 0.00 ? 62 TYR A O    1 
ATOM   808 C  CB   . TYR A 1 62 ? 1.238   -10.715 -1.252  1.00 0.00 ? 62 TYR A CB   1 
ATOM   809 C  CG   . TYR A 1 62 ? 2.709   -10.971 -1.461  1.00 0.00 ? 62 TYR A CG   1 
ATOM   810 C  CD1  . TYR A 1 62 ? 3.288   -10.728 -2.718  1.00 0.00 ? 62 TYR A CD1  1 
ATOM   811 C  CD2  . TYR A 1 62 ? 3.509   -11.519 -0.440  1.00 0.00 ? 62 TYR A CD2  1 
ATOM   812 C  CE1  . TYR A 1 62 ? 4.617   -11.081 -2.976  1.00 0.00 ? 62 TYR A CE1  1 
ATOM   813 C  CE2  . TYR A 1 62 ? 4.856   -11.835 -0.680  1.00 0.00 ? 62 TYR A CE2  1 
ATOM   814 C  CZ   . TYR A 1 62 ? 5.408   -11.627 -1.954  1.00 0.00 ? 62 TYR A CZ   1 
ATOM   815 O  OH   . TYR A 1 62 ? 6.748   -11.989 -2.219  1.00 0.00 ? 62 TYR A OH   1 
ATOM   816 H  H    . TYR A 1 62 ? -1.331  -10.747 -1.373  1.00 0.00 ? 62 TYR A H    1 
ATOM   817 H  HA   . TYR A 1 62 ? 0.723   -11.460 -3.227  1.00 0.00 ? 62 TYR A HA   1 
ATOM   818 H  HB2  . TYR A 1 62 ? 1.061   -9.644  -1.479  1.00 0.00 ? 62 TYR A HB2  1 
ATOM   819 H  HB3  . TYR A 1 62 ? 0.977   -10.892 -0.184  1.00 0.00 ? 62 TYR A HB3  1 
ATOM   820 H  HD1  . TYR A 1 62 ? 2.693   -10.322 -3.523  1.00 0.00 ? 62 TYR A HD1  1 
ATOM   821 H  HD2  . TYR A 1 62 ? 3.080   -11.717 0.530   1.00 0.00 ? 62 TYR A HD2  1 
ATOM   822 H  HE1  . TYR A 1 62 ? 4.992   -10.970 -3.981  1.00 0.00 ? 62 TYR A HE1  1 
ATOM   823 H  HE2  . TYR A 1 62 ? 5.452   -12.263 0.113   1.00 0.00 ? 62 TYR A HE2  1 
ATOM   824 H  HH   . TYR A 1 62 ? 6.935   -11.779 -3.137  1.00 0.00 ? 62 TYR A HH   1 
ATOM   825 N  N    . GLY A 1 63 ? -0.101  -13.450 -0.710  1.00 0.00 ? 63 GLY A N    1 
ATOM   826 C  CA   . GLY A 1 63 ? 0.075   -14.763 -0.148  1.00 0.00 ? 63 GLY A CA   1 
ATOM   827 C  C    . GLY A 1 63 ? -0.713  -15.827 -0.857  1.00 0.00 ? 63 GLY A C    1 
ATOM   828 O  O    . GLY A 1 63 ? -0.523  -17.004 -0.569  1.00 0.00 ? 63 GLY A O    1 
ATOM   829 H  H    . GLY A 1 63 ? -0.679  -12.828 -0.182  1.00 0.00 ? 63 GLY A H    1 
ATOM   830 H  HA2  . GLY A 1 63 ? 1.125   -15.019 -0.198  1.00 0.00 ? 63 GLY A HA2  1 
ATOM   831 H  HA3  . GLY A 1 63 ? -0.292  -14.706 0.867   1.00 0.00 ? 63 GLY A HA3  1 
ATOM   832 N  N    . LYS A 1 64 ? -1.644  -15.453 -1.770  1.00 0.00 ? 64 LYS A N    1 
ATOM   833 C  CA   . LYS A 1 64 ? -2.542  -16.397 -2.409  1.00 0.00 ? 64 LYS A CA   1 
ATOM   834 C  C    . LYS A 1 64 ? -2.151  -16.580 -3.840  1.00 0.00 ? 64 LYS A C    1 
ATOM   835 O  O    . LYS A 1 64 ? -2.286  -17.681 -4.374  1.00 0.00 ? 64 LYS A O    1 
ATOM   836 C  CB   . LYS A 1 64 ? -4.026  -15.965 -2.312  1.00 0.00 ? 64 LYS A CB   1 
ATOM   837 C  CG   . LYS A 1 64 ? -4.726  -16.463 -1.031  1.00 0.00 ? 64 LYS A CG   1 
ATOM   838 C  CD   . LYS A 1 64 ? -3.910  -16.333 0.265   1.00 0.00 ? 64 LYS A CD   1 
ATOM   839 C  CE   . LYS A 1 64 ? -4.694  -16.725 1.523   1.00 0.00 ? 64 LYS A CE   1 
ATOM   840 N  NZ   . LYS A 1 64 ? -3.855  -16.570 2.736   1.00 0.00 ? 64 LYS A NZ   1 
ATOM   841 H  H    . LYS A 1 64 ? -1.804  -14.492 -1.986  1.00 0.00 ? 64 LYS A H    1 
ATOM   842 H  HA   . LYS A 1 64 ? -2.450  -17.372 -1.950  1.00 0.00 ? 64 LYS A HA   1 
ATOM   843 H  HB2  . LYS A 1 64 ? -4.082  -14.857 -2.373  1.00 0.00 ? 64 LYS A HB2  1 
ATOM   844 H  HB3  . LYS A 1 64 ? -4.624  -16.377 -3.155  1.00 0.00 ? 64 LYS A HB3  1 
ATOM   845 H  HG2  . LYS A 1 64 ? -5.687  -15.915 -0.921  1.00 0.00 ? 64 LYS A HG2  1 
ATOM   846 H  HG3  . LYS A 1 64 ? -4.959  -17.541 -1.161  1.00 0.00 ? 64 LYS A HG3  1 
ATOM   847 H  HD2  . LYS A 1 64 ? -3.001  -16.978 0.172   1.00 0.00 ? 64 LYS A HD2  1 
ATOM   848 H  HD3  . LYS A 1 64 ? -3.559  -15.284 0.359   1.00 0.00 ? 64 LYS A HD3  1 
ATOM   849 H  HE2  . LYS A 1 64 ? -5.587  -16.075 1.644   1.00 0.00 ? 64 LYS A HE2  1 
ATOM   850 H  HE3  . LYS A 1 64 ? -5.017  -17.787 1.467   1.00 0.00 ? 64 LYS A HE3  1 
ATOM   851 H  HZ1  . LYS A 1 64 ? -3.553  -15.579 2.823   1.00 0.00 ? 64 LYS A HZ1  1 
ATOM   852 H  HZ2  . LYS A 1 64 ? -4.407  -16.840 3.574   1.00 0.00 ? 64 LYS A HZ2  1 
ATOM   853 H  HZ3  . LYS A 1 64 ? -3.018  -17.182 2.657   1.00 0.00 ? 64 LYS A HZ3  1 
ATOM   854 N  N    . LYS A 1 65 ? -1.633  -15.516 -4.498  1.00 0.00 ? 65 LYS A N    1 
ATOM   855 C  CA   . LYS A 1 65 ? -1.162  -15.592 -5.862  1.00 0.00 ? 65 LYS A CA   1 
ATOM   856 C  C    . LYS A 1 65 ? 0.143   -16.337 -5.871  1.00 0.00 ? 65 LYS A C    1 
ATOM   857 O  O    . LYS A 1 65 ? 0.345   -17.239 -6.686  1.00 0.00 ? 65 LYS A O    1 
ATOM   858 C  CB   . LYS A 1 65 ? -0.933  -14.192 -6.490  1.00 0.00 ? 65 LYS A CB   1 
ATOM   859 C  CG   . LYS A 1 65 ? -0.472  -14.163 -7.957  1.00 0.00 ? 65 LYS A CG   1 
ATOM   860 C  CD   . LYS A 1 65 ? -1.481  -14.742 -8.955  1.00 0.00 ? 65 LYS A CD   1 
ATOM   861 C  CE   . LYS A 1 65 ? -1.007  -14.618 -10.409 1.00 0.00 ? 65 LYS A CE   1 
ATOM   862 N  NZ   . LYS A 1 65 ? -2.008  -15.185 -11.342 1.00 0.00 ? 65 LYS A NZ   1 
ATOM   863 H  H    . LYS A 1 65 ? -1.531  -14.628 -4.056  1.00 0.00 ? 65 LYS A H    1 
ATOM   864 H  HA   . LYS A 1 65 ? -1.891  -16.140 -6.443  1.00 0.00 ? 65 LYS A HA   1 
ATOM   865 H  HB2  . LYS A 1 65 ? -1.888  -13.626 -6.432  1.00 0.00 ? 65 LYS A HB2  1 
ATOM   866 H  HB3  . LYS A 1 65 ? -0.179  -13.636 -5.890  1.00 0.00 ? 65 LYS A HB3  1 
ATOM   867 H  HG2  . LYS A 1 65 ? -0.291  -13.101 -8.231  1.00 0.00 ? 65 LYS A HG2  1 
ATOM   868 H  HG3  . LYS A 1 65 ? 0.491   -14.706 -8.060  1.00 0.00 ? 65 LYS A HG3  1 
ATOM   869 H  HD2  . LYS A 1 65 ? -1.651  -15.814 -8.718  1.00 0.00 ? 65 LYS A HD2  1 
ATOM   870 H  HD3  . LYS A 1 65 ? -2.444  -14.200 -8.833  1.00 0.00 ? 65 LYS A HD3  1 
ATOM   871 H  HE2  . LYS A 1 65 ? -0.855  -13.552 -10.680 1.00 0.00 ? 65 LYS A HE2  1 
ATOM   872 H  HE3  . LYS A 1 65 ? -0.055  -15.173 -10.556 1.00 0.00 ? 65 LYS A HE3  1 
ATOM   873 H  HZ1  . LYS A 1 65 ? -2.157  -16.190 -11.124 1.00 0.00 ? 65 LYS A HZ1  1 
ATOM   874 H  HZ2  . LYS A 1 65 ? -2.907  -14.671 -11.240 1.00 0.00 ? 65 LYS A HZ2  1 
ATOM   875 H  HZ3  . LYS A 1 65 ? -1.664  -15.089 -12.319 1.00 0.00 ? 65 LYS A HZ3  1 
ATOM   876 N  N    . TYR A 1 66 ? 1.051   -15.966 -4.940  1.00 0.00 ? 66 TYR A N    1 
ATOM   877 C  CA   . TYR A 1 66 ? 2.396   -16.477 -4.907  1.00 0.00 ? 66 TYR A CA   1 
ATOM   878 C  C    . TYR A 1 66 ? 2.547   -17.535 -3.848  1.00 0.00 ? 66 TYR A C    1 
ATOM   879 O  O    . TYR A 1 66 ? 3.495   -18.316 -3.936  1.00 0.00 ? 66 TYR A O    1 
ATOM   880 C  CB   . TYR A 1 66 ? 3.459   -15.361 -4.689  1.00 0.00 ? 66 TYR A CB   1 
ATOM   881 C  CG   . TYR A 1 66 ? 3.326   -14.317 -5.777  1.00 0.00 ? 66 TYR A CG   1 
ATOM   882 C  CD1  . TYR A 1 66 ? 3.432   -14.666 -7.139  1.00 0.00 ? 66 TYR A CD1  1 
ATOM   883 C  CD2  . TYR A 1 66 ? 3.052   -12.976 -5.455  1.00 0.00 ? 66 TYR A CD2  1 
ATOM   884 C  CE1  . TYR A 1 66 ? 3.229   -13.711 -8.146  1.00 0.00 ? 66 TYR A CE1  1 
ATOM   885 C  CE2  . TYR A 1 66 ? 2.836   -12.016 -6.453  1.00 0.00 ? 66 TYR A CE2  1 
ATOM   886 C  CZ   . TYR A 1 66 ? 2.917   -12.387 -7.803  1.00 0.00 ? 66 TYR A CZ   1 
ATOM   887 O  OH   . TYR A 1 66 ? 2.693   -11.429 -8.816  1.00 0.00 ? 66 TYR A OH   1 
ATOM   888 H  H    . TYR A 1 66 ? 0.844   -15.263 -4.264  1.00 0.00 ? 66 TYR A H    1 
ATOM   889 H  HA   . TYR A 1 66 ? 2.612   -16.956 -5.852  1.00 0.00 ? 66 TYR A HA   1 
ATOM   890 H  HB2  . TYR A 1 66 ? 3.321   -14.872 -3.700  1.00 0.00 ? 66 TYR A HB2  1 
ATOM   891 H  HB3  . TYR A 1 66 ? 4.490   -15.774 -4.745  1.00 0.00 ? 66 TYR A HB3  1 
ATOM   892 H  HD1  . TYR A 1 66 ? 3.653   -15.683 -7.424  1.00 0.00 ? 66 TYR A HD1  1 
ATOM   893 H  HD2  . TYR A 1 66 ? 2.997   -12.679 -4.422  1.00 0.00 ? 66 TYR A HD2  1 
ATOM   894 H  HE1  . TYR A 1 66 ? 3.302   -14.005 -9.184  1.00 0.00 ? 66 TYR A HE1  1 
ATOM   895 H  HE2  . TYR A 1 66 ? 2.610   -10.996 -6.174  1.00 0.00 ? 66 TYR A HE2  1 
ATOM   896 H  HH   . TYR A 1 66 ? 2.795   -11.867 -9.664  1.00 0.00 ? 66 TYR A HH   1 
ATOM   897 N  N    . GLY A 1 67 ? 1.640   -17.629 -2.830  1.00 0.00 ? 67 GLY A N    1 
ATOM   898 C  CA   . GLY A 1 67 ? 1.757   -18.682 -1.845  1.00 0.00 ? 67 GLY A CA   1 
ATOM   899 C  C    . GLY A 1 67 ? 2.516   -18.169 -0.660  1.00 0.00 ? 67 GLY A C    1 
ATOM   900 O  O    . GLY A 1 67 ? 2.916   -17.007 -0.602  1.00 0.00 ? 67 GLY A O    1 
ATOM   901 H  H    . GLY A 1 67 ? 0.842   -17.032 -2.689  1.00 0.00 ? 67 GLY A H    1 
ATOM   902 H  HA2  . GLY A 1 67 ? 0.753   -18.926 -1.529  1.00 0.00 ? 67 GLY A HA2  1 
ATOM   903 H  HA3  . GLY A 1 67 ? 2.277   -19.535 -2.256  1.00 0.00 ? 67 GLY A HA3  1 
HETATM 904 ZN ZN   . ZN  B 2 .  ? -4.899  8.148   0.804   1.00 0.00 ? 82 ZN  A ZN   1 
HETATM 905 ZN ZN   . ZN  C 2 .  ? -4.926  -7.347  -3.044  1.00 0.00 ? 83 ZN  A ZN   1 
# 
